data_1QH8
#
_entry.id   1QH8
#
_cell.length_a   203.030
_cell.length_b   74.900
_cell.length_c   162.120
_cell.angle_alpha   90.00
_cell.angle_beta   122.80
_cell.angle_gamma   90.00
#
_symmetry.space_group_name_H-M   'C 1 2 1'
#
loop_
_entity.id
_entity.type
_entity.pdbx_description
1 polymer 'PROTEIN (NITROGENASE MOLYBDENUM IRON PROTEIN)'
2 polymer 'PROTEIN (NITROGENASE MOLYBDENUM IRON PROTEIN)'
3 non-polymer 'MAGNESIUM ION'
4 non-polymer '3-HYDROXY-3-CARBOXY-ADIPIC ACID'
5 non-polymer 'FE-MO-S CLUSTER'
6 non-polymer 'FE(8)-S(7) CLUSTER'
7 non-polymer 1,2-ETHANEDIOL
8 non-polymer 'CHLORIDE ION'
9 water water
#
loop_
_entity_poly.entity_id
_entity_poly.type
_entity_poly.pdbx_seq_one_letter_code
_entity_poly.pdbx_strand_id
1 'polypeptide(L)'
;TNATGERNLALIQEVLEVFPETARKERRKHMMVSDPKMKSVGKCIISNRKSQPGVMTVRGCAYAGSKGVVFGPIKDMAHI
SHGPVGCGQYSRAGRRNYYTGVSGVDSFGTLNFTSDFQERDIVFGGDKKLSKLIEEMELLFPLTKGITIQSECPVGLIGD
DISAVANASSKALDKPVIPVRCEGFRGVSQSLGHHIANDVVRDWILNNREGQPFETTPYDVAIIGDYNIGGDAWASRILL
EEMGLRVVAQWSGDGTLVEMENTPFVKLNLVHCYRSMNYIARHMEEKHQIPWMEYNFFGPTKIAESLRKIADQFDDTIRA
NAEAVIARYEGQMAAIIAKYRPRLEGRKVLLYMGGLRPRHVIGAYEDLGMEIIAAGYEFAHNDDYDRTLPDLKEGTLLFD
DASSYELEAFVKALKPDLIGSGIKEKYIFQKMGVPFRQMHSWDYSGPYHGYDGFAIFARDMDMTLNNPAWNELTAPWL
;
A,C
2 'polypeptide(L)'
;SQTIDKINSCYPLFEQDEYQELFRNKRQLEEAHDAQRVQEVFAWTTTAEYEALNFRREALTVDPAKACQPLGAVLCSLGF
ANTLPYVHGSQGCVAYFRTYFNRHFKEPIACVSDSMTEDAAVFGGNNNMNLGLQNASALYKPEIIAVSTTCMAEVIGDDL
QAFIANAKKDGFVDSSIAVPHAHTPSFIGSHVTGWDNMFEGFAKTFTADYQGQPGKLPKLNLVTGFETYLGNFRVLKRMM
EQMAVPCSLLSDPSEVLDTPADGHYRMYSGGTTQQEMKEAPDAIDTLLLQPWQLLKSKKVVQEMWNQPATEVAIPLGLAA
TDELLMTVSQLSGKPIADALTLERGRLVDMMLDSHTWLHGKKFGLYGDPDFVMGLTRFLLELGCEPTVILSHNANKRWQK
AMNKMLDASPYGRDSEVFINCDLWHFRSLMFTRQPDFMIGNSYGKFIQRDTLAKGKAFEVPLIRLGFPLFDRHHLHRQTT
WGYEGAMNIVTTLVNAVLEKLDSDTSQLGKTDYSFDLVR
;
B,D
#
loop_
_chem_comp.id
_chem_comp.type
_chem_comp.name
_chem_comp.formula
CFM non-polymer 'FE-MO-S CLUSTER' 'Fe7 Mo S9'
CL non-polymer 'CHLORIDE ION' 'Cl -1'
CLF non-polymer 'FE(8)-S(7) CLUSTER' 'Fe8 S7'
EDO non-polymer 1,2-ETHANEDIOL 'C2 H6 O2'
HCA non-polymer '3-HYDROXY-3-CARBOXY-ADIPIC ACID' 'C7 H10 O7'
MG non-polymer 'MAGNESIUM ION' 'Mg 2'
#
# COMPACT_ATOMS: atom_id res chain seq x y z
N THR A 1 47.47 -25.57 -22.62
CA THR A 1 46.74 -24.40 -22.00
C THR A 1 47.35 -24.10 -20.66
N ASN A 2 46.94 -23.09 -19.91
CA ASN A 2 47.50 -22.68 -18.64
C ASN A 2 46.82 -23.41 -17.48
N ALA A 3 47.14 -23.08 -16.23
CA ALA A 3 46.53 -23.87 -15.15
C ALA A 3 45.02 -23.65 -15.06
N THR A 4 44.50 -22.50 -15.46
CA THR A 4 43.05 -22.28 -15.53
C THR A 4 42.39 -23.13 -16.60
N GLY A 5 43.02 -23.18 -17.77
CA GLY A 5 42.53 -24.00 -18.88
C GLY A 5 42.47 -25.46 -18.42
N GLU A 6 43.51 -25.95 -17.73
CA GLU A 6 43.47 -27.32 -17.25
C GLU A 6 42.38 -27.57 -16.22
N ARG A 7 42.24 -26.65 -15.26
CA ARG A 7 41.16 -26.81 -14.27
C ARG A 7 39.83 -26.82 -15.02
N ASN A 8 39.62 -25.96 -16.02
CA ASN A 8 38.38 -25.93 -16.77
C ASN A 8 38.09 -27.13 -17.64
N LEU A 9 39.14 -27.74 -18.24
CA LEU A 9 38.98 -28.99 -18.98
C LEU A 9 38.58 -30.12 -18.03
N ALA A 10 39.15 -30.18 -16.84
CA ALA A 10 38.79 -31.18 -15.84
C ALA A 10 37.34 -30.97 -15.35
N LEU A 11 36.98 -29.70 -15.21
CA LEU A 11 35.61 -29.34 -14.82
C LEU A 11 34.62 -29.78 -15.88
N ILE A 12 34.89 -29.60 -17.17
CA ILE A 12 34.02 -30.00 -18.26
C ILE A 12 33.75 -31.50 -18.18
N GLN A 13 34.87 -32.23 -18.01
CA GLN A 13 34.80 -33.67 -17.81
C GLN A 13 33.90 -34.07 -16.65
N GLU A 14 34.09 -33.49 -15.49
CA GLU A 14 33.34 -33.80 -14.27
C GLU A 14 31.87 -33.45 -14.39
N VAL A 15 31.60 -32.29 -15.01
CA VAL A 15 30.19 -31.86 -15.17
C VAL A 15 29.44 -32.78 -16.10
N LEU A 16 30.02 -33.18 -17.23
CA LEU A 16 29.34 -34.00 -18.20
C LEU A 16 29.20 -35.48 -17.90
N GLU A 17 29.79 -35.95 -16.82
CA GLU A 17 29.65 -37.34 -16.40
C GLU A 17 28.22 -37.71 -16.04
N VAL A 18 27.38 -36.72 -15.69
CA VAL A 18 25.97 -36.95 -15.39
C VAL A 18 25.13 -37.37 -16.59
N PHE A 19 25.45 -36.90 -17.79
CA PHE A 19 24.66 -37.17 -18.97
C PHE A 19 24.75 -38.62 -19.45
N PRO A 20 23.63 -39.10 -19.94
CA PRO A 20 23.58 -40.39 -20.61
C PRO A 20 24.66 -40.29 -21.70
N GLU A 21 25.29 -41.45 -21.96
CA GLU A 21 26.50 -41.43 -22.78
C GLU A 21 26.32 -40.73 -24.10
N THR A 22 25.22 -40.92 -24.82
CA THR A 22 25.04 -40.25 -26.10
C THR A 22 25.06 -38.73 -25.97
N ALA A 23 24.22 -38.24 -25.06
CA ALA A 23 24.15 -36.77 -24.86
C ALA A 23 25.48 -36.25 -24.39
N ARG A 24 26.18 -36.98 -23.53
CA ARG A 24 27.48 -36.59 -23.00
C ARG A 24 28.50 -36.29 -24.09
N LYS A 25 28.60 -37.22 -25.05
CA LYS A 25 29.54 -37.08 -26.17
C LYS A 25 29.16 -35.86 -27.00
N GLU A 26 27.86 -35.71 -27.25
CA GLU A 26 27.33 -34.58 -27.99
C GLU A 26 27.58 -33.25 -27.28
N ARG A 27 27.25 -33.21 -25.98
CA ARG A 27 27.49 -32.00 -25.22
C ARG A 27 28.96 -31.62 -25.08
N ARG A 28 29.93 -32.55 -25.24
CA ARG A 28 31.33 -32.22 -25.01
C ARG A 28 31.84 -31.31 -26.12
N LYS A 29 31.16 -31.32 -27.26
CA LYS A 29 31.45 -30.49 -28.42
C LYS A 29 30.90 -29.08 -28.29
N HIS A 30 30.18 -28.82 -27.21
CA HIS A 30 29.65 -27.46 -26.98
C HIS A 30 30.43 -26.66 -25.96
N MET A 31 31.62 -27.10 -25.57
CA MET A 31 32.41 -26.34 -24.63
C MET A 31 33.90 -26.50 -24.94
N MET A 32 34.64 -25.47 -24.57
CA MET A 32 36.07 -25.43 -24.82
C MET A 32 36.73 -24.43 -23.88
N VAL A 33 38.05 -24.37 -23.90
CA VAL A 33 38.84 -23.39 -23.15
C VAL A 33 39.62 -22.55 -24.18
N SER A 34 39.60 -21.24 -23.99
CA SER A 34 40.11 -20.29 -24.96
C SER A 34 41.64 -20.32 -25.03
N ASP A 35 42.14 -19.93 -26.20
CA ASP A 35 43.59 -19.85 -26.44
C ASP A 35 43.84 -18.53 -27.14
N PRO A 36 44.64 -17.62 -26.64
CA PRO A 36 44.76 -16.30 -27.22
C PRO A 36 45.44 -16.29 -28.57
N LYS A 37 46.08 -17.38 -28.97
CA LYS A 37 46.74 -17.60 -30.23
C LYS A 37 45.82 -18.17 -31.30
N MET A 38 44.56 -18.40 -30.97
CA MET A 38 43.55 -18.91 -31.89
C MET A 38 42.68 -17.80 -32.48
N LYS A 39 42.58 -17.76 -33.80
CA LYS A 39 41.84 -16.71 -34.50
C LYS A 39 40.42 -17.20 -34.75
N SER A 40 40.28 -18.52 -34.80
CA SER A 40 38.94 -19.05 -35.12
C SER A 40 38.64 -20.28 -34.30
N VAL A 41 37.36 -20.57 -33.99
CA VAL A 41 37.14 -21.71 -33.11
C VAL A 41 37.38 -23.02 -33.85
N GLY A 42 37.20 -23.01 -35.17
CA GLY A 42 37.51 -24.23 -35.93
C GLY A 42 36.67 -25.39 -35.43
N LYS A 43 37.31 -26.46 -34.98
CA LYS A 43 36.59 -27.63 -34.49
C LYS A 43 36.44 -27.66 -32.98
N CYS A 44 36.94 -26.65 -32.31
CA CYS A 44 36.97 -26.63 -30.86
C CYS A 44 35.58 -26.57 -30.24
N ILE A 45 34.61 -26.01 -30.94
CA ILE A 45 33.24 -25.95 -30.41
C ILE A 45 32.26 -26.08 -31.55
N ILE A 46 31.04 -26.53 -31.29
CA ILE A 46 29.98 -26.53 -32.27
C ILE A 46 28.79 -25.78 -31.63
N SER A 47 27.88 -25.28 -32.43
CA SER A 47 26.75 -24.50 -31.91
C SER A 47 25.64 -24.44 -32.93
N ASN A 48 24.47 -23.88 -32.59
CA ASN A 48 23.32 -23.79 -33.47
C ASN A 48 22.83 -25.17 -33.87
N ARG A 49 22.89 -26.09 -32.91
CA ARG A 49 22.31 -27.43 -33.05
C ARG A 49 21.02 -27.49 -32.24
N LYS A 50 20.22 -28.54 -32.44
CA LYS A 50 19.06 -28.80 -31.61
C LYS A 50 19.45 -28.94 -30.16
N SER A 51 18.55 -28.50 -29.24
CA SER A 51 18.80 -28.63 -27.86
C SER A 51 18.65 -30.10 -27.43
N GLN A 52 19.35 -30.60 -26.44
CA GLN A 52 19.10 -31.97 -25.94
C GLN A 52 17.71 -32.02 -25.31
N PRO A 53 16.86 -32.98 -25.61
CA PRO A 53 15.54 -33.06 -25.02
C PRO A 53 15.60 -33.17 -23.52
N GLY A 54 14.70 -32.49 -22.78
CA GLY A 54 14.63 -32.72 -21.35
C GLY A 54 15.66 -32.16 -20.41
N VAL A 55 16.64 -31.37 -20.86
CA VAL A 55 17.73 -30.90 -20.05
C VAL A 55 17.53 -29.50 -19.49
N MET A 56 16.38 -28.89 -19.76
CA MET A 56 16.17 -27.53 -19.24
C MET A 56 17.11 -26.53 -19.92
N THR A 57 17.00 -26.51 -21.25
CA THR A 57 17.72 -25.47 -22.00
C THR A 57 17.12 -24.09 -21.66
N VAL A 58 17.94 -23.06 -21.71
CA VAL A 58 17.51 -21.68 -21.48
C VAL A 58 16.76 -21.15 -22.69
N ARG A 59 17.01 -21.76 -23.89
CA ARG A 59 16.49 -21.28 -25.11
C ARG A 59 14.97 -21.11 -25.20
N GLY A 60 14.63 -20.15 -26.06
CA GLY A 60 13.27 -19.93 -26.53
C GLY A 60 13.05 -20.45 -27.94
N CYS A 61 12.11 -19.89 -28.67
CA CYS A 61 11.71 -20.38 -29.97
C CYS A 61 11.76 -19.33 -31.06
N ALA A 62 11.47 -19.79 -32.31
CA ALA A 62 11.51 -18.85 -33.43
C ALA A 62 10.51 -17.72 -33.34
N TYR A 63 9.37 -17.93 -32.66
CA TYR A 63 8.40 -16.82 -32.51
C TYR A 63 8.97 -15.78 -31.56
N ALA A 64 9.71 -16.23 -30.53
CA ALA A 64 10.38 -15.26 -29.65
C ALA A 64 11.38 -14.45 -30.50
N GLY A 65 12.09 -15.16 -31.39
CA GLY A 65 13.07 -14.40 -32.19
C GLY A 65 12.49 -13.42 -33.19
N SER A 66 11.36 -13.73 -33.79
CA SER A 66 10.66 -12.92 -34.77
C SER A 66 9.74 -11.87 -34.11
N LYS A 67 8.72 -12.36 -33.40
CA LYS A 67 7.78 -11.42 -32.77
C LYS A 67 8.45 -10.73 -31.57
N GLY A 68 9.00 -11.56 -30.69
CA GLY A 68 9.56 -10.99 -29.45
C GLY A 68 10.74 -10.06 -29.68
N VAL A 69 11.59 -10.38 -30.66
CA VAL A 69 12.86 -9.63 -30.80
C VAL A 69 12.84 -8.65 -31.94
N VAL A 70 12.68 -9.12 -33.18
CA VAL A 70 12.79 -8.23 -34.33
C VAL A 70 11.57 -7.37 -34.62
N PHE A 71 10.35 -7.91 -34.70
CA PHE A 71 9.21 -7.11 -35.10
C PHE A 71 8.44 -6.42 -33.97
N GLY A 72 8.38 -7.08 -32.80
CA GLY A 72 7.65 -6.49 -31.66
C GLY A 72 8.00 -5.07 -31.25
N PRO A 73 9.27 -4.64 -31.37
CA PRO A 73 9.67 -3.30 -31.04
C PRO A 73 9.20 -2.22 -31.99
N ILE A 74 8.80 -2.57 -33.22
CA ILE A 74 8.45 -1.54 -34.21
C ILE A 74 7.15 -0.86 -33.76
N LYS A 75 7.23 0.39 -33.37
CA LYS A 75 6.13 1.00 -32.62
C LYS A 75 4.91 1.41 -33.42
N ASP A 76 5.08 1.69 -34.72
CA ASP A 76 3.97 2.19 -35.53
C ASP A 76 3.23 1.11 -36.27
N MET A 77 3.51 -0.16 -36.01
CA MET A 77 2.81 -1.25 -36.64
C MET A 77 2.11 -2.07 -35.54
N ALA A 78 1.05 -2.73 -35.96
CA ALA A 78 0.40 -3.68 -34.99
C ALA A 78 0.84 -5.08 -35.33
N HIS A 79 1.38 -5.81 -34.34
CA HIS A 79 1.91 -7.15 -34.50
C HIS A 79 0.92 -8.18 -33.94
N ILE A 80 0.41 -9.06 -34.80
CA ILE A 80 -0.59 -10.04 -34.31
C ILE A 80 0.06 -11.35 -33.92
N SER A 81 -0.16 -11.80 -32.66
CA SER A 81 0.27 -13.14 -32.26
C SER A 81 -0.82 -14.10 -32.69
N HIS A 82 -0.54 -14.81 -33.78
CA HIS A 82 -1.59 -15.57 -34.47
C HIS A 82 -1.54 -17.05 -34.20
N GLY A 83 -2.51 -17.49 -33.37
CA GLY A 83 -2.57 -18.82 -32.79
C GLY A 83 -3.30 -18.70 -31.43
N PRO A 84 -3.08 -19.69 -30.56
CA PRO A 84 -3.68 -19.73 -29.25
C PRO A 84 -3.17 -18.56 -28.40
N VAL A 85 -3.76 -18.38 -27.23
CA VAL A 85 -3.49 -17.19 -26.42
C VAL A 85 -2.16 -17.15 -25.70
N GLY A 86 -1.50 -18.27 -25.45
CA GLY A 86 -0.33 -18.23 -24.57
C GLY A 86 0.79 -17.30 -25.01
N CYS A 87 1.36 -17.57 -26.21
CA CYS A 87 2.59 -16.99 -26.71
C CYS A 87 2.54 -15.48 -26.55
N GLY A 88 1.43 -14.86 -26.98
CA GLY A 88 1.36 -13.41 -26.96
C GLY A 88 1.29 -12.89 -25.52
N GLN A 89 0.63 -13.66 -24.63
CA GLN A 89 0.48 -13.21 -23.24
C GLN A 89 1.78 -13.29 -22.51
N TYR A 90 2.52 -14.39 -22.68
CA TYR A 90 3.78 -14.51 -21.95
C TYR A 90 4.78 -13.48 -22.45
N SER A 91 4.71 -13.13 -23.73
CA SER A 91 5.67 -12.16 -24.27
C SER A 91 5.12 -10.74 -24.32
N ARG A 92 3.99 -10.47 -23.63
CA ARG A 92 3.44 -9.14 -23.57
C ARG A 92 4.28 -8.25 -22.63
N ALA A 93 5.01 -7.31 -23.20
CA ALA A 93 5.79 -6.33 -22.40
C ALA A 93 6.83 -6.95 -21.48
N GLY A 94 7.34 -8.10 -21.87
CA GLY A 94 8.44 -8.68 -21.09
C GLY A 94 9.79 -8.08 -21.46
N ARG A 95 9.95 -7.71 -22.71
CA ARG A 95 11.25 -7.18 -23.19
C ARG A 95 11.14 -5.65 -23.21
N ARG A 96 12.12 -4.99 -22.61
CA ARG A 96 12.11 -3.54 -22.38
C ARG A 96 12.64 -2.80 -23.62
N ASN A 97 12.03 -3.09 -24.78
CA ASN A 97 12.40 -2.42 -26.03
C ASN A 97 11.67 -1.08 -26.14
N TYR A 98 12.28 -0.08 -25.50
CA TYR A 98 11.66 1.21 -25.26
C TYR A 98 11.30 1.96 -26.52
N TYR A 99 10.18 2.69 -26.36
CA TYR A 99 9.76 3.54 -27.49
C TYR A 99 8.94 4.69 -26.92
N THR A 100 8.76 5.75 -27.69
CA THR A 100 7.88 6.84 -27.25
C THR A 100 6.65 6.81 -28.17
N GLY A 101 5.51 7.22 -27.65
CA GLY A 101 4.27 7.30 -28.44
C GLY A 101 3.08 7.26 -27.47
N VAL A 102 1.91 7.24 -28.09
CA VAL A 102 0.66 7.18 -27.35
C VAL A 102 0.03 5.80 -27.58
N SER A 103 0.17 4.97 -26.53
CA SER A 103 -0.25 3.58 -26.52
C SER A 103 -1.68 3.33 -26.98
N GLY A 104 -1.81 2.40 -27.93
CA GLY A 104 -3.14 2.03 -28.44
C GLY A 104 -3.65 3.02 -29.48
N VAL A 105 -2.92 4.09 -29.76
CA VAL A 105 -3.36 5.16 -30.66
C VAL A 105 -2.39 5.29 -31.81
N ASP A 106 -1.15 5.69 -31.56
CA ASP A 106 -0.21 5.74 -32.70
C ASP A 106 0.95 4.78 -32.52
N SER A 107 1.00 4.13 -31.32
CA SER A 107 2.05 3.18 -31.04
C SER A 107 1.52 1.98 -30.28
N PHE A 108 1.97 0.77 -30.56
CA PHE A 108 1.15 -0.40 -30.17
C PHE A 108 1.95 -1.47 -29.45
N GLY A 109 3.16 -1.14 -28.97
CA GLY A 109 4.06 -2.22 -28.57
C GLY A 109 3.60 -2.89 -27.28
N THR A 110 2.87 -2.19 -26.43
CA THR A 110 2.48 -2.83 -25.17
C THR A 110 1.11 -3.47 -25.24
N LEU A 111 0.39 -3.38 -26.35
CA LEU A 111 -0.87 -4.08 -26.49
C LEU A 111 -0.55 -5.49 -26.97
N ASN A 112 -1.40 -6.46 -26.59
CA ASN A 112 -1.26 -7.81 -27.12
C ASN A 112 -2.44 -8.09 -28.05
N PHE A 113 -2.14 -8.06 -29.35
CA PHE A 113 -3.16 -8.40 -30.35
C PHE A 113 -3.03 -9.90 -30.64
N THR A 114 -4.14 -10.65 -30.61
CA THR A 114 -4.02 -12.09 -30.84
C THR A 114 -5.29 -12.60 -31.55
N SER A 115 -5.14 -13.71 -32.25
CA SER A 115 -6.36 -14.33 -32.81
C SER A 115 -6.93 -15.39 -31.86
N ASP A 116 -6.35 -15.59 -30.68
CA ASP A 116 -6.90 -16.44 -29.62
C ASP A 116 -7.55 -17.70 -30.15
N PHE A 117 -6.75 -18.54 -30.82
CA PHE A 117 -7.29 -19.75 -31.42
C PHE A 117 -8.03 -20.62 -30.41
N GLN A 118 -9.18 -21.10 -30.88
CA GLN A 118 -10.00 -22.03 -30.12
C GLN A 118 -10.04 -23.34 -30.90
N GLU A 119 -10.68 -24.39 -30.41
CA GLU A 119 -10.60 -25.66 -31.15
C GLU A 119 -11.17 -25.59 -32.56
N ARG A 120 -12.20 -24.81 -32.76
CA ARG A 120 -12.87 -24.55 -34.03
C ARG A 120 -11.85 -24.05 -35.05
N ASP A 121 -10.94 -23.18 -34.59
CA ASP A 121 -9.89 -22.66 -35.49
C ASP A 121 -8.90 -23.71 -35.90
N ILE A 122 -8.52 -24.63 -35.02
CA ILE A 122 -7.65 -25.74 -35.32
C ILE A 122 -8.33 -26.65 -36.37
N VAL A 123 -9.60 -26.96 -36.10
CA VAL A 123 -10.37 -27.86 -36.96
C VAL A 123 -10.68 -27.31 -38.33
N PHE A 124 -11.09 -26.05 -38.49
CA PHE A 124 -11.44 -25.52 -39.78
C PHE A 124 -10.41 -24.58 -40.40
N GLY A 125 -9.36 -24.28 -39.63
CA GLY A 125 -8.34 -23.37 -40.13
C GLY A 125 -8.62 -21.96 -39.63
N GLY A 126 -7.53 -21.17 -39.48
CA GLY A 126 -7.70 -19.81 -39.00
C GLY A 126 -7.61 -18.65 -39.95
N ASP A 127 -7.55 -18.91 -41.28
CA ASP A 127 -7.43 -17.81 -42.23
C ASP A 127 -8.62 -16.89 -42.32
N LYS A 128 -9.85 -17.42 -42.16
CA LYS A 128 -11.02 -16.53 -42.19
C LYS A 128 -11.09 -15.64 -40.93
N LYS A 129 -10.71 -16.27 -39.82
CA LYS A 129 -10.65 -15.53 -38.55
C LYS A 129 -9.57 -14.44 -38.67
N LEU A 130 -8.44 -14.82 -39.28
CA LEU A 130 -7.40 -13.78 -39.44
C LEU A 130 -7.83 -12.62 -40.28
N SER A 131 -8.54 -12.86 -41.40
CA SER A 131 -9.00 -11.77 -42.24
C SER A 131 -10.00 -10.85 -41.56
N LYS A 132 -10.93 -11.45 -40.79
CA LYS A 132 -11.89 -10.66 -40.02
C LYS A 132 -11.20 -9.90 -38.89
N LEU A 133 -10.19 -10.54 -38.29
CA LEU A 133 -9.45 -9.82 -37.21
C LEU A 133 -8.83 -8.57 -37.77
N ILE A 134 -8.23 -8.67 -38.97
CA ILE A 134 -7.55 -7.52 -39.55
C ILE A 134 -8.51 -6.40 -39.86
N GLU A 135 -9.75 -6.73 -40.33
CA GLU A 135 -10.76 -5.70 -40.51
C GLU A 135 -11.13 -4.96 -39.21
N GLU A 136 -11.33 -5.78 -38.16
CA GLU A 136 -11.62 -5.17 -36.85
C GLU A 136 -10.43 -4.35 -36.33
N MET A 137 -9.22 -4.84 -36.54
CA MET A 137 -8.04 -4.06 -36.17
C MET A 137 -8.06 -2.69 -36.80
N GLU A 138 -8.27 -2.66 -38.16
CA GLU A 138 -8.29 -1.37 -38.83
C GLU A 138 -9.38 -0.41 -38.37
N LEU A 139 -10.58 -0.96 -38.09
CA LEU A 139 -11.61 -0.11 -37.48
C LEU A 139 -11.26 0.48 -36.10
N LEU A 140 -10.58 -0.36 -35.32
CA LEU A 140 -10.34 0.13 -33.93
C LEU A 140 -9.01 0.79 -33.71
N PHE A 141 -8.06 0.57 -34.64
CA PHE A 141 -6.68 1.10 -34.57
C PHE A 141 -6.32 1.69 -35.93
N PRO A 142 -6.95 2.78 -36.27
CA PRO A 142 -6.80 3.33 -37.64
C PRO A 142 -5.44 3.91 -37.94
N LEU A 143 -4.66 4.31 -36.93
CA LEU A 143 -3.36 4.95 -37.16
C LEU A 143 -2.17 4.02 -37.25
N THR A 144 -2.38 2.70 -37.32
CA THR A 144 -1.30 1.79 -37.61
C THR A 144 -0.71 2.17 -38.99
N LYS A 145 0.60 2.05 -39.15
CA LYS A 145 1.20 2.23 -40.49
C LYS A 145 1.24 0.94 -41.21
N GLY A 146 1.19 -0.21 -40.54
CA GLY A 146 1.26 -1.50 -41.16
C GLY A 146 0.95 -2.56 -40.10
N ILE A 147 0.73 -3.78 -40.54
CA ILE A 147 0.35 -4.87 -39.62
C ILE A 147 1.24 -6.06 -39.89
N THR A 148 1.74 -6.75 -38.86
CA THR A 148 2.44 -8.01 -39.09
C THR A 148 1.66 -9.15 -38.46
N ILE A 149 1.79 -10.33 -39.04
CA ILE A 149 1.19 -11.57 -38.59
C ILE A 149 2.24 -12.56 -38.13
N GLN A 150 2.38 -12.74 -36.83
CA GLN A 150 3.40 -13.59 -36.24
C GLN A 150 2.86 -14.97 -35.96
N SER A 151 3.21 -15.93 -36.83
CA SER A 151 2.64 -17.27 -36.66
C SER A 151 3.15 -17.99 -35.45
N GLU A 152 2.25 -18.58 -34.64
CA GLU A 152 2.53 -19.51 -33.60
C GLU A 152 2.45 -20.95 -34.11
N CYS A 153 2.86 -21.91 -33.31
CA CYS A 153 2.98 -23.29 -33.72
C CYS A 153 1.85 -23.85 -34.55
N PRO A 154 0.57 -23.80 -34.19
CA PRO A 154 -0.46 -24.43 -34.95
C PRO A 154 -0.66 -23.98 -36.40
N VAL A 155 -0.39 -22.72 -36.74
CA VAL A 155 -0.75 -22.15 -38.02
C VAL A 155 -0.23 -22.94 -39.23
N GLY A 156 1.08 -23.24 -39.25
CA GLY A 156 1.54 -24.02 -40.42
C GLY A 156 1.15 -25.47 -40.31
N LEU A 157 1.07 -26.02 -39.11
CA LEU A 157 0.68 -27.40 -38.91
C LEU A 157 -0.73 -27.72 -39.40
N ILE A 158 -1.67 -26.80 -39.40
CA ILE A 158 -3.04 -27.11 -39.78
C ILE A 158 -3.19 -26.75 -41.27
N GLY A 159 -2.11 -26.32 -41.90
CA GLY A 159 -2.07 -25.93 -43.29
C GLY A 159 -2.62 -24.59 -43.68
N ASP A 160 -2.68 -23.61 -42.78
CA ASP A 160 -3.21 -22.30 -43.12
C ASP A 160 -2.23 -21.59 -44.07
N ASP A 161 -2.76 -20.65 -44.81
CA ASP A 161 -1.99 -19.86 -45.76
C ASP A 161 -2.11 -18.39 -45.42
N ILE A 162 -1.27 -17.94 -44.46
CA ILE A 162 -1.37 -16.52 -44.09
C ILE A 162 -0.81 -15.55 -45.13
N SER A 163 -0.02 -16.03 -46.09
CA SER A 163 0.48 -15.13 -47.13
C SER A 163 -0.65 -14.76 -48.08
N ALA A 164 -1.52 -15.75 -48.36
CA ALA A 164 -2.72 -15.38 -49.16
C ALA A 164 -3.56 -14.36 -48.41
N VAL A 165 -3.79 -14.58 -47.09
CA VAL A 165 -4.56 -13.59 -46.34
C VAL A 165 -3.85 -12.24 -46.33
N ALA A 166 -2.54 -12.20 -46.08
CA ALA A 166 -1.83 -10.92 -46.00
C ALA A 166 -1.93 -10.12 -47.31
N ASN A 167 -1.80 -10.83 -48.42
CA ASN A 167 -1.94 -10.17 -49.73
C ASN A 167 -3.32 -9.58 -49.95
N ALA A 168 -4.34 -10.33 -49.53
CA ALA A 168 -5.71 -9.85 -49.74
C ALA A 168 -6.03 -8.70 -48.81
N SER A 169 -5.60 -8.85 -47.54
CA SER A 169 -5.87 -7.79 -46.56
C SER A 169 -5.08 -6.52 -46.86
N SER A 170 -3.84 -6.65 -47.37
CA SER A 170 -3.05 -5.47 -47.71
C SER A 170 -3.75 -4.65 -48.79
N LYS A 171 -4.27 -5.37 -49.79
CA LYS A 171 -5.10 -4.69 -50.80
C LYS A 171 -6.35 -4.09 -50.20
N ALA A 172 -7.01 -4.86 -49.32
CA ALA A 172 -8.24 -4.36 -48.72
C ALA A 172 -7.98 -3.12 -47.87
N LEU A 173 -6.92 -3.03 -47.10
CA LEU A 173 -6.65 -1.88 -46.26
C LEU A 173 -5.80 -0.81 -46.91
N ASP A 174 -5.07 -1.21 -47.95
CA ASP A 174 -4.13 -0.30 -48.59
C ASP A 174 -3.01 0.11 -47.63
N LYS A 175 -2.52 -0.88 -46.88
CA LYS A 175 -1.41 -0.69 -45.94
C LYS A 175 -0.61 -1.97 -45.98
N PRO A 176 0.67 -1.97 -45.66
CA PRO A 176 1.40 -3.22 -45.63
C PRO A 176 0.86 -4.18 -44.57
N VAL A 177 0.58 -5.40 -44.94
CA VAL A 177 0.13 -6.46 -44.03
C VAL A 177 1.11 -7.60 -44.32
N ILE A 178 1.96 -7.88 -43.33
CA ILE A 178 3.13 -8.73 -43.51
C ILE A 178 3.10 -10.06 -42.82
N PRO A 179 3.05 -11.16 -43.55
CA PRO A 179 2.99 -12.51 -43.01
C PRO A 179 4.31 -13.09 -42.59
N VAL A 180 4.41 -13.64 -41.36
CA VAL A 180 5.65 -14.23 -40.87
C VAL A 180 5.38 -15.66 -40.44
N ARG A 181 6.11 -16.61 -41.06
CA ARG A 181 6.05 -18.02 -40.73
C ARG A 181 7.14 -18.36 -39.74
N CYS A 182 6.92 -17.81 -38.51
CA CYS A 182 7.87 -17.97 -37.42
C CYS A 182 7.28 -18.87 -36.32
N GLU A 183 6.64 -19.95 -36.78
CA GLU A 183 6.16 -20.97 -35.83
C GLU A 183 7.30 -21.48 -34.98
N GLY A 184 7.06 -21.68 -33.65
CA GLY A 184 8.13 -22.01 -32.73
C GLY A 184 8.79 -23.36 -32.93
N PHE A 185 8.13 -24.30 -33.57
CA PHE A 185 8.71 -25.58 -33.93
C PHE A 185 9.82 -25.44 -34.98
N ARG A 186 9.92 -24.33 -35.67
CA ARG A 186 10.97 -24.14 -36.68
C ARG A 186 12.31 -23.80 -36.05
N GLY A 187 13.38 -24.33 -36.64
CA GLY A 187 14.71 -24.01 -36.12
C GLY A 187 14.93 -24.64 -34.76
N VAL A 188 15.84 -24.10 -33.96
CA VAL A 188 16.30 -24.74 -32.75
C VAL A 188 16.28 -23.82 -31.51
N SER A 189 15.92 -22.57 -31.82
CA SER A 189 16.11 -21.50 -30.83
C SER A 189 15.52 -20.20 -31.35
N GLN A 190 15.74 -19.09 -30.62
CA GLN A 190 15.36 -17.78 -31.11
C GLN A 190 15.98 -17.42 -32.46
N SER A 191 17.20 -17.91 -32.70
CA SER A 191 18.00 -17.58 -33.86
C SER A 191 17.27 -17.71 -35.19
N LEU A 192 16.57 -18.84 -35.46
CA LEU A 192 15.89 -18.91 -36.76
C LEU A 192 14.80 -17.89 -36.93
N GLY A 193 14.16 -17.45 -35.82
CA GLY A 193 13.22 -16.34 -35.88
C GLY A 193 13.84 -15.05 -36.45
N HIS A 194 15.05 -14.73 -35.97
CA HIS A 194 15.76 -13.57 -36.50
C HIS A 194 15.88 -13.72 -38.03
N HIS A 195 16.42 -14.89 -38.40
CA HIS A 195 16.71 -15.05 -39.84
C HIS A 195 15.45 -14.95 -40.66
N ILE A 196 14.40 -15.69 -40.27
CA ILE A 196 13.09 -15.59 -40.88
C ILE A 196 12.61 -14.17 -40.97
N ALA A 197 12.72 -13.43 -39.85
CA ALA A 197 12.24 -12.05 -39.84
C ALA A 197 13.04 -11.19 -40.83
N ASN A 198 14.35 -11.37 -40.87
CA ASN A 198 15.15 -10.57 -41.82
C ASN A 198 14.70 -10.90 -43.26
N ASP A 199 14.49 -12.15 -43.60
CA ASP A 199 14.00 -12.45 -44.95
C ASP A 199 12.67 -11.80 -45.26
N VAL A 200 11.73 -11.81 -44.27
CA VAL A 200 10.47 -11.09 -44.44
C VAL A 200 10.68 -9.60 -44.63
N VAL A 201 11.56 -8.94 -43.85
CA VAL A 201 11.76 -7.51 -44.04
C VAL A 201 12.30 -7.28 -45.46
N ARG A 202 13.21 -8.16 -45.89
CA ARG A 202 13.83 -8.07 -47.20
C ARG A 202 12.76 -8.05 -48.32
N ASP A 203 11.74 -8.87 -48.16
CA ASP A 203 10.75 -9.02 -49.25
C ASP A 203 9.55 -8.13 -49.11
N TRP A 204 9.14 -7.83 -47.86
CA TRP A 204 7.89 -7.12 -47.65
C TRP A 204 8.01 -5.69 -47.19
N ILE A 205 9.20 -5.27 -46.71
CA ILE A 205 9.35 -3.88 -46.28
C ILE A 205 10.38 -3.10 -47.08
N LEU A 206 11.57 -3.67 -47.28
CA LEU A 206 12.69 -2.87 -47.72
C LEU A 206 12.55 -2.27 -49.12
N ASN A 207 11.78 -2.90 -49.99
CA ASN A 207 11.64 -2.33 -51.34
C ASN A 207 10.46 -1.39 -51.46
N ASN A 208 9.78 -1.03 -50.35
CA ASN A 208 8.53 -0.29 -50.48
C ASN A 208 8.62 1.12 -51.02
N ARG A 209 9.78 1.76 -50.91
CA ARG A 209 9.99 3.10 -51.42
C ARG A 209 11.13 3.16 -52.47
N GLU A 210 11.33 2.01 -53.10
CA GLU A 210 12.36 1.94 -54.15
C GLU A 210 12.04 2.85 -55.32
N GLY A 211 13.00 3.64 -55.75
CA GLY A 211 12.86 4.57 -56.86
C GLY A 211 12.33 5.92 -56.47
N GLN A 212 12.01 6.11 -55.17
CA GLN A 212 11.40 7.36 -54.78
C GLN A 212 12.48 8.33 -54.34
N PRO A 213 12.18 9.59 -54.51
CA PRO A 213 13.06 10.64 -54.09
C PRO A 213 13.16 10.58 -52.57
N PHE A 214 14.34 10.94 -52.11
CA PHE A 214 14.60 11.00 -50.68
C PHE A 214 15.82 11.92 -50.55
N GLU A 215 15.66 12.93 -49.74
CA GLU A 215 16.69 13.91 -49.51
C GLU A 215 17.77 13.31 -48.57
N THR A 216 18.93 13.15 -49.12
CA THR A 216 20.07 12.59 -48.41
C THR A 216 21.05 13.64 -47.89
N THR A 217 21.93 13.18 -46.99
CA THR A 217 23.13 13.92 -46.62
C THR A 217 24.28 12.96 -46.81
N PRO A 218 25.54 13.46 -46.76
CA PRO A 218 26.68 12.59 -46.90
C PRO A 218 26.96 11.74 -45.67
N TYR A 219 26.25 12.06 -44.58
CA TYR A 219 26.51 11.45 -43.27
C TYR A 219 25.34 10.63 -42.77
N ASP A 220 24.51 10.13 -43.66
CA ASP A 220 23.33 9.34 -43.29
C ASP A 220 23.72 7.93 -42.91
N VAL A 221 23.21 7.51 -41.70
CA VAL A 221 23.49 6.14 -41.30
C VAL A 221 22.21 5.48 -40.73
N ALA A 222 22.29 4.15 -40.60
CA ALA A 222 21.20 3.47 -39.85
C ALA A 222 21.83 2.65 -38.72
N ILE A 223 21.18 2.64 -37.55
CA ILE A 223 21.57 1.76 -36.45
C ILE A 223 20.87 0.43 -36.68
N ILE A 224 21.60 -0.61 -36.96
CA ILE A 224 21.06 -1.92 -37.31
C ILE A 224 21.28 -2.88 -36.15
N GLY A 225 20.20 -3.33 -35.47
CA GLY A 225 20.41 -4.34 -34.42
C GLY A 225 20.58 -3.70 -33.05
N ASP A 226 19.82 -2.65 -32.75
CA ASP A 226 19.84 -2.16 -31.35
C ASP A 226 18.33 -2.07 -30.98
N TYR A 227 17.95 -2.86 -29.97
CA TYR A 227 16.50 -2.91 -29.68
C TYR A 227 16.14 -1.99 -28.52
N ASN A 228 17.03 -1.03 -28.21
CA ASN A 228 16.71 0.04 -27.27
C ASN A 228 16.27 -0.48 -25.91
N ILE A 229 17.01 -1.48 -25.43
CA ILE A 229 16.61 -2.03 -24.08
C ILE A 229 16.89 -0.97 -23.04
N GLY A 230 15.86 -0.51 -22.31
CA GLY A 230 16.02 0.58 -21.34
C GLY A 230 16.56 1.87 -21.97
N GLY A 231 16.34 2.06 -23.27
CA GLY A 231 16.78 3.29 -23.95
C GLY A 231 18.26 3.21 -24.39
N ASP A 232 18.77 2.00 -24.60
CA ASP A 232 20.12 1.81 -25.12
C ASP A 232 20.34 2.47 -26.49
N ALA A 233 19.37 2.37 -27.36
CA ALA A 233 19.59 2.93 -28.71
C ALA A 233 19.55 4.44 -28.69
N TRP A 234 18.74 5.11 -27.85
CA TRP A 234 18.77 6.54 -27.67
C TRP A 234 20.11 7.00 -27.11
N ALA A 235 20.67 6.24 -26.16
CA ALA A 235 21.98 6.53 -25.59
C ALA A 235 23.13 6.28 -26.55
N SER A 236 22.87 5.66 -27.68
CA SER A 236 23.82 5.40 -28.75
C SER A 236 23.63 6.47 -29.83
N ARG A 237 22.37 6.64 -30.23
CA ARG A 237 22.06 7.65 -31.27
C ARG A 237 22.58 9.02 -30.93
N ILE A 238 22.49 9.44 -29.65
CA ILE A 238 22.99 10.75 -29.26
C ILE A 238 24.47 10.92 -29.62
N LEU A 239 25.31 9.92 -29.45
CA LEU A 239 26.72 10.05 -29.77
C LEU A 239 26.93 10.18 -31.28
N LEU A 240 26.23 9.36 -32.03
CA LEU A 240 26.36 9.46 -33.50
C LEU A 240 25.89 10.82 -34.02
N GLU A 241 24.81 11.38 -33.51
CA GLU A 241 24.38 12.72 -33.91
C GLU A 241 25.29 13.81 -33.40
N GLU A 242 25.90 13.60 -32.22
CA GLU A 242 26.90 14.55 -31.73
C GLU A 242 28.15 14.53 -32.62
N MET A 243 28.43 13.40 -33.26
CA MET A 243 29.56 13.29 -34.17
C MET A 243 29.26 13.78 -35.58
N GLY A 244 28.09 14.36 -35.82
CA GLY A 244 27.71 14.96 -37.08
C GLY A 244 27.05 14.01 -38.07
N LEU A 245 26.62 12.84 -37.61
CA LEU A 245 25.90 11.92 -38.48
C LEU A 245 24.40 12.10 -38.31
N ARG A 246 23.65 11.70 -39.34
CA ARG A 246 22.19 11.73 -39.29
C ARG A 246 21.69 10.30 -39.21
N VAL A 247 21.06 9.93 -38.07
CA VAL A 247 20.59 8.54 -37.98
C VAL A 247 19.19 8.46 -38.61
N VAL A 248 19.15 7.99 -39.84
CA VAL A 248 17.92 7.88 -40.62
C VAL A 248 16.98 6.81 -40.13
N ALA A 249 17.56 5.79 -39.50
CA ALA A 249 16.75 4.66 -39.06
C ALA A 249 17.42 3.98 -37.86
N GLN A 250 16.58 3.38 -37.01
CA GLN A 250 17.02 2.56 -35.90
C GLN A 250 16.30 1.23 -35.93
N TRP A 251 16.97 0.12 -36.13
CA TRP A 251 16.31 -1.17 -36.27
C TRP A 251 16.53 -2.04 -35.04
N SER A 252 15.51 -2.40 -34.28
CA SER A 252 14.17 -1.86 -34.40
C SER A 252 13.72 -1.19 -33.10
N GLY A 253 14.64 -0.94 -32.17
CA GLY A 253 14.30 -0.26 -30.92
C GLY A 253 13.81 1.13 -31.13
N ASP A 254 12.60 1.51 -30.71
CA ASP A 254 11.96 2.79 -31.00
C ASP A 254 11.81 2.95 -32.52
N GLY A 255 11.75 1.81 -33.23
CA GLY A 255 11.76 1.89 -34.68
C GLY A 255 10.39 2.00 -35.27
N THR A 256 10.38 2.41 -36.56
CA THR A 256 9.15 2.62 -37.31
C THR A 256 9.26 1.93 -38.68
N LEU A 257 8.11 1.58 -39.22
CA LEU A 257 8.06 1.03 -40.59
C LEU A 257 8.68 2.07 -41.53
N VAL A 258 8.37 3.35 -41.38
CA VAL A 258 8.90 4.39 -42.24
C VAL A 258 10.43 4.39 -42.31
N GLU A 259 11.03 4.40 -41.12
CA GLU A 259 12.50 4.41 -41.06
C GLU A 259 13.07 3.21 -41.81
N MET A 260 12.50 2.02 -41.61
CA MET A 260 12.96 0.81 -42.28
C MET A 260 12.86 0.96 -43.80
N GLU A 261 11.73 1.51 -44.26
CA GLU A 261 11.60 1.75 -45.72
C GLU A 261 12.61 2.76 -46.24
N ASN A 262 13.08 3.66 -45.43
CA ASN A 262 14.06 4.67 -45.84
C ASN A 262 15.48 4.14 -45.65
N THR A 263 15.69 2.92 -45.17
CA THR A 263 17.06 2.48 -44.88
C THR A 263 17.89 2.28 -46.13
N PRO A 264 17.33 1.82 -47.25
CA PRO A 264 18.12 1.67 -48.48
C PRO A 264 18.66 2.97 -48.96
N PHE A 265 18.31 4.15 -48.43
CA PHE A 265 18.89 5.40 -48.92
C PHE A 265 20.09 5.85 -48.11
N VAL A 266 20.50 5.10 -47.06
CA VAL A 266 21.61 5.59 -46.22
C VAL A 266 22.98 5.33 -46.85
N LYS A 267 24.02 5.88 -46.21
CA LYS A 267 25.39 5.71 -46.70
C LYS A 267 26.14 4.59 -46.02
N LEU A 268 25.70 4.23 -44.78
CA LEU A 268 26.45 3.23 -44.03
C LEU A 268 25.56 2.58 -42.96
N ASN A 269 25.56 1.26 -42.96
CA ASN A 269 24.78 0.51 -41.95
C ASN A 269 25.70 0.17 -40.79
N LEU A 270 25.25 0.51 -39.60
CA LEU A 270 26.05 0.29 -38.38
C LEU A 270 25.46 -0.85 -37.59
N VAL A 271 26.08 -2.04 -37.65
CA VAL A 271 25.51 -3.23 -37.03
C VAL A 271 26.00 -3.44 -35.60
N HIS A 272 25.09 -3.39 -34.63
CA HIS A 272 25.46 -3.61 -33.24
C HIS A 272 25.24 -5.10 -32.96
N CYS A 273 23.97 -5.54 -33.01
CA CYS A 273 23.73 -6.97 -32.92
C CYS A 273 23.96 -7.71 -34.24
N TYR A 274 25.17 -8.28 -34.34
CA TYR A 274 25.52 -9.07 -35.55
C TYR A 274 24.64 -10.28 -35.73
N ARG A 275 24.36 -11.04 -34.65
CA ARG A 275 23.59 -12.27 -34.78
C ARG A 275 22.23 -12.06 -35.45
N SER A 276 21.45 -11.10 -34.91
CA SER A 276 20.08 -10.95 -35.34
C SER A 276 19.89 -10.19 -36.64
N MET A 277 20.84 -9.37 -37.05
CA MET A 277 20.57 -8.57 -38.25
C MET A 277 21.74 -8.54 -39.22
N ASN A 278 22.70 -9.46 -39.07
CA ASN A 278 23.76 -9.42 -40.12
C ASN A 278 23.15 -9.75 -41.48
N TYR A 279 22.15 -10.64 -41.52
CA TYR A 279 21.51 -11.07 -42.75
C TYR A 279 21.05 -9.90 -43.60
N ILE A 280 20.34 -8.93 -43.00
CA ILE A 280 19.79 -7.82 -43.78
C ILE A 280 20.89 -6.83 -44.13
N ALA A 281 21.92 -6.71 -43.29
CA ALA A 281 23.06 -5.84 -43.60
C ALA A 281 23.79 -6.38 -44.85
N ARG A 282 24.01 -7.69 -44.89
CA ARG A 282 24.68 -8.29 -46.06
C ARG A 282 23.82 -8.09 -47.30
N HIS A 283 22.49 -8.24 -47.16
CA HIS A 283 21.56 -8.03 -48.25
C HIS A 283 21.63 -6.60 -48.76
N MET A 284 21.67 -5.60 -47.89
CA MET A 284 21.74 -4.22 -48.31
C MET A 284 23.08 -3.90 -49.00
N GLU A 285 24.16 -4.54 -48.57
CA GLU A 285 25.43 -4.35 -49.28
C GLU A 285 25.32 -4.90 -50.69
N GLU A 286 24.78 -6.11 -50.83
CA GLU A 286 24.72 -6.72 -52.16
C GLU A 286 23.71 -6.06 -53.07
N LYS A 287 22.54 -5.70 -52.59
CA LYS A 287 21.54 -5.10 -53.48
C LYS A 287 21.67 -3.61 -53.64
N HIS A 288 22.03 -2.90 -52.57
CA HIS A 288 22.00 -1.44 -52.62
C HIS A 288 23.37 -0.80 -52.52
N GLN A 289 24.42 -1.60 -52.41
CA GLN A 289 25.80 -1.17 -52.33
C GLN A 289 26.08 -0.33 -51.10
N ILE A 290 25.33 -0.58 -50.02
CA ILE A 290 25.56 0.13 -48.76
C ILE A 290 26.51 -0.63 -47.85
N PRO A 291 27.71 -0.09 -47.60
CA PRO A 291 28.65 -0.75 -46.72
C PRO A 291 28.07 -0.92 -45.30
N TRP A 292 28.60 -1.94 -44.62
CA TRP A 292 28.18 -2.09 -43.20
C TRP A 292 29.41 -2.45 -42.37
N MET A 293 29.31 -2.15 -41.07
CA MET A 293 30.41 -2.50 -40.16
C MET A 293 29.80 -2.80 -38.78
N GLU A 294 30.47 -3.71 -38.12
CA GLU A 294 30.07 -4.06 -36.74
C GLU A 294 30.74 -3.11 -35.78
N TYR A 295 30.04 -2.77 -34.68
CA TYR A 295 30.57 -1.84 -33.69
C TYR A 295 30.10 -2.32 -32.31
N ASN A 296 30.55 -1.63 -31.29
CA ASN A 296 30.28 -2.05 -29.89
C ASN A 296 30.26 -0.78 -29.07
N PHE A 297 29.07 -0.52 -28.47
CA PHE A 297 28.95 0.64 -27.61
C PHE A 297 28.85 0.31 -26.12
N PHE A 298 29.54 -0.73 -25.68
CA PHE A 298 29.61 -1.09 -24.26
C PHE A 298 30.96 -0.63 -23.67
N GLY A 299 30.95 0.43 -22.90
CA GLY A 299 32.13 0.84 -22.12
C GLY A 299 33.05 1.75 -22.95
N PRO A 300 33.88 2.52 -22.25
CA PRO A 300 34.68 3.55 -22.90
C PRO A 300 35.68 3.03 -23.90
N THR A 301 36.28 1.88 -23.64
CA THR A 301 37.28 1.41 -24.64
C THR A 301 36.59 1.12 -25.96
N LYS A 302 35.52 0.34 -25.88
CA LYS A 302 34.81 0.01 -27.13
C LYS A 302 34.15 1.20 -27.77
N ILE A 303 33.59 2.13 -27.00
CA ILE A 303 32.92 3.27 -27.58
C ILE A 303 33.91 4.12 -28.40
N ALA A 304 35.06 4.42 -27.78
CA ALA A 304 36.06 5.22 -28.51
C ALA A 304 36.51 4.52 -29.78
N GLU A 305 36.75 3.21 -29.69
CA GLU A 305 37.16 2.45 -30.87
C GLU A 305 36.09 2.51 -31.96
N SER A 306 34.83 2.33 -31.57
CA SER A 306 33.71 2.39 -32.50
C SER A 306 33.54 3.77 -33.09
N LEU A 307 33.55 4.82 -32.27
CA LEU A 307 33.38 6.17 -32.81
C LEU A 307 34.49 6.48 -33.82
N ARG A 308 35.72 6.12 -33.44
CA ARG A 308 36.82 6.36 -34.42
C ARG A 308 36.66 5.56 -35.69
N LYS A 309 36.27 4.30 -35.65
CA LYS A 309 36.15 3.49 -36.86
C LYS A 309 34.98 3.95 -37.70
N ILE A 310 33.84 4.26 -37.06
CA ILE A 310 32.70 4.77 -37.82
C ILE A 310 33.10 6.07 -38.52
N ALA A 311 33.71 7.01 -37.80
CA ALA A 311 34.12 8.30 -38.37
C ALA A 311 35.14 8.10 -39.48
N ASP A 312 35.95 7.06 -39.47
CA ASP A 312 36.96 6.79 -40.49
C ASP A 312 36.33 6.39 -41.81
N GLN A 313 35.03 6.05 -41.83
CA GLN A 313 34.35 5.69 -43.08
C GLN A 313 33.93 6.94 -43.83
N PHE A 314 34.03 8.13 -43.25
CA PHE A 314 33.52 9.35 -43.87
C PHE A 314 34.67 10.24 -44.35
N ASP A 315 34.97 11.28 -43.61
CA ASP A 315 36.03 12.23 -43.98
C ASP A 315 36.62 12.87 -42.75
N ASP A 316 37.58 13.78 -42.96
CA ASP A 316 38.28 14.41 -41.87
C ASP A 316 37.37 15.20 -40.95
N THR A 317 36.27 15.79 -41.43
CA THR A 317 35.40 16.52 -40.55
C THR A 317 34.78 15.56 -39.49
N ILE A 318 34.33 14.40 -39.95
CA ILE A 318 33.69 13.45 -38.99
C ILE A 318 34.79 12.83 -38.12
N ARG A 319 36.02 12.68 -38.67
CA ARG A 319 37.11 12.16 -37.88
C ARG A 319 37.43 13.10 -36.73
N ALA A 320 37.45 14.42 -36.99
CA ALA A 320 37.71 15.41 -35.97
C ALA A 320 36.55 15.41 -34.96
N ASN A 321 35.34 15.21 -35.51
CA ASN A 321 34.16 15.22 -34.63
C ASN A 321 34.25 14.03 -33.68
N ALA A 322 34.73 12.89 -34.13
CA ALA A 322 34.88 11.75 -33.20
C ALA A 322 35.81 12.10 -32.05
N GLU A 323 36.96 12.74 -32.36
CA GLU A 323 37.86 13.12 -31.28
C GLU A 323 37.22 14.11 -30.32
N ALA A 324 36.42 15.07 -30.81
CA ALA A 324 35.72 16.04 -30.02
C ALA A 324 34.68 15.36 -29.10
N VAL A 325 33.98 14.36 -29.65
CA VAL A 325 32.97 13.69 -28.82
C VAL A 325 33.68 12.91 -27.71
N ILE A 326 34.73 12.18 -28.05
CA ILE A 326 35.48 11.44 -27.04
C ILE A 326 36.05 12.39 -25.99
N ALA A 327 36.64 13.50 -26.37
CA ALA A 327 37.13 14.48 -25.42
C ALA A 327 36.02 15.04 -24.55
N ARG A 328 34.83 15.30 -25.10
CA ARG A 328 33.71 15.85 -24.36
C ARG A 328 33.29 14.94 -23.20
N TYR A 329 33.34 13.63 -23.40
CA TYR A 329 32.90 12.72 -22.33
C TYR A 329 34.01 12.15 -21.48
N GLU A 330 35.26 12.56 -21.74
CA GLU A 330 36.39 11.96 -21.02
C GLU A 330 36.31 12.26 -19.54
N GLY A 331 35.90 13.45 -19.12
CA GLY A 331 35.82 13.72 -17.68
C GLY A 331 34.77 12.84 -17.02
N GLN A 332 33.65 12.63 -17.68
CA GLN A 332 32.59 11.73 -17.14
C GLN A 332 33.14 10.33 -17.01
N MET A 333 33.84 9.86 -18.04
CA MET A 333 34.41 8.51 -17.99
C MET A 333 35.44 8.43 -16.87
N ALA A 334 36.36 9.40 -16.74
CA ALA A 334 37.35 9.33 -15.65
C ALA A 334 36.70 9.28 -14.28
N ALA A 335 35.62 10.04 -14.07
CA ALA A 335 34.96 10.04 -12.76
C ALA A 335 34.32 8.70 -12.45
N ILE A 336 33.75 8.05 -13.49
CA ILE A 336 33.12 6.74 -13.30
C ILE A 336 34.15 5.65 -12.96
N ILE A 337 35.28 5.69 -13.68
CA ILE A 337 36.35 4.75 -13.35
C ILE A 337 36.88 5.04 -11.96
N ALA A 338 37.06 6.31 -11.59
CA ALA A 338 37.63 6.60 -10.28
C ALA A 338 36.70 6.19 -9.11
N LYS A 339 35.37 6.33 -9.33
CA LYS A 339 34.48 5.92 -8.24
C LYS A 339 34.24 4.45 -8.16
N TYR A 340 34.05 3.76 -9.29
CA TYR A 340 33.62 2.38 -9.25
C TYR A 340 34.66 1.33 -9.51
N ARG A 341 35.73 1.66 -10.31
CA ARG A 341 36.71 0.60 -10.52
C ARG A 341 37.34 0.11 -9.24
N PRO A 342 37.65 0.92 -8.26
CA PRO A 342 38.26 0.38 -7.02
C PRO A 342 37.30 -0.54 -6.29
N ARG A 343 35.98 -0.37 -6.54
CA ARG A 343 35.00 -1.22 -5.84
C ARG A 343 34.71 -2.53 -6.55
N LEU A 344 35.21 -2.71 -7.77
CA LEU A 344 34.94 -3.86 -8.59
C LEU A 344 36.16 -4.63 -9.09
N GLU A 345 37.30 -3.94 -9.10
CA GLU A 345 38.43 -4.60 -9.76
C GLU A 345 38.92 -5.85 -9.05
N GLY A 346 39.32 -6.80 -9.88
CA GLY A 346 39.79 -8.10 -9.41
C GLY A 346 38.68 -9.14 -9.36
N ARG A 347 37.41 -8.72 -9.36
CA ARG A 347 36.30 -9.65 -9.17
C ARG A 347 36.01 -10.40 -10.45
N LYS A 348 35.54 -11.62 -10.38
CA LYS A 348 35.34 -12.53 -11.47
C LYS A 348 33.88 -12.70 -11.86
N VAL A 349 33.70 -12.69 -13.19
CA VAL A 349 32.34 -12.75 -13.73
C VAL A 349 32.07 -13.95 -14.61
N LEU A 350 30.86 -14.50 -14.55
CA LEU A 350 30.37 -15.50 -15.46
C LEU A 350 29.18 -14.91 -16.23
N LEU A 351 29.23 -15.00 -17.53
CA LEU A 351 28.16 -14.46 -18.39
C LEU A 351 27.44 -15.57 -19.13
N TYR A 352 26.10 -15.49 -19.22
CA TYR A 352 25.36 -16.40 -20.08
C TYR A 352 24.12 -15.68 -20.61
N MET A 353 24.08 -15.35 -21.90
CA MET A 353 22.95 -14.62 -22.47
C MET A 353 22.71 -15.22 -23.86
N GLY A 354 22.10 -14.54 -24.80
CA GLY A 354 21.57 -15.16 -25.99
C GLY A 354 22.58 -15.27 -27.14
N GLY A 355 22.84 -14.16 -27.80
CA GLY A 355 23.62 -14.23 -29.07
C GLY A 355 24.56 -13.09 -29.31
N LEU A 356 24.71 -12.14 -28.39
CA LEU A 356 25.62 -11.03 -28.61
C LEU A 356 26.32 -10.58 -27.35
N ARG A 357 25.48 -10.27 -26.33
CA ARG A 357 26.03 -9.71 -25.11
C ARG A 357 27.07 -10.50 -24.38
N PRO A 358 27.10 -11.82 -24.39
CA PRO A 358 28.13 -12.59 -23.70
C PRO A 358 29.54 -12.22 -24.12
N ARG A 359 29.76 -11.78 -25.36
CA ARG A 359 31.09 -11.24 -25.71
C ARG A 359 31.09 -9.72 -25.66
N HIS A 360 29.94 -9.14 -26.02
CA HIS A 360 29.93 -7.70 -26.31
C HIS A 360 30.18 -6.83 -25.09
N VAL A 361 29.77 -7.30 -23.90
CA VAL A 361 29.91 -6.51 -22.67
C VAL A 361 31.26 -6.72 -21.97
N ILE A 362 32.09 -7.61 -22.50
CA ILE A 362 33.37 -7.91 -21.84
C ILE A 362 34.26 -6.70 -21.71
N GLY A 363 34.40 -5.87 -22.73
CA GLY A 363 35.20 -4.66 -22.60
C GLY A 363 34.80 -3.77 -21.45
N ALA A 364 33.48 -3.55 -21.29
CA ALA A 364 33.00 -2.70 -20.21
C ALA A 364 33.33 -3.28 -18.84
N TYR A 365 33.25 -4.61 -18.68
CA TYR A 365 33.66 -5.22 -17.40
C TYR A 365 35.16 -5.04 -17.22
N GLU A 366 35.92 -5.23 -18.32
CA GLU A 366 37.38 -5.04 -18.18
C GLU A 366 37.77 -3.62 -17.89
N ASP A 367 37.02 -2.61 -18.37
CA ASP A 367 37.25 -1.22 -18.04
C ASP A 367 37.07 -0.96 -16.54
N LEU A 368 36.23 -1.81 -15.88
CA LEU A 368 36.03 -1.69 -14.46
C LEU A 368 36.90 -2.70 -13.71
N GLY A 369 37.93 -3.22 -14.39
CA GLY A 369 38.88 -4.08 -13.66
C GLY A 369 38.45 -5.50 -13.42
N MET A 370 37.31 -5.95 -13.96
CA MET A 370 36.73 -7.25 -13.68
C MET A 370 37.22 -8.24 -14.71
N GLU A 371 37.15 -9.50 -14.37
CA GLU A 371 37.64 -10.53 -15.28
C GLU A 371 36.57 -11.53 -15.61
N ILE A 372 36.43 -11.92 -16.86
CA ILE A 372 35.45 -12.89 -17.27
C ILE A 372 36.09 -14.29 -17.15
N ILE A 373 35.57 -15.11 -16.27
CA ILE A 373 36.09 -16.48 -16.15
C ILE A 373 35.33 -17.53 -16.93
N ALA A 374 34.16 -17.21 -17.48
CA ALA A 374 33.39 -18.10 -18.30
C ALA A 374 32.33 -17.28 -19.04
N ALA A 375 32.05 -17.66 -20.25
CA ALA A 375 31.10 -16.96 -21.11
C ALA A 375 30.40 -17.98 -21.99
N GLY A 376 29.09 -17.88 -22.08
CA GLY A 376 28.34 -18.81 -22.90
C GLY A 376 27.19 -18.10 -23.58
N TYR A 377 26.65 -18.78 -24.57
CA TYR A 377 25.48 -18.28 -25.27
C TYR A 377 24.39 -19.34 -25.34
N GLU A 378 23.14 -18.88 -25.33
CA GLU A 378 22.02 -19.75 -25.57
C GLU A 378 22.03 -20.29 -27.01
N PHE A 379 22.17 -19.40 -27.98
CA PHE A 379 21.85 -19.79 -29.37
C PHE A 379 22.77 -19.20 -30.43
N ALA A 380 23.94 -18.75 -30.03
CA ALA A 380 24.91 -18.19 -30.98
C ALA A 380 25.42 -19.22 -31.98
N HIS A 381 25.99 -18.69 -33.07
CA HIS A 381 26.54 -19.59 -34.12
C HIS A 381 28.05 -19.51 -34.04
N ASN A 382 28.74 -20.40 -34.80
CA ASN A 382 30.22 -20.41 -34.63
C ASN A 382 30.88 -19.12 -35.02
N ASP A 383 30.33 -18.30 -35.88
CA ASP A 383 30.91 -16.99 -36.19
C ASP A 383 30.78 -16.03 -35.02
N ASP A 384 29.85 -16.30 -34.08
CA ASP A 384 29.85 -15.52 -32.84
C ASP A 384 30.94 -16.01 -31.88
N TYR A 385 31.15 -17.35 -31.86
CA TYR A 385 32.22 -17.88 -31.01
C TYR A 385 33.55 -17.32 -31.53
N ASP A 386 33.74 -17.33 -32.87
CA ASP A 386 34.96 -16.77 -33.42
C ASP A 386 35.17 -15.35 -32.93
N ARG A 387 34.10 -14.53 -32.99
CA ARG A 387 34.21 -13.14 -32.56
C ARG A 387 34.43 -12.93 -31.07
N THR A 388 34.23 -13.97 -30.26
CA THR A 388 34.43 -13.90 -28.82
C THR A 388 35.87 -14.09 -28.39
N LEU A 389 36.60 -14.89 -29.18
CA LEU A 389 37.99 -15.21 -28.88
C LEU A 389 38.97 -14.09 -28.63
N PRO A 390 38.95 -12.95 -29.30
CA PRO A 390 39.84 -11.84 -29.01
C PRO A 390 39.66 -11.19 -27.67
N ASP A 391 38.49 -11.39 -27.01
CA ASP A 391 38.28 -10.73 -25.74
C ASP A 391 38.28 -11.67 -24.56
N LEU A 392 38.83 -12.87 -24.74
CA LEU A 392 38.98 -13.78 -23.61
C LEU A 392 40.43 -13.97 -23.17
N LYS A 393 40.61 -14.11 -21.87
CA LYS A 393 41.94 -14.41 -21.34
C LYS A 393 42.15 -15.91 -21.50
N GLU A 394 43.40 -16.36 -21.63
CA GLU A 394 43.70 -17.74 -21.92
C GLU A 394 43.07 -18.68 -20.89
N GLY A 395 42.48 -19.76 -21.33
CA GLY A 395 41.95 -20.78 -20.44
C GLY A 395 40.50 -20.50 -20.00
N THR A 396 39.93 -19.40 -20.49
CA THR A 396 38.52 -19.15 -20.13
C THR A 396 37.58 -20.21 -20.67
N LEU A 397 36.58 -20.59 -19.84
CA LEU A 397 35.56 -21.53 -20.26
C LEU A 397 34.58 -20.89 -21.22
N LEU A 398 34.43 -21.48 -22.41
CA LEU A 398 33.54 -20.91 -23.44
C LEU A 398 32.55 -21.94 -23.88
N PHE A 399 31.22 -21.67 -23.79
CA PHE A 399 30.29 -22.79 -23.95
C PHE A 399 28.97 -22.41 -24.56
N ASP A 400 28.23 -23.43 -24.96
CA ASP A 400 27.06 -23.18 -25.80
C ASP A 400 25.83 -23.97 -25.41
N ASP A 401 24.69 -23.31 -25.36
CA ASP A 401 23.40 -23.93 -25.09
C ASP A 401 23.51 -24.85 -23.87
N ALA A 402 23.82 -24.22 -22.75
CA ALA A 402 23.92 -24.93 -21.48
C ALA A 402 22.56 -25.27 -20.90
N SER A 403 22.50 -26.44 -20.27
CA SER A 403 21.35 -26.82 -19.47
C SER A 403 21.44 -26.09 -18.14
N SER A 404 20.31 -26.09 -17.39
CA SER A 404 20.38 -25.52 -16.05
C SER A 404 21.36 -26.28 -15.16
N TYR A 405 21.40 -27.64 -15.29
CA TYR A 405 22.39 -28.45 -14.59
C TYR A 405 23.82 -28.00 -14.83
N GLU A 406 24.14 -27.82 -16.11
CA GLU A 406 25.49 -27.39 -16.46
C GLU A 406 25.79 -26.00 -15.96
N LEU A 407 24.86 -25.03 -16.11
CA LEU A 407 25.15 -23.70 -15.54
C LEU A 407 25.37 -23.73 -14.05
N GLU A 408 24.53 -24.50 -13.32
CA GLU A 408 24.66 -24.60 -11.88
C GLU A 408 25.99 -25.24 -11.47
N ALA A 409 26.33 -26.30 -12.21
CA ALA A 409 27.61 -26.95 -11.91
C ALA A 409 28.80 -26.04 -12.21
N PHE A 410 28.79 -25.29 -13.30
CA PHE A 410 29.87 -24.35 -13.60
C PHE A 410 30.00 -23.27 -12.53
N VAL A 411 28.84 -22.74 -12.12
CA VAL A 411 28.81 -21.75 -11.07
C VAL A 411 29.36 -22.29 -9.76
N LYS A 412 28.93 -23.48 -9.34
CA LYS A 412 29.39 -24.05 -8.10
C LYS A 412 30.92 -24.27 -8.07
N ALA A 413 31.45 -24.71 -9.20
CA ALA A 413 32.88 -25.01 -9.29
C ALA A 413 33.73 -23.78 -9.51
N LEU A 414 33.31 -22.87 -10.39
CA LEU A 414 34.11 -21.70 -10.71
C LEU A 414 34.05 -20.60 -9.67
N LYS A 415 32.93 -20.53 -8.91
CA LYS A 415 32.68 -19.54 -7.89
C LYS A 415 32.91 -18.11 -8.35
N PRO A 416 32.18 -17.71 -9.39
CA PRO A 416 32.29 -16.32 -9.85
C PRO A 416 31.84 -15.39 -8.75
N ASP A 417 32.33 -14.17 -8.69
CA ASP A 417 31.89 -13.15 -7.77
C ASP A 417 30.57 -12.51 -8.21
N LEU A 418 30.31 -12.61 -9.50
CA LEU A 418 29.11 -11.97 -10.09
C LEU A 418 28.69 -12.75 -11.32
N ILE A 419 27.42 -12.93 -11.55
CA ILE A 419 26.87 -13.58 -12.73
C ILE A 419 25.97 -12.58 -13.46
N GLY A 420 26.13 -12.60 -14.80
CA GLY A 420 25.19 -11.82 -15.65
C GLY A 420 24.46 -12.82 -16.53
N SER A 421 23.14 -12.92 -16.45
CA SER A 421 22.34 -13.86 -17.23
C SER A 421 20.89 -13.40 -17.27
N GLY A 422 19.92 -14.26 -17.31
CA GLY A 422 18.53 -13.92 -17.52
C GLY A 422 17.62 -14.19 -16.31
N ILE A 423 16.32 -13.95 -16.60
CA ILE A 423 15.33 -14.04 -15.51
C ILE A 423 15.15 -15.44 -15.01
N LYS A 424 15.32 -16.45 -15.87
CA LYS A 424 15.17 -17.82 -15.37
C LYS A 424 16.36 -18.24 -14.54
N GLU A 425 17.49 -17.56 -14.67
CA GLU A 425 18.69 -17.89 -13.92
C GLU A 425 18.83 -17.10 -12.63
N LYS A 426 18.22 -15.90 -12.59
CA LYS A 426 18.42 -14.95 -11.51
C LYS A 426 18.19 -15.53 -10.12
N TYR A 427 17.00 -16.06 -9.89
CA TYR A 427 16.62 -16.45 -8.51
C TYR A 427 17.28 -17.74 -8.05
N ILE A 428 17.77 -18.56 -9.00
CA ILE A 428 18.56 -19.72 -8.58
C ILE A 428 19.88 -19.25 -8.03
N PHE A 429 20.61 -18.40 -8.80
CA PHE A 429 21.96 -18.06 -8.37
C PHE A 429 21.96 -17.18 -7.15
N GLN A 430 20.93 -16.30 -7.00
CA GLN A 430 20.87 -15.50 -5.78
C GLN A 430 20.76 -16.41 -4.53
N LYS A 431 19.98 -17.48 -4.66
CA LYS A 431 19.84 -18.39 -3.50
C LYS A 431 21.16 -19.11 -3.21
N MET A 432 21.99 -19.30 -4.23
CA MET A 432 23.34 -19.84 -4.06
C MET A 432 24.34 -18.84 -3.51
N GLY A 433 23.98 -17.57 -3.29
CA GLY A 433 24.78 -16.56 -2.66
C GLY A 433 25.68 -15.84 -3.66
N VAL A 434 25.28 -15.89 -4.93
CA VAL A 434 26.11 -15.19 -5.94
C VAL A 434 25.39 -13.96 -6.47
N PRO A 435 26.01 -12.80 -6.28
CA PRO A 435 25.45 -11.56 -6.83
C PRO A 435 25.08 -11.77 -8.29
N PHE A 436 23.91 -11.26 -8.69
CA PHE A 436 23.42 -11.56 -10.03
C PHE A 436 22.82 -10.32 -10.66
N ARG A 437 23.25 -10.06 -11.91
CA ARG A 437 22.57 -8.95 -12.63
C ARG A 437 21.94 -9.50 -13.89
N GLN A 438 20.66 -9.15 -14.13
CA GLN A 438 20.03 -9.53 -15.37
C GLN A 438 20.65 -8.74 -16.53
N MET A 439 21.23 -9.50 -17.47
CA MET A 439 21.94 -8.86 -18.60
C MET A 439 21.14 -8.96 -19.87
N HIS A 440 19.84 -9.24 -19.75
CA HIS A 440 18.93 -9.04 -20.86
C HIS A 440 18.10 -7.78 -20.54
N SER A 441 17.35 -7.80 -19.42
CA SER A 441 16.48 -6.68 -19.06
C SER A 441 17.16 -5.55 -18.35
N TRP A 442 18.47 -5.72 -18.04
CA TRP A 442 19.25 -4.80 -17.24
C TRP A 442 18.71 -4.70 -15.82
N ASP A 443 17.99 -5.73 -15.41
CA ASP A 443 17.42 -5.74 -14.06
C ASP A 443 16.67 -4.45 -13.79
N TYR A 444 15.86 -4.09 -14.85
CA TYR A 444 14.92 -2.94 -14.76
C TYR A 444 15.62 -1.60 -14.63
N SER A 445 16.88 -1.55 -15.09
CA SER A 445 17.73 -0.34 -15.08
C SER A 445 18.14 -0.01 -16.53
N GLY A 446 19.40 0.37 -16.73
CA GLY A 446 19.82 0.79 -18.09
C GLY A 446 19.41 2.23 -18.34
N PRO A 447 19.84 2.75 -19.49
CA PRO A 447 20.56 2.02 -20.50
C PRO A 447 22.00 1.65 -20.13
N TYR A 448 22.57 0.65 -20.80
CA TYR A 448 23.99 0.35 -20.62
C TYR A 448 24.80 0.76 -21.87
N HIS A 449 24.17 0.96 -23.00
CA HIS A 449 24.97 1.41 -24.16
C HIS A 449 25.43 2.84 -23.94
N GLY A 450 26.54 3.18 -24.67
CA GLY A 450 26.89 4.61 -24.70
C GLY A 450 27.56 5.13 -23.45
N TYR A 451 27.93 6.42 -23.52
CA TYR A 451 28.62 7.04 -22.40
C TYR A 451 27.69 7.20 -21.19
N ASP A 452 26.44 7.61 -21.46
CA ASP A 452 25.50 7.72 -20.35
C ASP A 452 25.15 6.36 -19.79
N GLY A 453 25.18 5.31 -20.62
CA GLY A 453 24.89 3.94 -20.16
C GLY A 453 26.07 3.40 -19.34
N PHE A 454 27.32 3.78 -19.68
CA PHE A 454 28.41 3.23 -18.84
C PHE A 454 28.33 3.64 -17.38
N ALA A 455 27.85 4.85 -17.08
CA ALA A 455 27.67 5.27 -15.70
C ALA A 455 26.70 4.34 -14.98
N ILE A 456 25.58 4.04 -15.65
CA ILE A 456 24.53 3.22 -15.05
C ILE A 456 25.02 1.80 -14.86
N PHE A 457 25.72 1.26 -15.87
CA PHE A 457 26.30 -0.07 -15.74
C PHE A 457 27.27 -0.18 -14.57
N ALA A 458 28.14 0.80 -14.37
CA ALA A 458 29.09 0.77 -13.25
C ALA A 458 28.37 0.85 -11.90
N ARG A 459 27.45 1.81 -11.81
CA ARG A 459 26.59 1.94 -10.63
C ARG A 459 25.95 0.61 -10.30
N ASP A 460 25.34 -0.06 -11.30
CA ASP A 460 24.61 -1.30 -11.10
C ASP A 460 25.49 -2.50 -10.71
N MET A 461 26.67 -2.62 -11.35
CA MET A 461 27.53 -3.75 -10.91
C MET A 461 28.01 -3.54 -9.47
N ASP A 462 28.33 -2.34 -9.07
CA ASP A 462 28.75 -2.08 -7.70
C ASP A 462 27.60 -2.32 -6.71
N MET A 463 26.40 -1.85 -7.10
CA MET A 463 25.27 -1.92 -6.18
C MET A 463 25.07 -3.36 -5.78
N THR A 464 25.11 -4.24 -6.77
CA THR A 464 24.78 -5.65 -6.56
C THR A 464 25.93 -6.47 -6.04
N LEU A 465 27.13 -6.27 -6.65
CA LEU A 465 28.27 -7.06 -6.11
C LEU A 465 28.54 -6.76 -4.64
N ASN A 466 28.46 -5.49 -4.27
CA ASN A 466 28.86 -5.07 -2.92
C ASN A 466 27.68 -4.91 -1.98
N ASN A 467 26.49 -5.38 -2.35
CA ASN A 467 25.36 -5.15 -1.45
C ASN A 467 25.64 -5.84 -0.12
N PRO A 468 25.24 -5.26 0.99
CA PRO A 468 25.51 -5.83 2.30
C PRO A 468 24.80 -7.13 2.56
N ALA A 469 23.68 -7.39 1.87
CA ALA A 469 22.94 -8.61 2.15
C ALA A 469 23.67 -9.87 1.74
N TRP A 470 24.67 -9.83 0.85
CA TRP A 470 25.37 -11.07 0.47
C TRP A 470 26.20 -11.65 1.60
N ASN A 471 26.44 -10.85 2.62
CA ASN A 471 27.16 -11.35 3.81
C ASN A 471 26.21 -12.00 4.81
N GLU A 472 24.94 -12.16 4.47
CA GLU A 472 23.96 -12.64 5.44
C GLU A 472 23.25 -13.90 5.05
N LEU A 473 23.69 -14.65 4.04
CA LEU A 473 23.02 -15.87 3.67
C LEU A 473 23.17 -16.95 4.73
N THR A 474 24.31 -16.99 5.40
CA THR A 474 24.43 -18.00 6.47
C THR A 474 23.99 -17.35 7.78
N ALA A 475 23.09 -18.05 8.49
CA ALA A 475 22.69 -17.49 9.80
C ALA A 475 23.95 -17.39 10.64
N PRO A 476 24.05 -16.43 11.54
CA PRO A 476 25.28 -16.21 12.30
C PRO A 476 25.54 -17.34 13.28
N TRP A 477 24.58 -18.17 13.65
CA TRP A 477 24.79 -19.32 14.52
C TRP A 477 25.22 -20.56 13.76
N LEU A 478 25.29 -20.45 12.43
CA LEU A 478 25.76 -21.53 11.58
C LEU A 478 27.13 -21.19 11.00
N SER B 1 24.08 13.34 -21.03
CA SER B 1 25.22 13.38 -20.08
C SER B 1 24.78 12.89 -18.70
N GLN B 2 25.76 12.60 -17.85
CA GLN B 2 25.55 12.13 -16.49
C GLN B 2 26.50 12.84 -15.53
N THR B 3 26.04 13.07 -14.32
CA THR B 3 26.94 13.63 -13.31
C THR B 3 27.36 12.44 -12.44
N ILE B 4 28.57 12.46 -11.92
CA ILE B 4 29.05 11.34 -11.11
C ILE B 4 28.30 11.19 -9.79
N ASP B 5 27.92 12.28 -9.15
CA ASP B 5 27.27 12.17 -7.85
C ASP B 5 25.82 11.73 -7.94
N LYS B 6 25.16 11.83 -9.09
CA LYS B 6 23.75 11.40 -9.15
C LYS B 6 23.49 10.88 -10.57
N ILE B 7 23.75 9.61 -10.73
CA ILE B 7 23.55 8.95 -12.02
C ILE B 7 22.06 8.64 -12.21
N ASN B 8 21.54 9.02 -13.36
CA ASN B 8 20.11 8.77 -13.60
C ASN B 8 19.92 7.57 -14.51
N SER B 9 19.03 6.65 -14.10
CA SER B 9 18.62 5.56 -14.96
C SER B 9 17.73 6.12 -16.09
N CYS B 10 17.42 5.30 -17.06
CA CYS B 10 16.55 5.56 -18.19
C CYS B 10 15.52 6.63 -17.88
N TYR B 11 14.58 6.38 -16.95
CA TYR B 11 13.78 7.47 -16.39
C TYR B 11 14.44 7.81 -15.05
N PRO B 12 14.94 9.03 -14.84
CA PRO B 12 14.63 10.18 -15.64
C PRO B 12 15.73 10.74 -16.53
N LEU B 13 16.69 9.92 -16.94
CA LEU B 13 17.74 10.37 -17.87
C LEU B 13 17.12 11.01 -19.10
N PHE B 14 16.15 10.33 -19.72
CA PHE B 14 15.63 10.77 -21.01
C PHE B 14 14.78 12.00 -20.91
N GLU B 15 14.49 12.48 -19.71
CA GLU B 15 13.83 13.76 -19.53
C GLU B 15 14.79 14.93 -19.73
N GLN B 16 16.09 14.66 -19.77
CA GLN B 16 17.07 15.74 -19.88
C GLN B 16 16.98 16.42 -21.25
N ASP B 17 17.33 17.69 -21.26
CA ASP B 17 17.27 18.52 -22.46
C ASP B 17 17.88 17.87 -23.69
N GLU B 18 19.06 17.29 -23.57
CA GLU B 18 19.70 16.69 -24.74
C GLU B 18 18.88 15.52 -25.31
N TYR B 19 18.11 14.83 -24.46
CA TYR B 19 17.33 13.71 -25.01
C TYR B 19 15.98 14.21 -25.52
N GLN B 20 15.45 15.29 -24.97
CA GLN B 20 14.21 15.83 -25.51
C GLN B 20 14.48 16.33 -26.94
N GLU B 21 15.66 16.93 -27.13
CA GLU B 21 16.06 17.43 -28.44
C GLU B 21 16.28 16.26 -29.40
N LEU B 22 16.95 15.20 -28.93
CA LEU B 22 17.13 13.99 -29.71
C LEU B 22 15.78 13.48 -30.21
N PHE B 23 14.77 13.37 -29.34
CA PHE B 23 13.46 12.87 -29.74
C PHE B 23 12.80 13.80 -30.76
N ARG B 24 12.91 15.11 -30.62
CA ARG B 24 12.36 16.00 -31.65
C ARG B 24 12.98 15.70 -33.01
N ASN B 25 14.30 15.54 -33.02
CA ASN B 25 14.98 15.26 -34.28
C ASN B 25 14.58 13.91 -34.83
N LYS B 26 14.40 12.86 -34.01
CA LYS B 26 14.02 11.56 -34.56
C LYS B 26 12.59 11.58 -35.10
N ARG B 27 11.73 12.38 -34.46
CA ARG B 27 10.33 12.42 -34.84
C ARG B 27 10.15 12.94 -36.27
N GLN B 28 11.06 13.81 -36.69
CA GLN B 28 11.05 14.26 -38.08
C GLN B 28 11.29 13.18 -39.10
N LEU B 29 11.85 12.02 -38.77
CA LEU B 29 12.14 10.91 -39.62
C LEU B 29 11.18 9.73 -39.56
N GLU B 30 10.10 9.91 -38.79
CA GLU B 30 9.11 8.85 -38.62
C GLU B 30 7.82 9.03 -39.40
N GLU B 31 7.63 10.16 -40.10
CA GLU B 31 6.33 10.48 -40.69
C GLU B 31 5.20 10.33 -39.65
N ALA B 32 5.44 10.94 -38.50
CA ALA B 32 4.50 10.80 -37.38
C ALA B 32 3.16 11.41 -37.76
N HIS B 33 2.06 10.72 -37.36
CA HIS B 33 0.79 11.47 -37.44
C HIS B 33 0.89 12.81 -36.71
N ASP B 34 0.13 13.81 -37.13
CA ASP B 34 0.17 15.10 -36.44
C ASP B 34 -0.35 14.90 -35.01
N ALA B 35 0.15 15.72 -34.09
CA ALA B 35 -0.26 15.64 -32.71
C ALA B 35 -1.76 15.86 -32.52
N GLN B 36 -2.39 16.75 -33.30
CA GLN B 36 -3.85 16.93 -33.14
C GLN B 36 -4.61 15.68 -33.59
N ARG B 37 -4.12 14.98 -34.62
CA ARG B 37 -4.80 13.78 -35.08
C ARG B 37 -4.70 12.67 -34.04
N VAL B 38 -3.50 12.58 -33.42
CA VAL B 38 -3.32 11.55 -32.38
C VAL B 38 -4.25 11.86 -31.21
N GLN B 39 -4.31 13.11 -30.79
CA GLN B 39 -5.18 13.50 -29.68
C GLN B 39 -6.63 13.17 -30.01
N GLU B 40 -7.07 13.51 -31.23
CA GLU B 40 -8.41 13.20 -31.70
C GLU B 40 -8.70 11.71 -31.61
N VAL B 41 -7.75 10.88 -32.04
CA VAL B 41 -8.00 9.44 -32.03
C VAL B 41 -8.02 8.99 -30.57
N PHE B 42 -7.10 9.48 -29.75
CA PHE B 42 -7.14 9.04 -28.34
C PHE B 42 -8.49 9.37 -27.69
N ALA B 43 -8.92 10.63 -27.85
CA ALA B 43 -10.24 11.02 -27.30
C ALA B 43 -11.32 10.11 -27.81
N TRP B 44 -11.33 9.74 -29.09
CA TRP B 44 -12.31 8.84 -29.68
C TRP B 44 -12.32 7.46 -29.05
N THR B 45 -11.13 6.95 -28.69
CA THR B 45 -11.05 5.64 -28.05
C THR B 45 -11.67 5.66 -26.64
N THR B 46 -11.93 6.81 -26.06
CA THR B 46 -12.54 6.86 -24.71
C THR B 46 -14.07 6.97 -24.80
N THR B 47 -14.64 7.03 -26.00
CA THR B 47 -16.10 7.27 -26.10
C THR B 47 -16.99 6.07 -26.06
N ALA B 48 -18.31 6.34 -25.88
CA ALA B 48 -19.32 5.29 -26.05
C ALA B 48 -19.38 4.79 -27.50
N GLU B 49 -19.20 5.66 -28.49
CA GLU B 49 -19.17 5.28 -29.89
C GLU B 49 -18.10 4.24 -30.18
N TYR B 50 -16.89 4.53 -29.64
CA TYR B 50 -15.79 3.56 -29.79
C TYR B 50 -16.11 2.26 -29.08
N GLU B 51 -16.67 2.39 -27.85
CA GLU B 51 -17.05 1.19 -27.11
C GLU B 51 -18.00 0.29 -27.89
N ALA B 52 -19.01 0.85 -28.57
CA ALA B 52 -19.93 0.02 -29.35
C ALA B 52 -19.20 -0.74 -30.46
N LEU B 53 -18.28 -0.09 -31.16
CA LEU B 53 -17.45 -0.74 -32.17
C LEU B 53 -16.55 -1.81 -31.58
N ASN B 54 -16.00 -1.49 -30.38
CA ASN B 54 -15.12 -2.42 -29.66
C ASN B 54 -15.89 -3.68 -29.31
N PHE B 55 -17.14 -3.56 -28.87
CA PHE B 55 -17.98 -4.67 -28.49
C PHE B 55 -18.63 -5.37 -29.70
N ARG B 56 -18.29 -4.97 -30.92
CA ARG B 56 -18.71 -5.74 -32.08
C ARG B 56 -17.63 -6.75 -32.46
N ARG B 57 -16.45 -6.74 -31.86
CA ARG B 57 -15.45 -7.70 -32.26
C ARG B 57 -15.85 -9.15 -32.13
N GLU B 58 -15.51 -9.99 -33.10
CA GLU B 58 -15.70 -11.39 -33.19
C GLU B 58 -14.42 -12.18 -33.38
N ALA B 59 -13.37 -11.56 -33.93
CA ALA B 59 -12.16 -12.28 -34.28
C ALA B 59 -10.94 -11.69 -33.56
N LEU B 60 -10.87 -10.37 -33.49
CA LEU B 60 -9.68 -9.81 -32.82
C LEU B 60 -9.81 -9.82 -31.29
N THR B 61 -8.75 -10.26 -30.64
CA THR B 61 -8.63 -10.18 -29.16
C THR B 61 -7.52 -9.19 -28.87
N VAL B 62 -7.69 -8.29 -27.90
CA VAL B 62 -6.67 -7.30 -27.56
C VAL B 62 -6.48 -7.32 -26.03
N ASP B 63 -5.24 -7.48 -25.59
CA ASP B 63 -4.96 -7.50 -24.14
C ASP B 63 -5.85 -8.53 -23.44
N PRO B 64 -5.66 -9.81 -23.74
CA PRO B 64 -6.38 -10.89 -23.08
C PRO B 64 -6.12 -10.91 -21.59
N ALA B 65 -7.10 -11.47 -20.88
CA ALA B 65 -6.97 -11.64 -19.43
C ALA B 65 -7.05 -13.13 -19.10
N LYS B 66 -6.23 -13.96 -19.72
CA LYS B 66 -6.15 -15.39 -19.51
C LYS B 66 -4.83 -15.88 -20.09
N ALA B 67 -4.43 -17.09 -19.75
CA ALA B 67 -3.22 -17.70 -20.37
C ALA B 67 -3.62 -19.12 -20.79
N CYS B 68 -2.63 -19.84 -21.32
CA CYS B 68 -2.93 -21.15 -21.91
C CYS B 68 -2.77 -22.30 -20.95
N GLN B 69 -3.40 -23.44 -21.33
CA GLN B 69 -3.47 -24.61 -20.48
C GLN B 69 -2.19 -25.08 -19.85
N PRO B 70 -1.11 -25.39 -20.54
CA PRO B 70 0.11 -25.90 -19.92
C PRO B 70 0.63 -25.04 -18.78
N LEU B 71 0.43 -23.73 -18.82
CA LEU B 71 0.87 -22.92 -17.66
C LEU B 71 0.25 -23.48 -16.37
N GLY B 72 -1.05 -23.79 -16.45
CA GLY B 72 -1.76 -24.32 -15.29
C GLY B 72 -1.29 -25.71 -14.90
N ALA B 73 -1.03 -26.56 -15.91
CA ALA B 73 -0.50 -27.90 -15.60
C ALA B 73 0.83 -27.78 -14.88
N VAL B 74 1.73 -26.89 -15.35
CA VAL B 74 3.00 -26.70 -14.68
C VAL B 74 2.81 -26.33 -13.21
N LEU B 75 1.90 -25.34 -12.98
CA LEU B 75 1.69 -24.96 -11.57
C LEU B 75 1.12 -26.12 -10.72
N CYS B 76 0.20 -26.85 -11.33
CA CYS B 76 -0.33 -28.03 -10.57
C CYS B 76 0.79 -28.98 -10.20
N SER B 77 1.64 -29.30 -11.20
CA SER B 77 2.70 -30.27 -11.05
C SER B 77 3.72 -29.87 -10.02
N LEU B 78 4.01 -28.53 -9.96
CA LEU B 78 4.93 -28.01 -8.96
C LEU B 78 4.50 -28.27 -7.52
N GLY B 79 3.20 -28.51 -7.33
CA GLY B 79 2.66 -28.79 -6.01
C GLY B 79 2.84 -30.19 -5.50
N PHE B 80 3.54 -31.06 -6.25
CA PHE B 80 3.76 -32.42 -5.69
C PHE B 80 5.21 -32.62 -5.33
N ALA B 81 5.48 -33.50 -4.36
CA ALA B 81 6.81 -33.72 -3.88
C ALA B 81 7.75 -34.29 -4.94
N ASN B 82 8.94 -33.74 -4.98
CA ASN B 82 10.03 -34.19 -5.85
C ASN B 82 9.58 -34.38 -7.28
N THR B 83 8.79 -33.42 -7.76
CA THR B 83 8.19 -33.49 -9.06
C THR B 83 8.86 -32.51 -10.04
N LEU B 84 9.17 -33.01 -11.22
CA LEU B 84 9.69 -32.12 -12.29
C LEU B 84 8.64 -31.96 -13.34
N PRO B 85 8.09 -30.76 -13.53
CA PRO B 85 7.17 -30.47 -14.58
C PRO B 85 7.90 -30.68 -15.94
N TYR B 86 7.20 -31.31 -16.85
CA TYR B 86 7.81 -31.61 -18.17
C TYR B 86 6.76 -31.33 -19.20
N VAL B 87 7.04 -30.50 -20.20
CA VAL B 87 6.01 -30.21 -21.20
C VAL B 87 6.46 -30.79 -22.56
N HIS B 88 5.75 -31.81 -22.99
CA HIS B 88 6.06 -32.45 -24.27
C HIS B 88 5.59 -31.60 -25.41
N GLY B 89 6.57 -31.17 -26.25
CA GLY B 89 6.25 -30.25 -27.34
C GLY B 89 7.43 -29.38 -27.68
N SER B 90 7.08 -28.14 -28.04
CA SER B 90 8.14 -27.19 -28.46
CA SER B 90 8.07 -27.14 -28.46
C SER B 90 8.64 -26.36 -27.30
N GLN B 91 9.95 -26.06 -27.30
CA GLN B 91 10.61 -25.48 -26.15
C GLN B 91 10.26 -24.04 -25.84
N GLY B 92 9.87 -23.23 -26.82
CA GLY B 92 9.54 -21.82 -26.60
C GLY B 92 8.55 -21.71 -25.43
N CYS B 93 7.58 -22.62 -25.45
CA CYS B 93 6.53 -22.60 -24.43
C CYS B 93 7.12 -22.65 -23.05
N VAL B 94 8.07 -23.55 -22.77
CA VAL B 94 8.66 -23.74 -21.44
C VAL B 94 9.50 -22.55 -21.04
N ALA B 95 10.26 -21.89 -21.94
CA ALA B 95 10.94 -20.66 -21.55
C ALA B 95 9.87 -19.66 -21.03
N TYR B 96 8.77 -19.58 -21.79
CA TYR B 96 7.73 -18.60 -21.36
C TYR B 96 7.00 -18.98 -20.08
N PHE B 97 6.68 -20.26 -19.87
CA PHE B 97 6.01 -20.57 -18.59
C PHE B 97 6.91 -20.27 -17.41
N ARG B 98 8.22 -20.67 -17.51
CA ARG B 98 9.13 -20.43 -16.42
C ARG B 98 9.22 -18.89 -16.15
N THR B 99 9.45 -18.12 -17.23
CA THR B 99 9.61 -16.68 -17.08
C THR B 99 8.37 -16.00 -16.50
N TYR B 100 7.20 -16.52 -16.90
CA TYR B 100 5.98 -15.87 -16.40
C TYR B 100 5.87 -16.09 -14.91
N PHE B 101 6.10 -17.31 -14.42
CA PHE B 101 6.07 -17.53 -12.98
C PHE B 101 7.25 -16.92 -12.23
N ASN B 102 8.41 -16.82 -12.90
CA ASN B 102 9.56 -16.20 -12.29
C ASN B 102 9.25 -14.74 -11.87
N ARG B 103 8.56 -14.06 -12.79
CA ARG B 103 8.34 -12.62 -12.58
C ARG B 103 7.21 -12.37 -11.59
N HIS B 104 6.30 -13.32 -11.41
CA HIS B 104 5.29 -13.15 -10.35
C HIS B 104 5.83 -13.51 -8.97
N PHE B 105 6.43 -14.70 -8.85
CA PHE B 105 6.89 -15.18 -7.57
C PHE B 105 8.24 -14.68 -7.14
N LYS B 106 9.02 -14.12 -8.07
CA LYS B 106 10.40 -13.74 -7.75
C LYS B 106 11.12 -15.00 -7.37
N GLU B 107 10.93 -16.15 -7.99
CA GLU B 107 11.58 -17.40 -7.56
C GLU B 107 11.96 -18.18 -8.81
N PRO B 108 12.86 -19.13 -8.66
CA PRO B 108 13.17 -20.03 -9.78
C PRO B 108 11.98 -20.94 -10.00
N ILE B 109 11.87 -21.44 -11.25
CA ILE B 109 10.78 -22.33 -11.61
C ILE B 109 11.44 -23.48 -12.46
N ALA B 110 11.32 -24.68 -11.94
CA ALA B 110 11.91 -25.81 -12.71
C ALA B 110 10.87 -26.35 -13.66
N CYS B 111 11.24 -26.51 -14.94
CA CYS B 111 10.31 -27.05 -15.91
C CYS B 111 11.15 -27.42 -17.15
N VAL B 112 10.89 -28.61 -17.70
CA VAL B 112 11.65 -28.94 -18.95
C VAL B 112 10.75 -29.14 -20.12
N SER B 113 11.33 -29.13 -21.34
CA SER B 113 10.70 -29.40 -22.62
C SER B 113 11.43 -30.64 -23.23
N ASP B 114 10.75 -31.24 -24.21
CA ASP B 114 11.61 -32.26 -24.94
C ASP B 114 11.99 -31.70 -26.31
N SER B 115 11.81 -30.41 -26.53
CA SER B 115 12.32 -29.70 -27.69
C SER B 115 11.94 -30.31 -29.03
N MET B 116 10.64 -30.46 -29.26
CA MET B 116 10.17 -31.02 -30.53
C MET B 116 10.35 -29.97 -31.58
N THR B 117 10.91 -30.40 -32.73
CA THR B 117 11.18 -29.42 -33.79
C THR B 117 10.51 -29.92 -35.06
N GLU B 118 10.92 -29.37 -36.20
CA GLU B 118 10.32 -29.80 -37.45
C GLU B 118 10.45 -31.29 -37.69
N ASP B 119 11.57 -31.90 -37.35
CA ASP B 119 11.68 -33.36 -37.42
C ASP B 119 10.56 -34.05 -36.65
N ALA B 120 10.28 -33.60 -35.42
CA ALA B 120 9.22 -34.22 -34.61
C ALA B 120 7.83 -33.90 -35.16
N ALA B 121 7.75 -32.86 -35.99
CA ALA B 121 6.48 -32.48 -36.61
C ALA B 121 6.08 -33.54 -37.61
N VAL B 122 7.08 -34.17 -38.26
CA VAL B 122 6.79 -35.19 -39.25
C VAL B 122 6.64 -36.61 -38.72
N PHE B 123 7.50 -36.98 -37.78
CA PHE B 123 7.53 -38.37 -37.31
C PHE B 123 6.75 -38.63 -36.04
N GLY B 124 6.28 -37.56 -35.40
CA GLY B 124 5.64 -37.79 -34.08
C GLY B 124 6.74 -37.49 -33.07
N GLY B 125 6.37 -37.18 -31.82
CA GLY B 125 7.39 -36.85 -30.82
C GLY B 125 7.86 -37.97 -29.95
N ASN B 126 7.74 -39.24 -30.38
CA ASN B 126 8.17 -40.36 -29.56
C ASN B 126 9.66 -40.33 -29.29
N ASN B 127 10.54 -39.98 -30.24
CA ASN B 127 11.94 -40.00 -29.89
C ASN B 127 12.21 -38.92 -28.81
N ASN B 128 11.70 -37.72 -29.04
CA ASN B 128 11.85 -36.65 -28.02
C ASN B 128 11.39 -37.05 -26.62
N MET B 129 10.28 -37.76 -26.50
CA MET B 129 9.80 -38.25 -25.21
C MET B 129 10.77 -39.23 -24.59
N ASN B 130 11.29 -40.20 -25.37
CA ASN B 130 12.20 -41.16 -24.84
C ASN B 130 13.47 -40.54 -24.31
N LEU B 131 14.10 -39.71 -25.17
CA LEU B 131 15.35 -39.06 -24.79
C LEU B 131 15.11 -38.00 -23.70
N GLY B 132 13.94 -37.36 -23.78
CA GLY B 132 13.67 -36.25 -22.83
C GLY B 132 13.50 -36.84 -21.41
N LEU B 133 12.72 -37.92 -21.30
CA LEU B 133 12.60 -38.56 -19.98
C LEU B 133 13.90 -39.12 -19.48
N GLN B 134 14.74 -39.70 -20.35
CA GLN B 134 16.04 -40.21 -19.91
C GLN B 134 16.98 -39.11 -19.45
N ASN B 135 17.07 -38.02 -20.22
CA ASN B 135 17.96 -36.92 -19.85
C ASN B 135 17.43 -36.18 -18.62
N ALA B 136 16.11 -35.99 -18.54
CA ALA B 136 15.59 -35.26 -17.37
C ALA B 136 15.79 -36.02 -16.09
N SER B 137 15.56 -37.35 -16.19
CA SER B 137 15.76 -38.22 -15.03
C SER B 137 17.20 -38.22 -14.57
N ALA B 138 18.13 -38.29 -15.56
CA ALA B 138 19.55 -38.30 -15.21
C ALA B 138 20.05 -37.01 -14.58
N LEU B 139 19.61 -35.86 -15.13
CA LEU B 139 20.17 -34.60 -14.62
C LEU B 139 19.45 -34.13 -13.35
N TYR B 140 18.13 -34.30 -13.32
CA TYR B 140 17.39 -33.70 -12.17
C TYR B 140 16.87 -34.65 -11.14
N LYS B 141 17.03 -35.96 -11.34
CA LYS B 141 16.59 -36.98 -10.40
C LYS B 141 15.24 -36.78 -9.71
N PRO B 142 14.19 -36.55 -10.47
CA PRO B 142 12.85 -36.48 -9.91
C PRO B 142 12.30 -37.84 -9.55
N GLU B 143 11.39 -37.87 -8.61
CA GLU B 143 10.60 -39.05 -8.28
C GLU B 143 9.40 -39.12 -9.20
N ILE B 144 8.87 -37.94 -9.56
CA ILE B 144 7.73 -37.80 -10.43
C ILE B 144 8.04 -36.87 -11.61
N ILE B 145 7.77 -37.31 -12.83
CA ILE B 145 7.95 -36.45 -14.01
C ILE B 145 6.55 -36.24 -14.54
N ALA B 146 6.06 -34.99 -14.40
CA ALA B 146 4.65 -34.69 -14.62
C ALA B 146 4.50 -34.07 -15.97
N VAL B 147 4.00 -34.87 -16.91
CA VAL B 147 3.95 -34.49 -18.32
C VAL B 147 2.66 -33.86 -18.75
N SER B 148 2.82 -32.71 -19.43
CA SER B 148 1.73 -32.04 -20.09
C SER B 148 2.08 -31.77 -21.55
N THR B 149 1.32 -31.00 -22.30
CA THR B 149 1.68 -30.79 -23.71
C THR B 149 1.56 -29.36 -24.21
N THR B 150 2.37 -29.07 -25.25
CA THR B 150 2.20 -27.82 -25.99
C THR B 150 1.31 -28.04 -27.20
N CYS B 151 0.83 -27.00 -27.87
CA CYS B 151 -0.18 -27.04 -28.88
C CYS B 151 0.36 -27.83 -30.11
N MET B 152 1.66 -27.70 -30.35
CA MET B 152 2.22 -28.48 -31.47
C MET B 152 1.95 -29.97 -31.25
N ALA B 153 2.31 -30.47 -30.06
CA ALA B 153 2.07 -31.88 -29.75
C ALA B 153 0.60 -32.26 -29.92
N GLU B 154 -0.32 -31.41 -29.45
CA GLU B 154 -1.74 -31.68 -29.57
C GLU B 154 -2.20 -31.71 -31.01
N VAL B 155 -1.78 -30.74 -31.84
CA VAL B 155 -2.18 -30.74 -33.24
C VAL B 155 -1.70 -32.01 -33.93
N ILE B 156 -0.48 -32.41 -33.71
CA ILE B 156 0.05 -33.62 -34.36
C ILE B 156 -0.46 -34.90 -33.75
N GLY B 157 -1.09 -34.87 -32.58
CA GLY B 157 -1.79 -35.98 -31.97
C GLY B 157 -0.92 -37.03 -31.35
N ASP B 158 0.20 -36.62 -30.77
CA ASP B 158 1.08 -37.55 -30.08
C ASP B 158 0.28 -38.30 -29.01
N ASP B 159 0.43 -39.63 -28.96
CA ASP B 159 -0.25 -40.43 -27.94
C ASP B 159 0.56 -40.52 -26.68
N LEU B 160 0.40 -39.57 -25.76
CA LEU B 160 1.18 -39.48 -24.55
C LEU B 160 1.24 -40.78 -23.76
N GLN B 161 0.08 -41.36 -23.47
CA GLN B 161 0.05 -42.60 -22.70
C GLN B 161 0.95 -43.70 -23.29
N ALA B 162 0.80 -43.93 -24.59
CA ALA B 162 1.58 -44.91 -25.33
C ALA B 162 3.06 -44.57 -25.37
N PHE B 163 3.40 -43.27 -25.54
CA PHE B 163 4.83 -42.94 -25.51
C PHE B 163 5.48 -43.22 -24.19
N ILE B 164 4.80 -42.87 -23.07
CA ILE B 164 5.30 -43.05 -21.73
C ILE B 164 5.43 -44.55 -21.39
N ALA B 165 4.47 -45.33 -21.85
CA ALA B 165 4.61 -46.78 -21.68
C ALA B 165 5.81 -47.33 -22.45
N ASN B 166 5.95 -46.87 -23.69
CA ASN B 166 7.08 -47.28 -24.52
C ASN B 166 8.42 -46.86 -23.94
N ALA B 167 8.53 -45.64 -23.37
CA ALA B 167 9.76 -45.24 -22.69
C ALA B 167 10.17 -46.16 -21.55
N LYS B 168 9.23 -46.60 -20.72
CA LYS B 168 9.52 -47.43 -19.56
C LYS B 168 9.89 -48.87 -20.00
N LYS B 169 9.17 -49.33 -21.01
CA LYS B 169 9.43 -50.69 -21.52
C LYS B 169 10.76 -50.77 -22.23
N ASP B 170 11.18 -49.68 -22.87
CA ASP B 170 12.45 -49.64 -23.59
C ASP B 170 13.61 -49.23 -22.71
N GLY B 171 13.38 -48.82 -21.48
CA GLY B 171 14.45 -48.49 -20.56
C GLY B 171 14.94 -47.04 -20.65
N PHE B 172 14.10 -46.19 -21.23
CA PHE B 172 14.53 -44.76 -21.22
C PHE B 172 14.31 -44.09 -19.87
N VAL B 173 13.30 -44.53 -19.14
CA VAL B 173 13.06 -43.97 -17.80
C VAL B 173 12.80 -45.12 -16.84
N ASP B 174 13.41 -45.06 -15.67
CA ASP B 174 13.23 -46.15 -14.70
C ASP B 174 11.76 -46.33 -14.33
N SER B 175 11.34 -47.58 -14.13
CA SER B 175 9.96 -47.90 -13.82
CA SER B 175 9.97 -47.91 -13.81
C SER B 175 9.46 -47.38 -12.48
N SER B 176 10.36 -47.13 -11.55
CA SER B 176 10.05 -46.59 -10.25
C SER B 176 9.65 -45.11 -10.32
N ILE B 177 9.96 -44.45 -11.44
CA ILE B 177 9.57 -43.04 -11.53
C ILE B 177 8.12 -42.94 -11.95
N ALA B 178 7.36 -42.11 -11.26
CA ALA B 178 5.95 -41.91 -11.61
C ALA B 178 5.88 -40.89 -12.73
N VAL B 179 5.10 -41.20 -13.78
CA VAL B 179 5.04 -40.31 -14.92
C VAL B 179 3.60 -40.05 -15.30
N PRO B 180 2.89 -39.28 -14.45
CA PRO B 180 1.54 -38.88 -14.76
C PRO B 180 1.50 -37.96 -15.97
N HIS B 181 0.44 -37.96 -16.73
CA HIS B 181 0.36 -37.12 -17.91
C HIS B 181 -1.03 -36.53 -18.02
N ALA B 182 -1.09 -35.48 -18.85
CA ALA B 182 -2.37 -34.90 -19.22
C ALA B 182 -2.23 -34.19 -20.57
N HIS B 183 -3.26 -34.27 -21.39
CA HIS B 183 -3.36 -33.50 -22.63
C HIS B 183 -3.88 -32.10 -22.29
N THR B 184 -3.05 -31.10 -22.63
CA THR B 184 -3.36 -29.71 -22.26
C THR B 184 -3.33 -28.76 -23.44
N PRO B 185 -4.29 -28.85 -24.36
CA PRO B 185 -4.29 -28.04 -25.58
C PRO B 185 -4.57 -26.60 -25.22
N SER B 186 -3.67 -25.71 -25.69
CA SER B 186 -3.85 -24.29 -25.37
C SER B 186 -4.98 -23.64 -26.11
N PHE B 187 -5.53 -24.29 -27.15
CA PHE B 187 -6.67 -23.81 -27.87
C PHE B 187 -7.99 -24.27 -27.28
N ILE B 188 -7.96 -24.87 -26.08
CA ILE B 188 -9.20 -25.15 -25.35
C ILE B 188 -9.11 -24.45 -23.98
N GLY B 189 -10.15 -23.68 -23.66
CA GLY B 189 -10.19 -23.12 -22.30
C GLY B 189 -9.03 -22.19 -22.00
N SER B 190 -8.43 -22.39 -20.85
CA SER B 190 -7.33 -21.50 -20.43
C SER B 190 -6.40 -22.20 -19.48
N HIS B 191 -5.54 -21.45 -18.80
CA HIS B 191 -4.61 -22.02 -17.81
C HIS B 191 -5.39 -22.72 -16.67
N VAL B 192 -6.62 -22.32 -16.35
CA VAL B 192 -7.27 -23.07 -15.24
C VAL B 192 -7.70 -24.47 -15.70
N THR B 193 -7.97 -24.56 -16.99
CA THR B 193 -8.33 -25.87 -17.59
C THR B 193 -7.17 -26.83 -17.54
N GLY B 194 -5.96 -26.30 -17.86
CA GLY B 194 -4.75 -27.10 -17.76
C GLY B 194 -4.51 -27.67 -16.39
N TRP B 195 -4.71 -26.84 -15.33
CA TRP B 195 -4.50 -27.24 -13.96
C TRP B 195 -5.41 -28.44 -13.59
N ASP B 196 -6.68 -28.35 -13.97
CA ASP B 196 -7.68 -29.38 -13.68
C ASP B 196 -7.34 -30.62 -14.49
N ASN B 197 -6.92 -30.46 -15.73
CA ASN B 197 -6.52 -31.63 -16.52
C ASN B 197 -5.32 -32.33 -15.92
N MET B 198 -4.31 -31.60 -15.46
CA MET B 198 -3.12 -32.13 -14.86
C MET B 198 -3.47 -32.88 -13.57
N PHE B 199 -4.37 -32.28 -12.76
CA PHE B 199 -4.79 -32.94 -11.54
C PHE B 199 -5.47 -34.30 -11.84
N GLU B 200 -6.29 -34.36 -12.83
CA GLU B 200 -6.90 -35.65 -13.24
C GLU B 200 -5.83 -36.66 -13.62
N GLY B 201 -4.77 -36.25 -14.34
CA GLY B 201 -3.68 -37.18 -14.60
C GLY B 201 -2.94 -37.65 -13.37
N PHE B 202 -2.71 -36.79 -12.35
CA PHE B 202 -2.09 -37.26 -11.12
C PHE B 202 -2.98 -38.27 -10.41
N ALA B 203 -4.28 -38.01 -10.39
CA ALA B 203 -5.26 -38.88 -9.74
C ALA B 203 -5.32 -40.25 -10.45
N LYS B 204 -5.26 -40.22 -11.79
CA LYS B 204 -5.25 -41.54 -12.48
C LYS B 204 -4.02 -42.35 -12.15
N THR B 205 -2.85 -41.71 -12.22
CA THR B 205 -1.58 -42.37 -11.96
C THR B 205 -1.50 -42.96 -10.58
N PHE B 206 -1.98 -42.22 -9.55
CA PHE B 206 -1.77 -42.66 -8.19
C PHE B 206 -2.92 -43.42 -7.56
N THR B 207 -4.09 -43.39 -8.19
CA THR B 207 -5.26 -44.03 -7.59
C THR B 207 -6.14 -44.85 -8.52
N ALA B 208 -5.92 -44.96 -9.82
CA ALA B 208 -6.83 -45.70 -10.70
C ALA B 208 -7.25 -47.07 -10.17
N ASP B 209 -6.31 -47.87 -9.71
CA ASP B 209 -6.72 -49.26 -9.38
C ASP B 209 -6.94 -49.43 -7.89
N TYR B 210 -7.01 -48.32 -7.15
CA TYR B 210 -7.15 -48.41 -5.71
C TYR B 210 -8.55 -48.68 -5.19
N GLN B 211 -8.66 -49.64 -4.26
CA GLN B 211 -9.93 -49.95 -3.61
C GLN B 211 -10.07 -49.08 -2.36
N GLY B 212 -10.56 -47.87 -2.59
CA GLY B 212 -10.64 -46.90 -1.51
C GLY B 212 -11.95 -47.02 -0.73
N GLN B 213 -11.96 -46.41 0.45
CA GLN B 213 -13.16 -46.41 1.28
C GLN B 213 -13.23 -45.07 2.00
N PRO B 214 -14.15 -44.23 1.60
CA PRO B 214 -14.22 -42.90 2.18
C PRO B 214 -14.43 -42.98 3.67
N GLY B 215 -13.65 -42.24 4.46
CA GLY B 215 -13.81 -42.23 5.91
C GLY B 215 -12.95 -43.28 6.59
N LYS B 216 -12.22 -44.09 5.82
CA LYS B 216 -11.24 -45.00 6.41
C LYS B 216 -10.18 -44.16 7.11
N LEU B 217 -9.76 -43.03 6.51
CA LEU B 217 -8.98 -42.02 7.20
C LEU B 217 -9.91 -40.89 7.59
N PRO B 218 -9.84 -40.38 8.81
CA PRO B 218 -10.71 -39.31 9.28
C PRO B 218 -10.13 -37.94 8.90
N LYS B 219 -9.88 -37.81 7.62
CA LYS B 219 -9.26 -36.58 7.08
C LYS B 219 -10.13 -36.01 6.00
N LEU B 220 -9.78 -34.74 5.64
CA LEU B 220 -10.38 -34.16 4.45
C LEU B 220 -9.34 -33.77 3.43
N ASN B 221 -9.44 -33.99 2.15
CA ASN B 221 -8.44 -33.49 1.21
C ASN B 221 -8.96 -32.10 0.81
N LEU B 222 -8.01 -31.23 0.44
CA LEU B 222 -8.42 -29.95 -0.14
C LEU B 222 -7.73 -29.75 -1.49
N VAL B 223 -8.46 -29.23 -2.45
CA VAL B 223 -7.87 -29.00 -3.78
C VAL B 223 -8.11 -27.53 -4.12
N THR B 224 -7.02 -26.77 -4.31
CA THR B 224 -7.14 -25.34 -4.49
C THR B 224 -7.41 -24.91 -5.92
N GLY B 225 -7.00 -25.73 -6.89
CA GLY B 225 -7.01 -25.23 -8.29
C GLY B 225 -5.84 -24.20 -8.39
N PHE B 226 -5.87 -23.49 -9.53
CA PHE B 226 -4.82 -22.57 -9.93
C PHE B 226 -4.81 -21.33 -8.97
N GLU B 227 -3.78 -21.29 -8.15
CA GLU B 227 -3.74 -20.22 -7.14
C GLU B 227 -2.31 -19.81 -6.89
N THR B 228 -2.12 -18.45 -6.85
CA THR B 228 -0.74 -17.94 -6.88
C THR B 228 -0.44 -17.00 -5.71
N TYR B 229 -1.23 -17.14 -4.64
CA TYR B 229 -0.92 -16.52 -3.37
C TYR B 229 -0.44 -17.59 -2.39
N LEU B 230 0.79 -17.51 -1.93
CA LEU B 230 1.35 -18.51 -1.01
C LEU B 230 0.51 -18.61 0.25
N GLY B 231 -0.04 -17.47 0.71
CA GLY B 231 -0.76 -17.41 1.97
C GLY B 231 -2.04 -18.25 1.93
N ASN B 232 -2.63 -18.49 0.75
CA ASN B 232 -3.84 -19.29 0.67
C ASN B 232 -3.57 -20.77 0.89
N PHE B 233 -2.42 -21.28 0.45
CA PHE B 233 -2.13 -22.69 0.79
C PHE B 233 -1.95 -22.75 2.29
N ARG B 234 -1.21 -21.79 2.85
CA ARG B 234 -0.83 -21.82 4.25
C ARG B 234 -2.01 -21.58 5.19
N VAL B 235 -2.92 -20.69 4.84
CA VAL B 235 -4.06 -20.43 5.76
C VAL B 235 -4.96 -21.67 5.82
N LEU B 236 -5.09 -22.40 4.72
CA LEU B 236 -5.96 -23.58 4.77
C LEU B 236 -5.40 -24.58 5.76
N LYS B 237 -4.11 -24.86 5.69
CA LYS B 237 -3.48 -25.79 6.64
C LYS B 237 -3.59 -25.30 8.06
N ARG B 238 -3.39 -23.99 8.26
CA ARG B 238 -3.45 -23.43 9.59
C ARG B 238 -4.87 -23.58 10.15
N MET B 239 -5.91 -23.31 9.37
CA MET B 239 -7.27 -23.42 9.90
C MET B 239 -7.62 -24.87 10.17
N MET B 240 -7.19 -25.76 9.28
CA MET B 240 -7.47 -27.18 9.56
C MET B 240 -6.75 -27.65 10.81
N GLU B 241 -5.57 -27.20 11.14
CA GLU B 241 -4.88 -27.59 12.36
C GLU B 241 -5.64 -27.05 13.58
N GLN B 242 -6.16 -25.84 13.48
CA GLN B 242 -6.98 -25.28 14.57
C GLN B 242 -8.26 -26.09 14.71
N MET B 243 -8.86 -26.58 13.65
CA MET B 243 -10.05 -27.40 13.66
C MET B 243 -9.70 -28.80 14.21
N ALA B 244 -8.44 -29.19 14.25
CA ALA B 244 -8.03 -30.53 14.66
C ALA B 244 -8.62 -31.57 13.72
N VAL B 245 -8.63 -31.26 12.42
CA VAL B 245 -9.13 -32.17 11.40
C VAL B 245 -7.96 -32.45 10.49
N PRO B 246 -7.46 -33.69 10.42
CA PRO B 246 -6.36 -34.03 9.51
C PRO B 246 -6.67 -33.61 8.08
N CYS B 247 -5.70 -33.24 7.25
CA CYS B 247 -5.85 -32.65 5.94
C CYS B 247 -4.60 -32.84 5.07
N SER B 248 -4.90 -33.02 3.79
CA SER B 248 -3.80 -32.91 2.85
C SER B 248 -4.36 -31.90 1.84
N LEU B 249 -3.45 -31.02 1.41
CA LEU B 249 -3.74 -30.30 0.18
C LEU B 249 -3.23 -31.23 -0.94
N LEU B 250 -3.98 -31.38 -2.00
CA LEU B 250 -3.52 -32.19 -3.13
C LEU B 250 -3.09 -31.17 -4.21
N SER B 251 -1.78 -30.98 -4.28
CA SER B 251 -1.07 -29.98 -5.05
C SER B 251 -0.88 -28.73 -4.13
N ASP B 252 0.32 -28.64 -3.60
CA ASP B 252 0.69 -27.53 -2.71
C ASP B 252 2.11 -27.10 -3.03
N PRO B 253 2.22 -26.06 -3.86
CA PRO B 253 3.52 -25.59 -4.32
C PRO B 253 4.09 -24.51 -3.43
N SER B 254 3.48 -24.32 -2.25
CA SER B 254 3.89 -23.19 -1.40
C SER B 254 5.25 -23.34 -0.79
N GLU B 255 5.83 -24.55 -0.65
CA GLU B 255 7.22 -24.59 -0.20
C GLU B 255 8.21 -24.46 -1.34
N VAL B 256 7.91 -25.04 -2.52
CA VAL B 256 8.89 -24.96 -3.61
C VAL B 256 8.91 -23.57 -4.23
N LEU B 257 7.85 -22.79 -3.98
CA LEU B 257 7.84 -21.38 -4.41
C LEU B 257 8.32 -20.43 -3.33
N ASP B 258 8.96 -20.90 -2.27
CA ASP B 258 9.41 -19.99 -1.22
C ASP B 258 10.61 -20.59 -0.49
N THR B 259 11.55 -21.20 -1.26
CA THR B 259 12.72 -21.74 -0.58
C THR B 259 13.62 -20.62 -0.06
N PRO B 260 14.36 -20.82 1.00
CA PRO B 260 15.23 -19.79 1.58
C PRO B 260 16.49 -19.49 0.76
N ALA B 261 16.95 -18.25 0.80
CA ALA B 261 18.25 -17.92 0.18
C ALA B 261 19.32 -18.10 1.24
N ASP B 262 19.84 -19.36 1.32
CA ASP B 262 20.76 -19.68 2.42
C ASP B 262 22.07 -20.27 1.85
N GLY B 263 22.30 -20.05 0.57
CA GLY B 263 23.52 -20.56 -0.05
C GLY B 263 23.28 -21.84 -0.80
N HIS B 264 22.07 -22.43 -0.79
CA HIS B 264 21.74 -23.64 -1.52
C HIS B 264 20.56 -23.43 -2.45
N TYR B 265 20.55 -24.00 -3.64
CA TYR B 265 19.42 -24.00 -4.53
C TYR B 265 18.72 -25.35 -4.32
N ARG B 266 17.45 -25.33 -3.99
CA ARG B 266 16.64 -26.52 -3.79
C ARG B 266 15.62 -26.60 -4.90
N MET B 267 15.82 -27.49 -5.85
CA MET B 267 14.85 -27.61 -6.93
C MET B 267 13.51 -28.12 -6.38
N TYR B 268 13.57 -29.04 -5.43
CA TYR B 268 12.39 -29.62 -4.85
C TYR B 268 12.31 -29.24 -3.39
N SER B 269 11.07 -28.98 -2.92
CA SER B 269 10.81 -28.69 -1.53
C SER B 269 9.34 -28.93 -1.22
N GLY B 270 9.09 -29.66 -0.12
CA GLY B 270 7.71 -29.90 0.28
C GLY B 270 6.86 -30.53 -0.79
N GLY B 271 5.57 -30.14 -0.80
CA GLY B 271 4.63 -30.61 -1.79
C GLY B 271 3.82 -31.84 -1.31
N THR B 272 2.72 -32.07 -1.97
CA THR B 272 1.92 -33.28 -1.69
C THR B 272 2.81 -34.51 -1.91
N THR B 273 2.81 -35.44 -0.94
CA THR B 273 3.58 -36.68 -1.18
C THR B 273 2.77 -37.67 -2.00
N GLN B 274 3.50 -38.68 -2.50
CA GLN B 274 2.85 -39.82 -3.13
C GLN B 274 1.94 -40.51 -2.12
N GLN B 275 2.33 -40.67 -0.87
CA GLN B 275 1.43 -41.30 0.13
C GLN B 275 0.11 -40.54 0.33
N GLU B 276 0.21 -39.18 0.33
CA GLU B 276 -1.00 -38.39 0.45
C GLU B 276 -1.93 -38.54 -0.74
N MET B 277 -1.38 -38.62 -1.96
CA MET B 277 -2.22 -38.78 -3.14
C MET B 277 -2.77 -40.23 -3.23
N LYS B 278 -1.93 -41.19 -2.89
CA LYS B 278 -2.37 -42.60 -2.99
C LYS B 278 -3.45 -42.93 -1.95
N GLU B 279 -3.44 -42.27 -0.80
CA GLU B 279 -4.44 -42.49 0.23
C GLU B 279 -5.59 -41.49 0.19
N ALA B 280 -5.60 -40.60 -0.82
CA ALA B 280 -6.68 -39.65 -0.99
C ALA B 280 -8.07 -40.23 -1.10
N PRO B 281 -8.28 -41.41 -1.70
CA PRO B 281 -9.60 -41.99 -1.81
C PRO B 281 -10.16 -42.45 -0.46
N ASP B 282 -9.32 -42.63 0.53
CA ASP B 282 -9.71 -43.08 1.86
C ASP B 282 -10.14 -41.90 2.73
N ALA B 283 -9.95 -40.66 2.24
CA ALA B 283 -10.46 -39.56 3.09
C ALA B 283 -11.98 -39.55 3.16
N ILE B 284 -12.52 -38.79 4.14
CA ILE B 284 -13.98 -38.62 4.23
C ILE B 284 -14.51 -37.96 2.96
N ASP B 285 -13.77 -36.91 2.52
CA ASP B 285 -14.16 -36.22 1.32
C ASP B 285 -13.01 -35.30 0.84
N THR B 286 -13.24 -34.78 -0.35
CA THR B 286 -12.24 -33.89 -0.97
C THR B 286 -12.99 -32.62 -1.31
N LEU B 287 -12.49 -31.50 -0.78
CA LEU B 287 -13.19 -30.22 -0.98
C LEU B 287 -12.53 -29.40 -2.10
N LEU B 288 -13.31 -29.18 -3.14
CA LEU B 288 -12.81 -28.52 -4.36
C LEU B 288 -13.10 -27.02 -4.21
N LEU B 289 -12.02 -26.28 -3.87
CA LEU B 289 -12.22 -24.89 -3.41
C LEU B 289 -12.43 -23.85 -4.47
N GLN B 290 -12.17 -24.15 -5.73
CA GLN B 290 -12.48 -23.27 -6.87
C GLN B 290 -13.31 -24.15 -7.78
N PRO B 291 -14.63 -24.19 -7.51
CA PRO B 291 -15.51 -25.15 -8.15
C PRO B 291 -15.75 -24.99 -9.62
N TRP B 292 -15.77 -23.77 -10.14
CA TRP B 292 -15.99 -23.58 -11.57
C TRP B 292 -14.83 -24.14 -12.39
N GLN B 293 -13.59 -24.17 -11.95
CA GLN B 293 -12.52 -24.71 -12.78
C GLN B 293 -12.19 -26.16 -12.45
N LEU B 294 -12.57 -26.66 -11.28
CA LEU B 294 -12.21 -28.03 -10.89
C LEU B 294 -13.22 -29.06 -11.39
N LEU B 295 -13.48 -29.09 -12.68
CA LEU B 295 -14.54 -29.90 -13.27
C LEU B 295 -14.20 -31.37 -13.40
N LYS B 296 -13.04 -31.68 -13.95
CA LYS B 296 -12.62 -33.09 -14.02
C LYS B 296 -12.21 -33.58 -12.64
N SER B 297 -11.72 -32.68 -11.77
CA SER B 297 -11.36 -33.04 -10.40
C SER B 297 -12.61 -33.42 -9.62
N LYS B 298 -13.74 -32.81 -9.95
CA LYS B 298 -14.98 -33.25 -9.26
C LYS B 298 -15.35 -34.66 -9.74
N LYS B 299 -15.13 -34.96 -11.00
CA LYS B 299 -15.39 -36.31 -11.52
C LYS B 299 -14.44 -37.31 -10.90
N VAL B 300 -13.21 -36.91 -10.61
CA VAL B 300 -12.31 -37.83 -9.91
C VAL B 300 -12.92 -38.22 -8.56
N VAL B 301 -13.24 -37.14 -7.81
CA VAL B 301 -13.69 -37.30 -6.45
C VAL B 301 -14.93 -38.18 -6.38
N GLN B 302 -15.91 -37.85 -7.20
CA GLN B 302 -17.18 -38.56 -7.11
C GLN B 302 -17.15 -39.91 -7.81
N GLU B 303 -16.55 -39.95 -9.00
CA GLU B 303 -16.67 -41.18 -9.80
C GLU B 303 -15.59 -42.19 -9.47
N MET B 304 -14.35 -41.74 -9.37
CA MET B 304 -13.25 -42.63 -9.04
C MET B 304 -13.24 -42.91 -7.55
N TRP B 305 -13.30 -41.85 -6.71
CA TRP B 305 -13.17 -42.06 -5.27
C TRP B 305 -14.48 -42.26 -4.52
N ASN B 306 -15.63 -42.12 -5.16
CA ASN B 306 -16.91 -42.38 -4.47
C ASN B 306 -17.11 -41.58 -3.20
N GLN B 307 -16.58 -40.35 -3.22
CA GLN B 307 -16.71 -39.37 -2.14
C GLN B 307 -17.80 -38.39 -2.54
N PRO B 308 -18.35 -37.65 -1.57
CA PRO B 308 -19.39 -36.68 -1.81
C PRO B 308 -19.01 -35.54 -2.76
N ALA B 309 -17.79 -35.03 -2.68
CA ALA B 309 -17.42 -33.76 -3.31
C ALA B 309 -18.39 -32.65 -2.84
N THR B 310 -18.54 -32.56 -1.52
CA THR B 310 -19.45 -31.60 -0.91
C THR B 310 -19.25 -30.20 -1.51
N GLU B 311 -20.33 -29.67 -2.05
CA GLU B 311 -20.12 -28.36 -2.71
C GLU B 311 -19.67 -27.29 -1.74
N VAL B 312 -18.60 -26.55 -2.12
CA VAL B 312 -18.16 -25.43 -1.29
C VAL B 312 -17.88 -24.23 -2.22
N ALA B 313 -18.25 -23.06 -1.70
CA ALA B 313 -17.88 -21.83 -2.43
C ALA B 313 -16.42 -21.49 -2.17
N ILE B 314 -15.81 -20.76 -3.12
CA ILE B 314 -14.42 -20.31 -2.89
C ILE B 314 -14.39 -19.61 -1.55
N PRO B 315 -13.45 -19.95 -0.66
CA PRO B 315 -13.49 -19.43 0.71
C PRO B 315 -12.93 -18.01 0.85
N LEU B 316 -13.56 -17.08 0.14
CA LEU B 316 -13.09 -15.69 0.07
C LEU B 316 -14.19 -14.84 0.72
N GLY B 317 -13.80 -14.17 1.80
CA GLY B 317 -14.80 -13.30 2.45
C GLY B 317 -15.26 -13.92 3.75
N LEU B 318 -16.13 -13.18 4.45
CA LEU B 318 -16.58 -13.66 5.77
C LEU B 318 -17.56 -14.81 5.63
N ALA B 319 -18.66 -14.60 4.92
CA ALA B 319 -19.66 -15.67 4.80
C ALA B 319 -19.17 -16.94 4.18
N ALA B 320 -18.30 -16.85 3.15
CA ALA B 320 -17.77 -18.03 2.48
C ALA B 320 -16.75 -18.74 3.36
N THR B 321 -16.06 -18.03 4.25
CA THR B 321 -15.15 -18.73 5.19
C THR B 321 -16.04 -19.45 6.23
N ASP B 322 -17.07 -18.73 6.70
CA ASP B 322 -17.98 -19.37 7.66
C ASP B 322 -18.49 -20.69 7.08
N GLU B 323 -18.93 -20.64 5.81
CA GLU B 323 -19.47 -21.86 5.23
C GLU B 323 -18.46 -22.98 5.08
N LEU B 324 -17.21 -22.64 4.74
CA LEU B 324 -16.16 -23.64 4.69
C LEU B 324 -15.98 -24.30 6.05
N LEU B 325 -15.92 -23.53 7.15
CA LEU B 325 -15.67 -24.13 8.44
C LEU B 325 -16.90 -24.91 8.94
N MET B 326 -18.08 -24.47 8.53
CA MET B 326 -19.28 -25.25 8.96
C MET B 326 -19.27 -26.57 8.19
N THR B 327 -18.78 -26.50 6.94
CA THR B 327 -18.74 -27.78 6.17
C THR B 327 -17.69 -28.71 6.74
N VAL B 328 -16.52 -28.20 7.10
CA VAL B 328 -15.48 -29.02 7.72
C VAL B 328 -16.00 -29.61 9.03
N SER B 329 -16.65 -28.78 9.83
CA SER B 329 -17.27 -29.27 11.06
C SER B 329 -18.30 -30.37 10.84
N GLN B 330 -19.25 -30.21 9.93
CA GLN B 330 -20.25 -31.22 9.63
C GLN B 330 -19.59 -32.52 9.13
N LEU B 331 -18.62 -32.44 8.21
CA LEU B 331 -18.04 -33.69 7.69
C LEU B 331 -17.22 -34.44 8.73
N SER B 332 -16.49 -33.78 9.59
CA SER B 332 -15.55 -34.32 10.54
C SER B 332 -16.23 -34.69 11.87
N GLY B 333 -17.29 -33.95 12.17
CA GLY B 333 -17.95 -34.03 13.47
C GLY B 333 -17.23 -33.25 14.57
N LYS B 334 -16.24 -32.43 14.24
CA LYS B 334 -15.51 -31.66 15.25
C LYS B 334 -16.05 -30.24 15.27
N PRO B 335 -16.04 -29.61 16.44
CA PRO B 335 -16.55 -28.26 16.60
C PRO B 335 -15.59 -27.23 16.01
N ILE B 336 -16.18 -26.10 15.63
CA ILE B 336 -15.32 -24.98 15.17
C ILE B 336 -14.52 -24.44 16.34
N ALA B 337 -13.20 -24.31 16.14
CA ALA B 337 -12.29 -23.88 17.16
C ALA B 337 -12.58 -22.47 17.68
N ASP B 338 -12.43 -22.27 18.97
CA ASP B 338 -12.65 -20.93 19.54
C ASP B 338 -11.69 -19.87 18.98
N ALA B 339 -10.51 -20.24 18.56
CA ALA B 339 -9.57 -19.30 17.97
C ALA B 339 -10.09 -18.82 16.63
N LEU B 340 -10.80 -19.68 15.89
CA LEU B 340 -11.36 -19.26 14.60
C LEU B 340 -12.54 -18.34 14.84
N THR B 341 -13.40 -18.68 15.83
CA THR B 341 -14.49 -17.71 16.11
C THR B 341 -13.99 -16.35 16.55
N LEU B 342 -12.92 -16.29 17.31
CA LEU B 342 -12.29 -15.01 17.70
C LEU B 342 -11.75 -14.27 16.48
N GLU B 343 -11.04 -15.00 15.61
CA GLU B 343 -10.56 -14.36 14.36
C GLU B 343 -11.73 -13.84 13.56
N ARG B 344 -12.81 -14.61 13.37
CA ARG B 344 -14.00 -14.12 12.68
C ARG B 344 -14.47 -12.81 13.29
N GLY B 345 -14.60 -12.70 14.62
CA GLY B 345 -15.13 -11.48 15.22
C GLY B 345 -14.26 -10.27 15.02
N ARG B 346 -12.94 -10.54 14.94
CA ARG B 346 -12.00 -9.45 14.63
C ARG B 346 -12.13 -8.97 13.20
N LEU B 347 -12.38 -9.89 12.27
CA LEU B 347 -12.72 -9.43 10.91
C LEU B 347 -13.98 -8.61 10.89
N VAL B 348 -15.02 -9.03 11.66
CA VAL B 348 -16.26 -8.25 11.65
C VAL B 348 -15.98 -6.89 12.27
N ASP B 349 -15.16 -6.83 13.30
CA ASP B 349 -14.82 -5.55 13.89
C ASP B 349 -14.15 -4.60 12.88
N MET B 350 -13.23 -5.18 12.07
CA MET B 350 -12.61 -4.39 10.98
C MET B 350 -13.63 -3.88 10.00
N MET B 351 -14.55 -4.76 9.60
CA MET B 351 -15.59 -4.39 8.64
C MET B 351 -16.42 -3.24 9.21
N LEU B 352 -16.90 -3.34 10.44
CA LEU B 352 -17.67 -2.26 11.05
C LEU B 352 -16.87 -0.98 11.19
N ASP B 353 -15.57 -1.11 11.50
CA ASP B 353 -14.76 0.08 11.71
C ASP B 353 -14.48 0.81 10.40
N SER B 354 -14.45 0.08 9.28
CA SER B 354 -14.10 0.69 8.00
C SER B 354 -15.25 0.90 7.05
N HIS B 355 -16.50 0.59 7.46
CA HIS B 355 -17.59 0.52 6.51
C HIS B 355 -17.95 1.87 5.92
N THR B 356 -17.75 2.99 6.65
CA THR B 356 -18.20 4.24 6.02
C THR B 356 -17.38 4.64 4.80
N TRP B 357 -16.16 4.13 4.68
CA TRP B 357 -15.38 4.44 3.47
C TRP B 357 -15.66 3.50 2.34
N LEU B 358 -16.22 2.32 2.60
CA LEU B 358 -16.41 1.33 1.54
C LEU B 358 -17.84 1.34 1.01
N HIS B 359 -18.77 1.74 1.90
CA HIS B 359 -20.19 1.63 1.50
C HIS B 359 -20.48 2.46 0.29
N GLY B 360 -21.04 1.81 -0.75
CA GLY B 360 -21.46 2.51 -1.95
C GLY B 360 -20.32 2.77 -2.93
N LYS B 361 -19.10 2.34 -2.56
CA LYS B 361 -18.03 2.51 -3.57
C LYS B 361 -18.24 1.55 -4.71
N LYS B 362 -17.88 2.03 -5.92
CA LYS B 362 -18.09 1.27 -7.15
C LYS B 362 -16.80 0.65 -7.64
N PHE B 363 -16.80 -0.65 -7.91
CA PHE B 363 -15.57 -1.25 -8.44
C PHE B 363 -15.72 -1.97 -9.76
N GLY B 364 -14.69 -1.88 -10.63
CA GLY B 364 -14.56 -2.84 -11.73
C GLY B 364 -13.62 -3.95 -11.25
N LEU B 365 -13.78 -5.15 -11.80
CA LEU B 365 -12.92 -6.24 -11.35
C LEU B 365 -12.80 -7.23 -12.49
N TYR B 366 -11.65 -7.87 -12.65
CA TYR B 366 -11.52 -8.96 -13.61
C TYR B 366 -10.54 -10.01 -13.02
N GLY B 367 -10.57 -11.18 -13.69
CA GLY B 367 -9.68 -12.27 -13.27
C GLY B 367 -10.23 -13.62 -13.69
N ASP B 368 -9.80 -14.68 -13.02
CA ASP B 368 -10.30 -16.02 -13.34
C ASP B 368 -11.73 -16.13 -12.80
N PRO B 369 -12.51 -17.07 -13.27
CA PRO B 369 -13.92 -17.15 -12.92
C PRO B 369 -14.20 -17.39 -11.43
N ASP B 370 -13.49 -18.30 -10.81
CA ASP B 370 -13.70 -18.57 -9.39
C ASP B 370 -13.37 -17.34 -8.54
N PHE B 371 -12.19 -16.75 -8.80
CA PHE B 371 -11.77 -15.58 -8.05
C PHE B 371 -12.76 -14.45 -8.25
N VAL B 372 -13.18 -14.17 -9.50
CA VAL B 372 -14.08 -13.05 -9.72
C VAL B 372 -15.41 -13.31 -9.00
N MET B 373 -15.95 -14.52 -9.08
CA MET B 373 -17.19 -14.75 -8.31
C MET B 373 -16.98 -14.52 -6.81
N GLY B 374 -15.87 -15.05 -6.27
CA GLY B 374 -15.65 -14.91 -4.83
C GLY B 374 -15.52 -13.45 -4.42
N LEU B 375 -14.65 -12.70 -5.14
CA LEU B 375 -14.48 -11.29 -4.76
C LEU B 375 -15.73 -10.47 -4.98
N THR B 376 -16.48 -10.75 -6.05
CA THR B 376 -17.79 -10.07 -6.23
C THR B 376 -18.67 -10.34 -5.03
N ARG B 377 -18.74 -11.62 -4.63
CA ARG B 377 -19.55 -11.90 -3.42
C ARG B 377 -19.17 -11.10 -2.20
N PHE B 378 -17.85 -11.07 -1.90
CA PHE B 378 -17.42 -10.34 -0.71
C PHE B 378 -17.66 -8.84 -0.85
N LEU B 379 -17.46 -8.26 -2.05
CA LEU B 379 -17.77 -6.86 -2.22
C LEU B 379 -19.24 -6.56 -1.91
N LEU B 380 -20.15 -7.41 -2.36
CA LEU B 380 -21.56 -7.22 -1.99
C LEU B 380 -21.76 -7.30 -0.48
N GLU B 381 -21.04 -8.20 0.18
CA GLU B 381 -21.11 -8.34 1.64
C GLU B 381 -20.59 -7.12 2.35
N LEU B 382 -19.68 -6.35 1.77
CA LEU B 382 -19.14 -5.13 2.34
C LEU B 382 -20.04 -3.89 2.09
N GLY B 383 -21.09 -4.09 1.25
CA GLY B 383 -21.87 -2.91 0.86
C GLY B 383 -21.24 -2.08 -0.26
N CYS B 384 -20.37 -2.73 -1.01
CA CYS B 384 -19.79 -2.10 -2.20
C CYS B 384 -20.59 -2.53 -3.43
N GLU B 385 -20.41 -1.81 -4.53
CA GLU B 385 -21.11 -2.11 -5.76
C GLU B 385 -20.10 -2.57 -6.82
N PRO B 386 -20.07 -3.81 -7.16
CA PRO B 386 -19.18 -4.31 -8.23
C PRO B 386 -19.92 -4.03 -9.54
N THR B 387 -19.65 -2.85 -10.12
CA THR B 387 -20.48 -2.44 -11.26
C THR B 387 -20.02 -3.06 -12.56
N VAL B 388 -18.73 -3.35 -12.70
CA VAL B 388 -18.23 -3.89 -13.96
C VAL B 388 -17.42 -5.12 -13.60
N ILE B 389 -17.89 -6.28 -14.06
CA ILE B 389 -17.34 -7.54 -13.64
C ILE B 389 -16.95 -8.35 -14.89
N LEU B 390 -15.69 -8.64 -15.09
CA LEU B 390 -15.27 -9.33 -16.31
C LEU B 390 -14.42 -10.55 -16.08
N SER B 391 -14.72 -11.65 -16.78
CA SER B 391 -13.86 -12.83 -16.71
C SER B 391 -13.73 -13.39 -18.14
N HIS B 392 -12.55 -13.18 -18.69
CA HIS B 392 -12.38 -13.58 -20.12
C HIS B 392 -12.59 -15.06 -20.33
N ASN B 393 -12.24 -15.90 -19.39
CA ASN B 393 -12.22 -17.35 -19.52
C ASN B 393 -13.43 -17.99 -18.86
N ALA B 394 -14.42 -17.18 -18.50
CA ALA B 394 -15.64 -17.73 -17.87
C ALA B 394 -16.65 -18.16 -18.92
N ASN B 395 -17.64 -18.96 -18.51
CA ASN B 395 -18.65 -19.43 -19.49
C ASN B 395 -20.03 -18.94 -19.13
N LYS B 396 -21.02 -19.29 -19.96
CA LYS B 396 -22.38 -18.80 -19.79
C LYS B 396 -23.03 -19.34 -18.50
N ARG B 397 -22.66 -20.51 -18.06
CA ARG B 397 -23.26 -21.02 -16.81
C ARG B 397 -22.79 -20.21 -15.62
N TRP B 398 -21.47 -19.92 -15.65
CA TRP B 398 -20.92 -19.01 -14.64
C TRP B 398 -21.59 -17.66 -14.69
N GLN B 399 -21.77 -17.08 -15.89
CA GLN B 399 -22.40 -15.77 -16.01
C GLN B 399 -23.86 -15.74 -15.51
N LYS B 400 -24.56 -16.85 -15.69
CA LYS B 400 -25.93 -16.98 -15.20
C LYS B 400 -25.89 -16.98 -13.66
N ALA B 401 -25.00 -17.79 -13.09
CA ALA B 401 -24.89 -17.80 -11.62
C ALA B 401 -24.49 -16.44 -11.04
N MET B 402 -23.58 -15.74 -11.74
CA MET B 402 -23.21 -14.41 -11.30
C MET B 402 -24.38 -13.44 -11.31
N ASN B 403 -25.12 -13.40 -12.41
CA ASN B 403 -26.29 -12.48 -12.46
C ASN B 403 -27.33 -12.86 -11.41
N LYS B 404 -27.47 -14.12 -11.12
CA LYS B 404 -28.42 -14.58 -10.07
C LYS B 404 -28.00 -14.00 -8.73
N MET B 405 -26.70 -14.16 -8.39
CA MET B 405 -26.18 -13.60 -7.14
C MET B 405 -26.34 -12.10 -7.06
N LEU B 406 -26.06 -11.36 -8.13
CA LEU B 406 -26.17 -9.94 -8.21
C LEU B 406 -27.62 -9.43 -8.10
N ASP B 407 -28.52 -10.07 -8.82
CA ASP B 407 -29.93 -9.71 -8.77
C ASP B 407 -30.51 -9.87 -7.37
N ALA B 408 -30.04 -10.85 -6.60
CA ALA B 408 -30.57 -11.04 -5.25
C ALA B 408 -30.08 -10.01 -4.28
N SER B 409 -29.02 -9.25 -4.60
CA SER B 409 -28.39 -8.38 -3.61
C SER B 409 -28.80 -6.94 -3.76
N PRO B 410 -28.95 -6.17 -2.67
CA PRO B 410 -29.21 -4.77 -2.76
C PRO B 410 -28.11 -3.99 -3.49
N TYR B 411 -26.89 -4.55 -3.48
CA TYR B 411 -25.72 -3.93 -4.01
C TYR B 411 -25.35 -4.34 -5.41
N GLY B 412 -26.18 -5.20 -6.05
CA GLY B 412 -25.88 -5.66 -7.40
C GLY B 412 -26.78 -5.03 -8.46
N ARG B 413 -27.47 -3.94 -8.13
CA ARG B 413 -28.46 -3.39 -9.06
C ARG B 413 -27.91 -2.71 -10.29
N ASP B 414 -26.67 -2.24 -10.24
CA ASP B 414 -26.03 -1.58 -11.37
C ASP B 414 -24.86 -2.44 -11.84
N SER B 415 -24.92 -3.74 -11.65
CA SER B 415 -23.75 -4.56 -11.96
C SER B 415 -23.91 -5.22 -13.34
N GLU B 416 -22.87 -5.17 -14.14
CA GLU B 416 -22.85 -5.78 -15.46
C GLU B 416 -21.73 -6.81 -15.49
N VAL B 417 -22.01 -7.99 -16.03
CA VAL B 417 -21.08 -9.09 -16.07
C VAL B 417 -20.75 -9.41 -17.52
N PHE B 418 -19.43 -9.51 -17.79
CA PHE B 418 -18.95 -9.76 -19.14
C PHE B 418 -18.09 -11.01 -19.21
N ILE B 419 -18.34 -11.90 -20.16
CA ILE B 419 -17.56 -13.09 -20.37
C ILE B 419 -17.00 -13.03 -21.80
N ASN B 420 -15.89 -13.71 -22.00
CA ASN B 420 -15.31 -13.79 -23.34
C ASN B 420 -15.01 -12.41 -23.91
N CYS B 421 -14.66 -11.50 -23.00
CA CYS B 421 -14.27 -10.14 -23.27
C CYS B 421 -12.90 -9.89 -22.61
N ASP B 422 -12.12 -9.02 -23.24
CA ASP B 422 -10.73 -8.86 -22.81
C ASP B 422 -10.48 -7.53 -22.17
N LEU B 423 -9.20 -7.15 -21.92
CA LEU B 423 -8.92 -5.92 -21.23
C LEU B 423 -9.03 -4.68 -22.09
N TRP B 424 -9.10 -4.83 -23.43
CA TRP B 424 -9.39 -3.68 -24.28
C TRP B 424 -10.89 -3.32 -24.21
N HIS B 425 -11.73 -4.37 -24.00
CA HIS B 425 -13.12 -4.17 -23.62
C HIS B 425 -13.22 -3.50 -22.25
N PHE B 426 -12.44 -4.05 -21.29
CA PHE B 426 -12.49 -3.50 -19.94
C PHE B 426 -12.07 -2.04 -19.91
N ARG B 427 -11.07 -1.70 -20.72
CA ARG B 427 -10.63 -0.31 -20.84
C ARG B 427 -11.78 0.62 -21.24
N SER B 428 -12.55 0.23 -22.27
CA SER B 428 -13.70 1.06 -22.63
C SER B 428 -14.67 1.20 -21.48
N LEU B 429 -14.93 0.08 -20.80
CA LEU B 429 -15.88 0.11 -19.68
C LEU B 429 -15.40 1.03 -18.58
N MET B 430 -14.07 1.08 -18.35
CA MET B 430 -13.60 2.02 -17.34
C MET B 430 -13.85 3.47 -17.73
N PHE B 431 -13.77 3.78 -19.02
CA PHE B 431 -14.13 5.10 -19.49
C PHE B 431 -15.64 5.36 -19.42
N THR B 432 -16.46 4.41 -19.82
CA THR B 432 -17.91 4.73 -19.87
C THR B 432 -18.61 4.52 -18.55
N ARG B 433 -18.23 3.50 -17.79
CA ARG B 433 -18.96 3.23 -16.53
C ARG B 433 -18.30 3.91 -15.34
N GLN B 434 -17.01 4.27 -15.47
CA GLN B 434 -16.27 4.97 -14.43
C GLN B 434 -16.59 4.52 -13.00
N PRO B 435 -16.18 3.33 -12.62
CA PRO B 435 -16.21 2.93 -11.20
C PRO B 435 -15.16 3.76 -10.49
N ASP B 436 -15.20 3.67 -9.15
CA ASP B 436 -14.27 4.45 -8.33
C ASP B 436 -12.87 3.86 -8.50
N PHE B 437 -12.78 2.53 -8.48
CA PHE B 437 -11.55 1.78 -8.53
C PHE B 437 -11.70 0.54 -9.40
N MET B 438 -10.58 -0.01 -9.84
CA MET B 438 -10.64 -1.31 -10.51
C MET B 438 -9.71 -2.29 -9.81
N ILE B 439 -10.15 -3.50 -9.66
CA ILE B 439 -9.34 -4.58 -9.04
C ILE B 439 -8.87 -5.51 -10.14
N GLY B 440 -7.53 -5.62 -10.24
CA GLY B 440 -7.00 -6.40 -11.37
C GLY B 440 -5.56 -6.80 -11.10
N ASN B 441 -4.91 -7.22 -12.20
CA ASN B 441 -3.48 -7.61 -12.10
C ASN B 441 -2.66 -6.51 -12.78
N SER B 442 -1.34 -6.79 -12.93
CA SER B 442 -0.47 -5.71 -13.42
C SER B 442 -0.82 -5.19 -14.80
N TYR B 443 -1.52 -5.95 -15.64
CA TYR B 443 -1.94 -5.41 -16.95
C TYR B 443 -2.92 -4.27 -16.77
N GLY B 444 -3.59 -4.21 -15.63
CA GLY B 444 -4.48 -3.05 -15.38
C GLY B 444 -3.79 -1.72 -15.25
N LYS B 445 -2.45 -1.73 -15.06
CA LYS B 445 -1.74 -0.43 -14.92
C LYS B 445 -1.89 0.40 -16.20
N PHE B 446 -1.99 -0.28 -17.34
CA PHE B 446 -2.10 0.49 -18.58
C PHE B 446 -3.47 1.16 -18.69
N ILE B 447 -4.47 0.49 -18.10
CA ILE B 447 -5.81 1.08 -18.15
C ILE B 447 -5.86 2.26 -17.20
N GLN B 448 -5.24 2.12 -16.00
CA GLN B 448 -5.17 3.27 -15.13
C GLN B 448 -4.52 4.48 -15.79
N ARG B 449 -3.37 4.27 -16.45
CA ARG B 449 -2.69 5.29 -17.21
C ARG B 449 -3.62 5.88 -18.29
N ASP B 450 -4.26 4.99 -19.04
CA ASP B 450 -5.14 5.49 -20.12
C ASP B 450 -6.22 6.38 -19.53
N THR B 451 -6.87 6.00 -18.42
CA THR B 451 -7.96 6.82 -17.89
C THR B 451 -7.46 8.14 -17.35
N LEU B 452 -6.24 8.16 -16.73
CA LEU B 452 -5.65 9.40 -16.26
C LEU B 452 -5.33 10.38 -17.39
N ALA B 453 -5.03 9.83 -18.55
CA ALA B 453 -4.69 10.70 -19.70
C ALA B 453 -5.92 11.44 -20.21
N LYS B 454 -7.11 10.89 -19.95
CA LYS B 454 -8.31 11.68 -20.30
C LYS B 454 -8.38 12.85 -19.36
N GLY B 455 -8.02 12.68 -18.08
CA GLY B 455 -8.00 13.74 -17.09
C GLY B 455 -7.96 13.18 -15.66
N LYS B 456 -7.52 13.98 -14.71
CA LYS B 456 -7.45 13.50 -13.32
C LYS B 456 -8.82 13.09 -12.80
N ALA B 457 -9.89 13.74 -13.23
CA ALA B 457 -11.23 13.41 -12.80
C ALA B 457 -11.68 12.05 -13.32
N PHE B 458 -11.01 11.49 -14.33
CA PHE B 458 -11.47 10.25 -14.97
C PHE B 458 -10.62 9.06 -14.56
N GLU B 459 -9.54 9.34 -13.79
CA GLU B 459 -8.62 8.24 -13.45
C GLU B 459 -9.32 7.17 -12.63
N VAL B 460 -9.14 5.91 -13.03
CA VAL B 460 -9.64 4.80 -12.21
C VAL B 460 -8.41 4.08 -11.61
N PRO B 461 -8.11 4.27 -10.34
CA PRO B 461 -6.90 3.63 -9.78
C PRO B 461 -7.06 2.12 -9.73
N LEU B 462 -5.94 1.45 -9.98
CA LEU B 462 -5.86 0.00 -9.86
C LEU B 462 -5.52 -0.46 -8.45
N ILE B 463 -6.27 -1.47 -8.04
CA ILE B 463 -5.96 -2.24 -6.79
C ILE B 463 -5.50 -3.62 -7.23
N ARG B 464 -4.25 -4.00 -6.84
CA ARG B 464 -3.68 -5.27 -7.35
C ARG B 464 -4.10 -6.46 -6.47
N LEU B 465 -5.01 -7.26 -7.03
CA LEU B 465 -5.41 -8.55 -6.45
C LEU B 465 -5.68 -9.48 -7.64
N GLY B 466 -4.85 -10.53 -7.72
CA GLY B 466 -4.98 -11.46 -8.82
C GLY B 466 -3.60 -11.94 -9.30
N PHE B 467 -3.54 -12.25 -10.61
CA PHE B 467 -2.30 -12.79 -11.20
C PHE B 467 -2.28 -12.46 -12.70
N PRO B 468 -1.12 -12.09 -13.24
CA PRO B 468 0.12 -11.95 -12.55
C PRO B 468 0.33 -10.56 -11.94
N LEU B 469 1.15 -10.51 -10.89
CA LEU B 469 1.55 -9.29 -10.20
C LEU B 469 3.07 -9.16 -10.37
N PHE B 470 3.39 -8.32 -11.38
CA PHE B 470 4.76 -8.22 -11.87
C PHE B 470 5.46 -6.92 -11.54
N ASP B 471 4.72 -5.92 -11.08
CA ASP B 471 5.26 -4.57 -10.95
C ASP B 471 5.26 -4.05 -9.50
N ARG B 472 4.97 -4.98 -8.60
CA ARG B 472 5.15 -4.73 -7.16
C ARG B 472 5.86 -5.99 -6.66
N HIS B 473 6.54 -5.98 -5.53
CA HIS B 473 7.24 -7.16 -5.04
C HIS B 473 6.51 -7.79 -3.85
N HIS B 474 6.58 -9.11 -3.78
CA HIS B 474 6.16 -9.88 -2.62
C HIS B 474 4.68 -9.85 -2.31
N LEU B 475 3.85 -9.41 -3.28
CA LEU B 475 2.40 -9.50 -3.01
C LEU B 475 1.99 -10.96 -3.07
N HIS B 476 2.75 -11.80 -3.77
CA HIS B 476 2.45 -13.22 -3.85
C HIS B 476 2.51 -13.89 -2.50
N ARG B 477 3.13 -13.28 -1.48
CA ARG B 477 3.14 -13.89 -0.16
C ARG B 477 1.80 -13.72 0.55
N GLN B 478 0.94 -12.84 0.09
CA GLN B 478 -0.29 -12.50 0.79
C GLN B 478 -1.28 -13.67 0.84
N THR B 479 -2.32 -13.39 1.63
CA THR B 479 -3.44 -14.32 1.79
C THR B 479 -4.70 -13.61 1.33
N THR B 480 -5.55 -14.27 0.58
CA THR B 480 -6.84 -13.71 0.19
C THR B 480 -8.02 -14.60 0.60
N TRP B 481 -7.75 -15.79 1.12
CA TRP B 481 -8.82 -16.71 1.55
C TRP B 481 -8.88 -16.73 3.08
N GLY B 482 -9.99 -17.25 3.64
CA GLY B 482 -10.17 -17.34 5.08
C GLY B 482 -10.49 -15.95 5.66
N TYR B 483 -10.60 -15.97 6.99
CA TYR B 483 -10.74 -14.69 7.70
C TYR B 483 -9.45 -13.92 7.52
N GLU B 484 -8.29 -14.51 7.56
CA GLU B 484 -7.02 -13.81 7.41
C GLU B 484 -6.96 -13.07 6.07
N GLY B 485 -7.35 -13.77 5.01
CA GLY B 485 -7.32 -13.13 3.69
C GLY B 485 -8.40 -12.05 3.55
N ALA B 486 -9.54 -12.22 4.25
CA ALA B 486 -10.55 -11.17 4.19
C ALA B 486 -10.03 -9.94 4.91
N MET B 487 -9.26 -10.13 5.99
CA MET B 487 -8.66 -8.97 6.65
C MET B 487 -7.76 -8.21 5.66
N ASN B 488 -6.98 -8.98 4.91
CA ASN B 488 -6.13 -8.31 3.88
C ASN B 488 -6.97 -7.52 2.89
N ILE B 489 -8.00 -8.21 2.37
CA ILE B 489 -8.84 -7.51 1.38
C ILE B 489 -9.50 -6.25 1.96
N VAL B 490 -10.08 -6.37 3.17
CA VAL B 490 -10.68 -5.15 3.73
C VAL B 490 -9.67 -4.04 3.87
N THR B 491 -8.52 -4.33 4.48
CA THR B 491 -7.48 -3.29 4.68
C THR B 491 -7.02 -2.71 3.33
N THR B 492 -6.81 -3.59 2.36
CA THR B 492 -6.36 -3.10 1.03
C THR B 492 -7.41 -2.19 0.42
N LEU B 493 -8.70 -2.56 0.49
CA LEU B 493 -9.72 -1.72 -0.14
C LEU B 493 -9.86 -0.39 0.55
N VAL B 494 -10.04 -0.40 1.88
CA VAL B 494 -10.22 0.85 2.61
C VAL B 494 -9.01 1.74 2.41
N ASN B 495 -7.79 1.20 2.51
CA ASN B 495 -6.63 2.08 2.39
C ASN B 495 -6.45 2.59 0.95
N ALA B 496 -6.92 1.84 -0.05
CA ALA B 496 -6.92 2.38 -1.41
C ALA B 496 -7.85 3.61 -1.46
N VAL B 497 -9.03 3.50 -0.90
CA VAL B 497 -9.94 4.68 -0.83
C VAL B 497 -9.29 5.87 -0.18
N LEU B 498 -8.66 5.59 0.97
CA LEU B 498 -8.05 6.68 1.76
C LEU B 498 -6.81 7.25 1.06
N GLU B 499 -6.02 6.44 0.38
CA GLU B 499 -4.86 6.98 -0.34
C GLU B 499 -5.29 7.90 -1.48
N LYS B 500 -6.38 7.48 -2.17
CA LYS B 500 -6.86 8.33 -3.29
C LYS B 500 -7.46 9.58 -2.73
N LEU B 501 -8.23 9.50 -1.63
CA LEU B 501 -8.81 10.72 -1.05
C LEU B 501 -7.75 11.68 -0.57
N ASP B 502 -6.70 11.19 0.10
CA ASP B 502 -5.57 12.04 0.44
C ASP B 502 -4.95 12.67 -0.81
N SER B 503 -4.77 11.88 -1.88
CA SER B 503 -4.12 12.51 -3.04
C SER B 503 -5.00 13.62 -3.60
N ASP B 504 -6.30 13.37 -3.67
CA ASP B 504 -7.22 14.36 -4.21
C ASP B 504 -7.31 15.61 -3.34
N THR B 505 -7.08 15.48 -2.03
CA THR B 505 -7.20 16.61 -1.10
C THR B 505 -5.83 17.15 -0.69
N SER B 506 -4.77 16.90 -1.50
CA SER B 506 -3.42 17.26 -1.09
C SER B 506 -2.91 18.52 -1.79
N GLN B 507 -3.78 19.25 -2.47
CA GLN B 507 -3.34 20.48 -3.17
C GLN B 507 -3.41 21.68 -2.22
N LEU B 508 -2.24 22.11 -1.76
CA LEU B 508 -2.12 23.20 -0.79
C LEU B 508 -2.89 24.44 -1.21
N GLY B 509 -3.81 24.88 -0.33
CA GLY B 509 -4.64 26.07 -0.55
C GLY B 509 -5.85 25.86 -1.41
N LYS B 510 -6.03 24.65 -1.98
CA LYS B 510 -7.10 24.39 -2.91
C LYS B 510 -8.01 23.29 -2.40
N THR B 511 -7.54 22.05 -2.31
CA THR B 511 -8.45 20.96 -1.90
C THR B 511 -8.06 20.50 -0.47
N ASP B 512 -7.09 21.11 0.18
CA ASP B 512 -6.66 20.57 1.47
C ASP B 512 -7.51 21.01 2.65
N TYR B 513 -8.66 21.69 2.42
CA TYR B 513 -9.63 21.87 3.49
C TYR B 513 -10.05 20.48 3.96
N SER B 514 -10.04 19.45 3.10
CA SER B 514 -10.47 18.11 3.47
C SER B 514 -9.31 17.11 3.56
N PHE B 515 -8.09 17.58 3.83
CA PHE B 515 -6.91 16.71 3.92
C PHE B 515 -6.81 16.31 5.41
N ASP B 516 -7.85 15.61 5.90
CA ASP B 516 -7.98 15.35 7.33
C ASP B 516 -6.86 14.48 7.91
N LEU B 517 -6.37 14.84 9.09
CA LEU B 517 -5.42 13.99 9.81
C LEU B 517 -6.08 12.65 10.13
N VAL B 518 -7.31 12.68 10.64
CA VAL B 518 -7.97 11.47 11.15
C VAL B 518 -9.03 11.03 10.16
N ARG B 519 -8.97 9.77 9.74
CA ARG B 519 -9.95 9.14 8.90
C ARG B 519 -10.37 7.77 9.44
N THR C 1 -46.52 10.13 34.28
CA THR C 1 -45.93 10.04 32.91
C THR C 1 -46.61 8.93 32.14
N ASN C 2 -46.17 8.56 30.95
CA ASN C 2 -46.74 7.46 30.21
C ASN C 2 -45.97 6.15 30.39
N ALA C 3 -46.34 5.11 29.66
CA ALA C 3 -45.73 3.79 29.84
C ALA C 3 -44.22 3.85 29.53
N THR C 4 -43.90 4.50 28.42
CA THR C 4 -42.49 4.72 28.08
C THR C 4 -41.76 5.43 29.20
N GLY C 5 -42.27 6.52 29.75
CA GLY C 5 -41.73 7.22 30.90
C GLY C 5 -41.56 6.29 32.11
N GLU C 6 -42.52 5.44 32.44
CA GLU C 6 -42.35 4.60 33.63
C GLU C 6 -41.21 3.59 33.49
N ARG C 7 -41.09 3.01 32.32
CA ARG C 7 -40.00 2.08 32.00
C ARG C 7 -38.66 2.80 32.10
N ASN C 8 -38.59 4.07 31.61
CA ASN C 8 -37.35 4.82 31.79
C ASN C 8 -37.06 5.18 33.21
N LEU C 9 -38.07 5.49 34.04
CA LEU C 9 -37.80 5.81 35.45
C LEU C 9 -37.32 4.57 36.21
N ALA C 10 -37.83 3.40 35.84
CA ALA C 10 -37.40 2.16 36.48
C ALA C 10 -35.97 1.85 36.03
N LEU C 11 -35.73 2.09 34.74
CA LEU C 11 -34.34 1.88 34.23
C LEU C 11 -33.38 2.79 34.95
N ILE C 12 -33.68 4.04 35.23
CA ILE C 12 -32.87 4.94 36.02
C ILE C 12 -32.50 4.36 37.39
N GLN C 13 -33.51 3.89 38.11
CA GLN C 13 -33.28 3.28 39.41
C GLN C 13 -32.40 2.04 39.30
N GLU C 14 -32.61 1.20 38.29
CA GLU C 14 -31.79 -0.01 38.14
C GLU C 14 -30.36 0.35 37.80
N VAL C 15 -30.19 1.27 36.83
CA VAL C 15 -28.80 1.67 36.53
C VAL C 15 -28.06 2.21 37.71
N LEU C 16 -28.62 3.09 38.56
CA LEU C 16 -27.91 3.72 39.62
C LEU C 16 -27.62 2.87 40.86
N GLU C 17 -28.20 1.68 40.86
CA GLU C 17 -28.01 0.79 42.01
C GLU C 17 -26.55 0.46 42.25
N VAL C 18 -25.72 0.37 41.19
CA VAL C 18 -24.30 0.07 41.34
C VAL C 18 -23.48 1.13 42.03
N PHE C 19 -23.90 2.40 42.01
CA PHE C 19 -23.13 3.49 42.56
C PHE C 19 -23.12 3.46 44.09
N PRO C 20 -21.98 3.79 44.65
CA PRO C 20 -21.89 3.98 46.10
C PRO C 20 -22.97 5.03 46.43
N GLU C 21 -23.49 4.98 47.64
CA GLU C 21 -24.59 5.85 48.06
C GLU C 21 -24.49 7.33 47.79
N THR C 22 -23.39 7.96 48.10
CA THR C 22 -23.15 9.38 47.93
C THR C 22 -23.39 9.76 46.46
N ALA C 23 -22.60 9.10 45.61
CA ALA C 23 -22.74 9.32 44.16
C ALA C 23 -24.10 8.95 43.65
N ARG C 24 -24.74 7.89 44.14
CA ARG C 24 -26.02 7.43 43.64
C ARG C 24 -27.09 8.54 43.73
N LYS C 25 -27.14 9.11 44.94
CA LYS C 25 -28.11 10.19 45.19
C LYS C 25 -27.79 11.40 44.31
N GLU C 26 -26.52 11.72 44.12
CA GLU C 26 -26.14 12.87 43.30
C GLU C 26 -26.48 12.58 41.83
N ARG C 27 -26.13 11.38 41.36
CA ARG C 27 -26.43 11.02 39.99
C ARG C 27 -27.91 11.02 39.63
N ARG C 28 -28.82 10.71 40.57
CA ARG C 28 -30.23 10.66 40.33
C ARG C 28 -30.81 12.00 39.85
N LYS C 29 -30.16 13.09 40.24
CA LYS C 29 -30.65 14.41 39.90
C LYS C 29 -30.13 14.80 38.50
N HIS C 30 -29.32 13.95 37.86
CA HIS C 30 -28.90 14.23 36.48
C HIS C 30 -29.67 13.50 35.44
N MET C 31 -30.86 12.94 35.69
CA MET C 31 -31.66 12.25 34.74
C MET C 31 -33.17 12.39 35.01
N MET C 32 -33.94 12.40 33.94
CA MET C 32 -35.41 12.56 34.08
C MET C 32 -36.10 12.00 32.85
N VAL C 33 -37.45 12.00 32.85
CA VAL C 33 -38.21 11.57 31.69
C VAL C 33 -39.02 12.80 31.25
N SER C 34 -39.11 13.05 29.96
CA SER C 34 -39.70 14.31 29.51
C SER C 34 -41.22 14.32 29.55
N ASP C 35 -41.78 15.49 29.69
CA ASP C 35 -43.20 15.82 29.74
C ASP C 35 -43.42 16.94 28.70
N PRO C 36 -44.31 16.68 27.76
CA PRO C 36 -44.55 17.61 26.66
C PRO C 36 -45.25 18.88 27.08
N LYS C 37 -45.86 18.93 28.26
CA LYS C 37 -46.50 20.13 28.79
C LYS C 37 -45.56 20.99 29.62
N MET C 38 -44.33 20.50 29.81
CA MET C 38 -43.31 21.19 30.57
C MET C 38 -42.52 22.14 29.67
N LYS C 39 -42.35 23.36 30.16
CA LYS C 39 -41.64 24.39 29.42
C LYS C 39 -40.29 24.70 30.04
N SER C 40 -40.10 24.29 31.29
CA SER C 40 -38.86 24.50 32.02
C SER C 40 -38.51 23.23 32.78
N VAL C 41 -37.22 22.96 32.99
CA VAL C 41 -36.93 21.75 33.76
C VAL C 41 -37.08 22.03 35.23
N GLY C 42 -36.88 23.26 35.70
CA GLY C 42 -37.12 23.56 37.11
C GLY C 42 -36.17 22.77 38.00
N LYS C 43 -36.75 21.98 38.89
CA LYS C 43 -35.99 21.16 39.82
C LYS C 43 -35.81 19.75 39.29
N CYS C 44 -36.32 19.43 38.10
CA CYS C 44 -36.39 18.06 37.63
C CYS C 44 -35.01 17.48 37.25
N ILE C 45 -34.08 18.34 36.88
CA ILE C 45 -32.72 17.87 36.53
C ILE C 45 -31.73 18.94 36.95
N ILE C 46 -30.46 18.53 37.21
CA ILE C 46 -29.41 19.49 37.51
C ILE C 46 -28.26 19.16 36.53
N SER C 47 -27.50 20.22 36.26
CA SER C 47 -26.42 20.02 35.26
C SER C 47 -25.33 21.01 35.54
N ASN C 48 -24.22 20.94 34.77
CA ASN C 48 -23.08 21.81 34.93
C ASN C 48 -22.50 21.80 36.34
N ARG C 49 -22.41 20.58 36.87
CA ARG C 49 -21.84 20.27 38.16
C ARG C 49 -20.55 19.47 37.95
N LYS C 50 -19.71 19.42 38.98
CA LYS C 50 -18.49 18.65 38.84
C LYS C 50 -18.88 17.23 38.44
N SER C 51 -17.86 16.70 37.76
CA SER C 51 -18.14 15.29 37.59
C SER C 51 -17.80 14.33 38.76
N GLN C 52 -18.44 13.16 38.78
CA GLN C 52 -18.08 12.21 39.85
C GLN C 52 -16.71 11.62 39.61
N PRO C 53 -15.81 11.66 40.56
CA PRO C 53 -14.48 11.09 40.42
C PRO C 53 -14.58 9.62 40.09
N GLY C 54 -13.73 9.19 39.12
CA GLY C 54 -13.55 7.78 38.84
C GLY C 54 -14.55 7.08 37.98
N VAL C 55 -15.52 7.80 37.39
CA VAL C 55 -16.64 7.13 36.73
C VAL C 55 -16.51 7.00 35.21
N MET C 56 -15.44 7.58 34.67
CA MET C 56 -15.29 7.57 33.20
C MET C 56 -16.32 8.48 32.52
N THR C 57 -16.35 9.73 32.99
CA THR C 57 -17.11 10.76 32.29
C THR C 57 -16.57 10.91 30.85
N VAL C 58 -17.42 11.34 29.94
CA VAL C 58 -17.07 11.63 28.56
C VAL C 58 -16.46 13.00 28.43
N ARG C 59 -16.62 13.88 29.44
CA ARG C 59 -16.19 15.25 29.34
C ARG C 59 -14.68 15.46 29.18
N GLY C 60 -14.40 16.63 28.56
CA GLY C 60 -13.06 17.20 28.51
C GLY C 60 -12.91 18.38 29.48
N CYS C 61 -12.01 19.30 29.19
CA CYS C 61 -11.64 20.35 30.09
C CYS C 61 -11.83 21.74 29.50
N ALA C 62 -11.56 22.77 30.30
CA ALA C 62 -11.72 24.12 29.78
C ALA C 62 -10.74 24.47 28.67
N TYR C 63 -9.55 23.88 28.61
CA TYR C 63 -8.65 24.14 27.49
C TYR C 63 -9.27 23.58 26.22
N ALA C 64 -9.97 22.46 26.28
CA ALA C 64 -10.66 21.92 25.12
C ALA C 64 -11.77 22.89 24.67
N GLY C 65 -12.43 23.50 25.68
CA GLY C 65 -13.49 24.44 25.28
C GLY C 65 -12.92 25.73 24.69
N SER C 66 -11.81 26.22 25.20
CA SER C 66 -11.27 27.47 24.70
C SER C 66 -10.39 27.31 23.46
N LYS C 67 -9.34 26.51 23.63
CA LYS C 67 -8.42 26.26 22.51
C LYS C 67 -9.11 25.38 21.49
N GLY C 68 -9.59 24.22 21.94
CA GLY C 68 -10.08 23.23 20.98
C GLY C 68 -11.32 23.67 20.23
N VAL C 69 -12.20 24.42 20.89
CA VAL C 69 -13.49 24.70 20.31
C VAL C 69 -13.60 26.14 19.83
N VAL C 70 -13.39 27.13 20.69
CA VAL C 70 -13.61 28.51 20.25
C VAL C 70 -12.49 29.14 19.49
N PHE C 71 -11.26 29.12 19.95
CA PHE C 71 -10.17 29.83 19.31
C PHE C 71 -9.44 29.07 18.22
N GLY C 72 -9.27 27.78 18.45
CA GLY C 72 -8.59 26.88 17.50
C GLY C 72 -9.01 27.03 16.06
N PRO C 73 -10.27 27.16 15.74
CA PRO C 73 -10.74 27.33 14.36
C PRO C 73 -10.28 28.60 13.68
N ILE C 74 -9.98 29.68 14.39
CA ILE C 74 -9.69 30.98 13.74
C ILE C 74 -8.42 30.86 12.94
N LYS C 75 -8.54 30.88 11.61
CA LYS C 75 -7.43 30.47 10.74
C LYS C 75 -6.27 31.40 10.62
N ASP C 76 -6.52 32.71 10.80
CA ASP C 76 -5.49 33.70 10.51
C ASP C 76 -4.70 34.10 11.73
N MET C 77 -4.92 33.38 12.85
CA MET C 77 -4.19 33.63 14.07
C MET C 77 -3.38 32.37 14.44
N ALA C 78 -2.25 32.55 15.10
CA ALA C 78 -1.51 31.40 15.64
C ALA C 78 -1.95 31.21 17.09
N HIS C 79 -2.36 30.00 17.45
CA HIS C 79 -2.80 29.72 18.82
C HIS C 79 -1.78 28.86 19.54
N ILE C 80 -1.20 29.37 20.62
CA ILE C 80 -0.12 28.66 21.31
C ILE C 80 -0.65 27.79 22.45
N SER C 81 -0.43 26.47 22.40
CA SER C 81 -0.83 25.63 23.55
C SER C 81 0.28 25.79 24.56
N HIS C 82 0.01 26.54 25.64
CA HIS C 82 1.08 26.96 26.54
C HIS C 82 1.16 26.11 27.80
N GLY C 83 2.22 25.34 27.93
CA GLY C 83 2.31 24.34 29.04
C GLY C 83 3.07 23.15 28.41
N PRO C 84 2.94 21.96 29.00
CA PRO C 84 3.65 20.77 28.53
C PRO C 84 3.04 20.29 27.21
N VAL C 85 3.76 19.33 26.61
CA VAL C 85 3.40 18.95 25.23
C VAL C 85 2.13 18.19 24.99
N GLY C 86 1.50 17.52 25.96
CA GLY C 86 0.38 16.66 25.65
C GLY C 86 -0.80 17.32 25.00
N CYS C 87 -1.33 18.36 25.63
CA CYS C 87 -2.66 18.92 25.36
C CYS C 87 -2.71 19.24 23.87
N GLY C 88 -1.65 19.96 23.44
CA GLY C 88 -1.65 20.46 22.05
C GLY C 88 -1.49 19.32 21.05
N GLN C 89 -0.75 18.30 21.49
CA GLN C 89 -0.62 17.14 20.57
C GLN C 89 -1.89 16.35 20.46
N TYR C 90 -2.59 16.02 21.56
CA TYR C 90 -3.81 15.22 21.43
C TYR C 90 -4.90 16.01 20.71
N SER C 91 -4.87 17.35 20.83
CA SER C 91 -5.90 18.15 20.16
C SER C 91 -5.41 18.69 18.83
N ARG C 92 -4.30 18.17 18.28
CA ARG C 92 -3.87 18.65 16.97
C ARG C 92 -4.69 18.03 15.84
N ALA C 93 -5.51 18.85 15.16
CA ALA C 93 -6.32 18.45 14.03
C ALA C 93 -7.25 17.29 14.32
N GLY C 94 -7.77 17.24 15.56
CA GLY C 94 -8.79 16.25 15.89
C GLY C 94 -10.19 16.68 15.42
N ARG C 95 -10.46 17.99 15.60
CA ARG C 95 -11.77 18.56 15.30
C ARG C 95 -11.72 19.14 13.88
N ARG C 96 -12.69 18.72 13.12
CA ARG C 96 -12.77 19.03 11.68
C ARG C 96 -13.37 20.41 11.43
N ASN C 97 -12.86 21.42 12.13
CA ASN C 97 -13.33 22.80 11.91
C ASN C 97 -12.65 23.34 10.64
N TYR C 98 -13.33 23.07 9.55
CA TYR C 98 -12.76 23.34 8.22
C TYR C 98 -12.43 24.77 7.95
N TYR C 99 -11.34 24.98 7.19
CA TYR C 99 -11.02 26.32 6.74
C TYR C 99 -10.23 26.17 5.44
N THR C 100 -10.22 27.27 4.67
CA THR C 100 -9.33 27.30 3.51
C THR C 100 -8.17 28.24 3.80
N GLY C 101 -7.03 27.93 3.18
CA GLY C 101 -5.83 28.72 3.37
C GLY C 101 -4.60 27.94 2.96
N VAL C 102 -3.48 28.58 3.20
CA VAL C 102 -2.14 28.02 2.94
C VAL C 102 -1.44 27.76 4.27
N SER C 103 -1.50 26.47 4.63
CA SER C 103 -1.01 26.02 5.95
C SER C 103 0.39 26.42 6.26
N GLY C 104 0.59 27.06 7.43
CA GLY C 104 1.90 27.46 7.86
C GLY C 104 2.32 28.82 7.32
N VAL C 105 1.49 29.37 6.46
CA VAL C 105 1.88 30.62 5.78
C VAL C 105 0.88 31.72 6.06
N ASP C 106 -0.40 31.55 5.71
CA ASP C 106 -1.40 32.53 6.07
C ASP C 106 -2.51 31.96 6.93
N SER C 107 -2.46 30.66 7.24
CA SER C 107 -3.50 29.97 7.99
C SER C 107 -2.81 28.85 8.78
N PHE C 108 -3.20 28.69 10.04
CA PHE C 108 -2.35 27.91 10.97
C PHE C 108 -3.08 26.86 11.75
N GLY C 109 -4.30 26.51 11.40
CA GLY C 109 -5.11 25.62 12.23
C GLY C 109 -4.60 24.21 12.38
N THR C 110 -3.80 23.71 11.46
CA THR C 110 -3.31 22.32 11.57
C THR C 110 -1.91 22.27 12.16
N LEU C 111 -1.27 23.44 12.36
CA LEU C 111 0.02 23.40 13.05
C LEU C 111 -0.22 23.32 14.56
N ASN C 112 0.69 22.71 15.30
CA ASN C 112 0.58 22.68 16.76
C ASN C 112 1.76 23.51 17.31
N PHE C 113 1.44 24.75 17.71
CA PHE C 113 2.40 25.60 18.38
C PHE C 113 2.31 25.37 19.91
N THR C 114 3.49 25.19 20.51
CA THR C 114 3.49 24.93 21.95
C THR C 114 4.78 25.42 22.55
N SER C 115 4.70 25.69 23.86
CA SER C 115 5.89 26.06 24.58
C SER C 115 6.53 24.87 25.27
N ASP C 116 6.03 23.64 25.06
CA ASP C 116 6.67 22.39 25.50
C ASP C 116 7.36 22.53 26.86
N PHE C 117 6.55 22.83 27.87
CA PHE C 117 7.12 23.00 29.23
C PHE C 117 7.98 21.81 29.60
N GLN C 118 9.15 22.17 30.17
CA GLN C 118 10.03 21.18 30.80
C GLN C 118 10.15 21.51 32.29
N GLU C 119 10.84 20.68 33.07
CA GLU C 119 10.85 20.87 34.52
C GLU C 119 11.37 22.27 34.85
N ARG C 120 12.37 22.80 34.14
CA ARG C 120 12.86 24.14 34.45
C ARG C 120 11.83 25.22 34.28
N ASP C 121 10.87 25.06 33.34
CA ASP C 121 9.77 26.01 33.19
C ASP C 121 8.80 25.96 34.33
N ILE C 122 8.54 24.78 34.93
CA ILE C 122 7.71 24.67 36.11
C ILE C 122 8.44 25.30 37.32
N VAL C 123 9.74 25.07 37.41
CA VAL C 123 10.41 25.64 38.61
C VAL C 123 10.61 27.15 38.56
N PHE C 124 10.94 27.70 37.41
CA PHE C 124 11.33 29.10 37.23
C PHE C 124 10.27 29.93 36.54
N GLY C 125 9.20 29.29 36.04
CA GLY C 125 8.11 30.03 35.43
C GLY C 125 8.32 30.06 33.89
N GLY C 126 7.20 30.19 33.22
CA GLY C 126 7.25 30.21 31.76
C GLY C 126 7.15 31.51 31.06
N ASP C 127 7.02 32.67 31.78
CA ASP C 127 6.79 33.91 31.00
C ASP C 127 7.95 34.32 30.11
N LYS C 128 9.19 34.19 30.54
CA LYS C 128 10.35 34.55 29.72
C LYS C 128 10.36 33.66 28.48
N LYS C 129 10.12 32.36 28.67
CA LYS C 129 10.02 31.45 27.52
C LYS C 129 8.90 31.84 26.56
N LEU C 130 7.76 32.23 27.09
CA LEU C 130 6.62 32.61 26.21
C LEU C 130 6.92 33.85 25.40
N SER C 131 7.53 34.86 26.05
CA SER C 131 7.93 36.06 25.32
C SER C 131 8.92 35.73 24.21
N LYS C 132 9.91 34.88 24.47
CA LYS C 132 10.87 34.51 23.43
C LYS C 132 10.18 33.71 22.33
N LEU C 133 9.25 32.85 22.74
CA LEU C 133 8.49 32.01 21.80
C LEU C 133 7.80 32.91 20.79
N ILE C 134 7.12 33.93 21.29
CA ILE C 134 6.39 34.86 20.42
C ILE C 134 7.32 35.63 19.50
N GLU C 135 8.52 35.98 19.92
CA GLU C 135 9.47 36.62 18.99
C GLU C 135 9.81 35.64 17.86
N GLU C 136 10.01 34.36 18.21
CA GLU C 136 10.43 33.36 17.22
C GLU C 136 9.28 33.09 16.24
N MET C 137 8.07 33.06 16.77
CA MET C 137 6.88 32.88 15.96
C MET C 137 6.75 34.02 14.95
N GLU C 138 6.92 35.27 15.43
CA GLU C 138 6.82 36.39 14.49
C GLU C 138 7.86 36.30 13.39
N LEU C 139 9.08 35.88 13.70
CA LEU C 139 10.11 35.69 12.68
C LEU C 139 9.75 34.61 11.66
N LEU C 140 9.22 33.48 12.19
CA LEU C 140 9.01 32.36 11.23
C LEU C 140 7.65 32.29 10.61
N PHE C 141 6.68 33.04 11.17
CA PHE C 141 5.29 33.09 10.77
C PHE C 141 4.82 34.56 10.75
N PRO C 142 5.41 35.28 9.77
CA PRO C 142 5.15 36.73 9.69
C PRO C 142 3.76 37.13 9.30
N LEU C 143 2.98 36.26 8.65
CA LEU C 143 1.66 36.62 8.16
C LEU C 143 0.51 36.37 9.12
N THR C 144 0.77 35.98 10.37
CA THR C 144 -0.33 35.87 11.33
C THR C 144 -0.99 37.25 11.47
N LYS C 145 -2.31 37.24 11.66
CA LYS C 145 -2.92 38.54 11.98
C LYS C 145 -2.88 38.81 13.47
N GLY C 146 -2.77 37.73 14.27
CA GLY C 146 -2.74 37.92 15.72
C GLY C 146 -2.36 36.56 16.31
N ILE C 147 -2.19 36.58 17.63
CA ILE C 147 -1.70 35.37 18.32
C ILE C 147 -2.52 35.14 19.58
N THR C 148 -2.86 33.88 19.93
CA THR C 148 -3.51 33.62 21.23
C THR C 148 -2.63 32.69 22.04
N ILE C 149 -2.78 32.83 23.37
CA ILE C 149 -1.99 32.06 24.31
C ILE C 149 -2.97 31.22 25.14
N GLN C 150 -3.03 29.89 24.89
CA GLN C 150 -4.05 29.07 25.51
C GLN C 150 -3.41 28.35 26.68
N SER C 151 -3.70 28.78 27.90
CA SER C 151 -3.01 28.18 29.06
C SER C 151 -3.48 26.75 29.40
N GLU C 152 -2.51 25.87 29.59
CA GLU C 152 -2.76 24.53 30.10
C GLU C 152 -2.59 24.52 31.62
N CYS C 153 -2.99 23.43 32.26
CA CYS C 153 -2.99 23.35 33.72
C CYS C 153 -1.87 24.04 34.43
N PRO C 154 -0.59 23.80 34.22
CA PRO C 154 0.47 24.37 35.05
C PRO C 154 0.54 25.88 35.13
N VAL C 155 0.20 26.60 34.06
CA VAL C 155 0.54 28.02 33.93
C VAL C 155 0.09 28.83 35.15
N GLY C 156 -1.22 28.81 35.42
CA GLY C 156 -1.71 29.58 36.58
C GLY C 156 -1.25 28.98 37.89
N LEU C 157 -1.03 27.66 37.94
CA LEU C 157 -0.63 27.01 39.19
C LEU C 157 0.74 27.44 39.67
N ILE C 158 1.65 27.79 38.76
CA ILE C 158 3.00 28.19 39.11
C ILE C 158 3.05 29.72 39.24
N GLY C 159 1.96 30.43 39.00
CA GLY C 159 1.91 31.86 39.23
C GLY C 159 2.37 32.72 38.08
N ASP C 160 2.37 32.17 36.87
CA ASP C 160 2.81 32.96 35.71
C ASP C 160 1.79 34.05 35.39
N ASP C 161 2.26 35.09 34.70
CA ASP C 161 1.40 36.22 34.34
C ASP C 161 1.47 36.46 32.84
N ILE C 162 0.65 35.68 32.12
CA ILE C 162 0.67 35.75 30.66
C ILE C 162 0.03 37.02 30.15
N SER C 163 -0.76 37.72 30.97
CA SER C 163 -1.36 38.99 30.49
C SER C 163 -0.30 40.06 30.30
N ALA C 164 0.62 40.16 31.25
CA ALA C 164 1.76 41.06 31.12
C ALA C 164 2.56 40.70 29.85
N VAL C 165 2.83 39.39 29.68
CA VAL C 165 3.52 38.99 28.43
C VAL C 165 2.71 39.41 27.22
N ALA C 166 1.41 39.18 27.16
CA ALA C 166 0.60 39.48 25.99
C ALA C 166 0.61 41.00 25.71
N ASN C 167 0.48 41.80 26.77
CA ASN C 167 0.55 43.24 26.53
C ASN C 167 1.89 43.67 25.96
N ALA C 168 3.00 43.20 26.50
CA ALA C 168 4.33 43.55 26.01
C ALA C 168 4.57 43.05 24.58
N SER C 169 4.25 41.79 24.32
CA SER C 169 4.43 41.29 22.96
C SER C 169 3.52 41.97 21.95
N SER C 170 2.31 42.37 22.32
CA SER C 170 1.41 43.02 21.36
C SER C 170 2.05 44.35 20.98
N LYS C 171 2.55 45.07 21.96
CA LYS C 171 3.24 46.36 21.61
C LYS C 171 4.40 46.08 20.67
N ALA C 172 5.26 45.08 20.96
CA ALA C 172 6.42 44.83 20.12
C ALA C 172 6.08 44.35 18.71
N LEU C 173 5.06 43.53 18.56
CA LEU C 173 4.65 43.00 17.29
C LEU C 173 3.71 43.90 16.49
N ASP C 174 3.01 44.80 17.17
CA ASP C 174 1.97 45.59 16.55
C ASP C 174 0.84 44.75 15.97
N LYS C 175 0.41 43.73 16.72
CA LYS C 175 -0.63 42.79 16.42
C LYS C 175 -1.23 42.35 17.76
N PRO C 176 -2.49 42.02 17.76
CA PRO C 176 -3.17 41.49 18.94
C PRO C 176 -2.53 40.22 19.46
N VAL C 177 -2.21 40.17 20.75
CA VAL C 177 -1.61 38.95 21.38
C VAL C 177 -2.51 38.71 22.60
N ILE C 178 -3.27 37.63 22.55
CA ILE C 178 -4.46 37.45 23.36
C ILE C 178 -4.18 36.37 24.41
N PRO C 179 -4.16 36.72 25.68
CA PRO C 179 -3.95 35.76 26.75
C PRO C 179 -5.22 35.10 27.26
N VAL C 180 -5.22 33.76 27.37
CA VAL C 180 -6.41 33.02 27.81
C VAL C 180 -6.04 32.15 28.99
N ARG C 181 -6.71 32.38 30.10
CA ARG C 181 -6.51 31.58 31.33
C ARG C 181 -7.54 30.48 31.35
N CYS C 182 -7.36 29.50 30.45
CA CYS C 182 -8.25 28.38 30.21
C CYS C 182 -7.67 27.07 30.74
N GLU C 183 -6.91 27.16 31.82
CA GLU C 183 -6.32 25.97 32.44
C GLU C 183 -7.36 24.90 32.63
N GLY C 184 -7.02 23.63 32.30
CA GLY C 184 -8.03 22.60 32.28
C GLY C 184 -8.66 22.24 33.62
N PHE C 185 -8.07 22.60 34.74
CA PHE C 185 -8.72 22.29 36.01
C PHE C 185 -9.83 23.29 36.31
N ARG C 186 -9.88 24.43 35.62
CA ARG C 186 -10.93 25.42 35.91
C ARG C 186 -12.27 24.90 35.45
N GLY C 187 -13.34 25.22 36.19
CA GLY C 187 -14.67 24.79 35.76
C GLY C 187 -14.79 23.27 35.81
N VAL C 188 -15.71 22.68 35.08
CA VAL C 188 -16.08 21.29 35.28
C VAL C 188 -16.10 20.47 33.99
N SER C 189 -15.83 21.13 32.87
CA SER C 189 -16.02 20.52 31.56
C SER C 189 -15.51 21.50 30.49
N GLN C 190 -15.84 21.21 29.25
CA GLN C 190 -15.52 22.12 28.16
C GLN C 190 -16.25 23.48 28.29
N SER C 191 -17.36 23.44 29.01
CA SER C 191 -18.23 24.62 29.00
C SER C 191 -17.53 25.85 29.52
N LEU C 192 -16.84 25.84 30.68
CA LEU C 192 -16.24 27.07 31.19
C LEU C 192 -15.21 27.63 30.24
N GLY C 193 -14.54 26.75 29.46
CA GLY C 193 -13.63 27.20 28.41
C GLY C 193 -14.37 28.06 27.37
N HIS C 194 -15.57 27.71 27.01
CA HIS C 194 -16.34 28.56 26.11
C HIS C 194 -16.48 29.97 26.77
N HIS C 195 -16.89 29.89 28.04
CA HIS C 195 -17.28 31.17 28.68
C HIS C 195 -16.08 32.06 28.86
N ILE C 196 -14.96 31.52 29.38
CA ILE C 196 -13.69 32.17 29.40
C ILE C 196 -13.33 32.76 28.04
N ALA C 197 -13.43 31.96 26.97
CA ALA C 197 -13.07 32.43 25.64
C ALA C 197 -13.95 33.61 25.21
N ASN C 198 -15.25 33.54 25.48
CA ASN C 198 -16.15 34.65 25.08
C ASN C 198 -15.75 35.94 25.82
N ASP C 199 -15.48 35.80 27.11
CA ASP C 199 -15.05 36.97 27.88
C ASP C 199 -13.76 37.52 27.35
N VAL C 200 -12.81 36.64 26.96
CA VAL C 200 -11.56 37.11 26.37
C VAL C 200 -11.84 37.83 25.04
N VAL C 201 -12.68 37.25 24.19
CA VAL C 201 -13.04 37.90 22.92
C VAL C 201 -13.61 39.31 23.26
N ARG C 202 -14.61 39.32 24.11
CA ARG C 202 -15.19 40.62 24.52
C ARG C 202 -14.15 41.67 24.81
N ASP C 203 -13.10 41.43 25.59
CA ASP C 203 -12.15 42.43 26.00
C ASP C 203 -10.92 42.59 25.13
N TRP C 204 -10.48 41.60 24.36
CA TRP C 204 -9.21 41.69 23.67
C TRP C 204 -9.34 41.73 22.15
N ILE C 205 -10.54 41.42 21.66
CA ILE C 205 -10.76 41.44 20.21
C ILE C 205 -11.87 42.40 19.81
N LEU C 206 -13.06 42.26 20.39
CA LEU C 206 -14.24 42.92 19.91
C LEU C 206 -14.14 44.44 19.84
N ASN C 207 -13.41 45.11 20.68
CA ASN C 207 -13.33 46.57 20.65
C ASN C 207 -12.21 47.10 19.78
N ASN C 208 -11.46 46.27 19.04
CA ASN C 208 -10.30 46.71 18.31
C ASN C 208 -10.61 47.66 17.15
N ARG C 209 -11.82 47.65 16.62
CA ARG C 209 -12.16 48.53 15.50
C ARG C 209 -13.24 49.56 15.86
N GLU C 210 -13.41 49.81 17.16
CA GLU C 210 -14.42 50.79 17.58
C GLU C 210 -14.13 52.16 16.97
N GLY C 211 -15.18 52.72 16.37
CA GLY C 211 -15.10 54.09 15.84
C GLY C 211 -14.47 54.20 14.47
N GLN C 212 -14.07 53.07 13.90
CA GLN C 212 -13.43 52.97 12.60
C GLN C 212 -14.49 52.83 11.52
N PRO C 213 -14.19 53.39 10.34
CA PRO C 213 -15.10 53.32 9.20
C PRO C 213 -15.34 51.87 8.81
N PHE C 214 -16.58 51.54 8.47
CA PHE C 214 -16.91 50.21 7.95
C PHE C 214 -18.14 50.37 7.04
N GLU C 215 -18.05 49.89 5.80
CA GLU C 215 -19.16 50.01 4.87
C GLU C 215 -20.16 48.88 5.06
N THR C 216 -21.35 49.24 5.47
CA THR C 216 -22.45 48.36 5.81
C THR C 216 -23.47 48.23 4.70
N THR C 217 -24.35 47.27 4.88
CA THR C 217 -25.55 47.08 4.10
C THR C 217 -26.65 46.84 5.14
N PRO C 218 -27.91 46.95 4.76
CA PRO C 218 -29.03 46.70 5.62
C PRO C 218 -29.20 45.25 6.08
N TYR C 219 -28.57 44.32 5.34
CA TYR C 219 -28.78 42.89 5.53
C TYR C 219 -27.52 42.15 6.00
N ASP C 220 -26.65 42.87 6.67
CA ASP C 220 -25.46 42.32 7.29
C ASP C 220 -25.82 41.47 8.53
N VAL C 221 -25.24 40.27 8.54
CA VAL C 221 -25.41 39.36 9.66
C VAL C 221 -24.07 38.69 10.01
N ALA C 222 -24.04 38.12 11.21
CA ALA C 222 -22.91 37.27 11.61
C ALA C 222 -23.47 35.90 11.97
N ILE C 223 -22.73 34.85 11.53
CA ILE C 223 -23.07 33.50 12.02
C ILE C 223 -22.30 33.30 13.32
N ILE C 224 -23.02 33.11 14.41
CA ILE C 224 -22.40 32.99 15.74
C ILE C 224 -22.56 31.57 16.29
N GLY C 225 -21.44 30.87 16.39
CA GLY C 225 -21.50 29.53 16.97
C GLY C 225 -21.67 28.43 15.93
N ASP C 226 -20.92 28.55 14.82
CA ASP C 226 -20.93 27.45 13.84
C ASP C 226 -19.44 27.26 13.52
N TYR C 227 -18.94 26.04 13.85
CA TYR C 227 -17.49 25.86 13.75
C TYR C 227 -17.08 25.09 12.50
N ASN C 228 -17.96 25.08 11.51
CA ASN C 228 -17.72 24.61 10.16
C ASN C 228 -17.28 23.14 10.14
N ILE C 229 -17.91 22.29 10.96
CA ILE C 229 -17.44 20.89 10.96
C ILE C 229 -17.77 20.23 9.65
N GLY C 230 -16.75 19.76 8.92
CA GLY C 230 -16.97 19.17 7.60
C GLY C 230 -17.56 20.23 6.63
N GLY C 231 -17.35 21.49 6.91
CA GLY C 231 -17.89 22.52 6.00
C GLY C 231 -19.35 22.86 6.29
N ASP C 232 -19.80 22.63 7.52
CA ASP C 232 -21.17 23.00 7.92
C ASP C 232 -21.50 24.48 7.77
N ALA C 233 -20.59 25.35 8.10
CA ALA C 233 -20.85 26.81 8.09
C ALA C 233 -20.88 27.29 6.64
N TRP C 234 -20.06 26.72 5.78
CA TRP C 234 -20.21 27.05 4.33
C TRP C 234 -21.54 26.63 3.80
N ALA C 235 -22.06 25.44 4.16
CA ALA C 235 -23.36 24.97 3.69
C ALA C 235 -24.50 25.75 4.34
N SER C 236 -24.24 26.54 5.33
CA SER C 236 -25.25 27.42 5.97
C SER C 236 -25.15 28.81 5.35
N ARG C 237 -23.93 29.30 5.23
CA ARG C 237 -23.64 30.62 4.65
C ARG C 237 -24.26 30.75 3.27
N ILE C 238 -24.15 29.70 2.46
CA ILE C 238 -24.66 29.78 1.08
C ILE C 238 -26.16 30.10 1.08
N LEU C 239 -26.93 29.52 1.96
CA LEU C 239 -28.37 29.77 2.02
C LEU C 239 -28.68 31.19 2.45
N LEU C 240 -27.97 31.68 3.45
CA LEU C 240 -28.19 33.05 3.92
C LEU C 240 -27.89 34.07 2.81
N GLU C 241 -26.82 33.84 2.08
CA GLU C 241 -26.48 34.72 0.94
C GLU C 241 -27.46 34.57 -0.21
N GLU C 242 -27.94 33.35 -0.47
CA GLU C 242 -28.99 33.14 -1.46
C GLU C 242 -30.28 33.88 -1.10
N MET C 243 -30.54 34.12 0.17
CA MET C 243 -31.70 34.82 0.67
C MET C 243 -31.49 36.33 0.69
N GLY C 244 -30.32 36.76 0.26
CA GLY C 244 -29.99 38.17 0.13
C GLY C 244 -29.31 38.81 1.32
N LEU C 245 -28.79 38.00 2.25
CA LEU C 245 -28.06 38.53 3.40
C LEU C 245 -26.57 38.59 3.14
N ARG C 246 -25.84 39.45 3.82
CA ARG C 246 -24.39 39.48 3.71
C ARG C 246 -23.85 38.91 5.03
N VAL C 247 -23.08 37.82 4.90
CA VAL C 247 -22.50 37.23 6.12
C VAL C 247 -21.14 37.86 6.30
N VAL C 248 -21.09 38.88 7.13
CA VAL C 248 -19.89 39.63 7.44
C VAL C 248 -18.89 38.78 8.22
N ALA C 249 -19.41 37.90 9.10
CA ALA C 249 -18.51 37.13 9.94
C ALA C 249 -19.07 35.74 10.23
N GLN C 250 -18.13 34.79 10.42
CA GLN C 250 -18.50 33.45 10.85
C GLN C 250 -17.70 33.09 12.10
N TRP C 251 -18.42 32.88 13.21
CA TRP C 251 -17.70 32.57 14.46
C TRP C 251 -17.80 31.11 14.86
N SER C 252 -16.71 30.34 14.79
CA SER C 252 -15.42 30.70 14.31
C SER C 252 -14.91 29.72 13.23
N GLY C 253 -15.83 28.94 12.66
CA GLY C 253 -15.49 27.96 11.61
C GLY C 253 -15.10 28.68 10.33
N ASP C 254 -13.86 28.49 9.91
CA ASP C 254 -13.26 29.20 8.76
C ASP C 254 -13.18 30.69 9.08
N GLY C 255 -13.12 30.99 10.38
CA GLY C 255 -13.24 32.39 10.80
C GLY C 255 -11.90 33.08 10.78
N THR C 256 -11.92 34.42 10.98
CA THR C 256 -10.73 35.24 11.01
C THR C 256 -10.87 36.27 12.14
N LEU C 257 -9.74 36.73 12.64
CA LEU C 257 -9.70 37.86 13.57
C LEU C 257 -10.42 39.07 12.96
N VAL C 258 -10.15 39.32 11.68
CA VAL C 258 -10.76 40.49 11.03
C VAL C 258 -12.26 40.42 11.05
N GLU C 259 -12.88 39.30 10.66
CA GLU C 259 -14.32 39.12 10.69
C GLU C 259 -14.90 39.37 12.08
N MET C 260 -14.21 38.84 13.10
CA MET C 260 -14.66 39.03 14.48
C MET C 260 -14.60 40.50 14.87
N GLU C 261 -13.52 41.16 14.44
CA GLU C 261 -13.42 42.60 14.76
C GLU C 261 -14.49 43.43 14.04
N ASN C 262 -15.03 42.99 12.93
CA ASN C 262 -16.07 43.70 12.22
C ASN C 262 -17.48 43.35 12.66
N THR C 263 -17.62 42.37 13.57
CA THR C 263 -18.90 41.91 14.02
C THR C 263 -19.75 42.96 14.73
N PRO C 264 -19.21 43.93 15.43
CA PRO C 264 -20.05 44.96 16.07
C PRO C 264 -20.73 45.87 15.04
N PHE C 265 -20.33 45.83 13.78
CA PHE C 265 -21.03 46.56 12.75
C PHE C 265 -22.13 45.80 12.04
N VAL C 266 -22.60 44.62 12.46
CA VAL C 266 -23.68 43.95 11.73
C VAL C 266 -25.07 44.34 12.27
N LYS C 267 -26.10 43.93 11.55
CA LYS C 267 -27.47 44.23 11.96
C LYS C 267 -28.10 43.16 12.85
N LEU C 268 -27.60 41.90 12.71
CA LEU C 268 -28.26 40.82 13.42
C LEU C 268 -27.24 39.69 13.67
N ASN C 269 -27.28 39.17 14.88
CA ASN C 269 -26.40 38.01 15.20
C ASN C 269 -27.26 36.77 15.12
N LEU C 270 -26.79 35.74 14.42
CA LEU C 270 -27.53 34.51 14.23
C LEU C 270 -26.80 33.40 15.00
N VAL C 271 -27.35 33.05 16.15
CA VAL C 271 -26.72 32.08 17.05
C VAL C 271 -27.20 30.68 16.77
N HIS C 272 -26.26 29.81 16.33
CA HIS C 272 -26.55 28.40 16.11
C HIS C 272 -26.16 27.64 17.38
N CYS C 273 -24.88 27.68 17.77
CA CYS C 273 -24.57 27.05 19.06
C CYS C 273 -24.83 28.04 20.20
N TYR C 274 -26.01 27.85 20.81
CA TYR C 274 -26.39 28.69 21.94
C TYR C 274 -25.38 28.53 23.08
N ARG C 275 -25.07 27.25 23.42
CA ARG C 275 -24.21 27.00 24.58
C ARG C 275 -22.89 27.72 24.55
N SER C 276 -22.12 27.60 23.43
CA SER C 276 -20.80 28.18 23.41
C SER C 276 -20.71 29.68 23.17
N MET C 277 -21.73 30.29 22.57
CA MET C 277 -21.52 31.69 22.18
C MET C 277 -22.76 32.54 22.54
N ASN C 278 -23.65 32.01 23.36
CA ASN C 278 -24.72 32.96 23.80
C ASN C 278 -24.13 34.13 24.58
N TYR C 279 -23.04 33.94 25.30
CA TYR C 279 -22.46 34.98 26.11
C TYR C 279 -22.11 36.21 25.29
N ILE C 280 -21.38 36.04 24.20
CA ILE C 280 -20.98 37.18 23.36
C ILE C 280 -22.16 37.75 22.62
N ALA C 281 -23.16 36.96 22.27
CA ALA C 281 -24.35 37.49 21.61
C ALA C 281 -25.08 38.44 22.58
N ARG C 282 -25.26 37.97 23.82
CA ARG C 282 -25.91 38.85 24.80
C ARG C 282 -25.09 40.12 25.01
N HIS C 283 -23.77 39.99 25.07
CA HIS C 283 -22.91 41.15 25.24
C HIS C 283 -23.07 42.12 24.08
N MET C 284 -23.09 41.61 22.84
CA MET C 284 -23.24 42.56 21.72
C MET C 284 -24.63 43.22 21.74
N GLU C 285 -25.65 42.52 22.21
CA GLU C 285 -26.97 43.15 22.33
C GLU C 285 -26.88 44.34 23.29
N GLU C 286 -26.35 44.10 24.49
CA GLU C 286 -26.21 45.12 25.51
C GLU C 286 -25.38 46.31 25.04
N LYS C 287 -24.16 46.04 24.57
CA LYS C 287 -23.22 47.08 24.26
C LYS C 287 -23.42 47.74 22.90
N HIS C 288 -23.74 46.95 21.88
CA HIS C 288 -23.83 47.52 20.52
C HIS C 288 -25.24 47.54 19.98
N GLN C 289 -26.24 47.18 20.77
CA GLN C 289 -27.64 47.10 20.43
C GLN C 289 -27.89 46.22 19.21
N ILE C 290 -27.14 45.11 19.12
CA ILE C 290 -27.34 44.22 17.97
C ILE C 290 -28.25 43.11 18.43
N PRO C 291 -29.43 42.92 17.86
CA PRO C 291 -30.35 41.88 18.21
C PRO C 291 -29.73 40.51 17.87
N TRP C 292 -30.17 39.47 18.58
CA TRP C 292 -29.69 38.12 18.23
C TRP C 292 -30.84 37.15 18.31
N MET C 293 -30.69 36.03 17.58
CA MET C 293 -31.75 35.04 17.60
C MET C 293 -31.10 33.65 17.40
N GLU C 294 -31.73 32.67 18.01
CA GLU C 294 -31.30 31.28 17.86
C GLU C 294 -31.94 30.68 16.64
N TYR C 295 -31.19 29.85 15.89
CA TYR C 295 -31.72 29.17 14.74
C TYR C 295 -31.13 27.74 14.66
N ASN C 296 -31.65 27.01 13.73
CA ASN C 296 -31.29 25.59 13.56
C ASN C 296 -31.31 25.25 12.10
N PHE C 297 -30.12 24.83 11.60
CA PHE C 297 -30.02 24.45 10.19
C PHE C 297 -29.86 22.94 10.01
N PHE C 298 -30.45 22.12 10.89
CA PHE C 298 -30.44 20.68 10.68
C PHE C 298 -31.79 20.20 10.09
N GLY C 299 -31.79 19.80 8.82
CA GLY C 299 -32.95 19.25 8.15
C GLY C 299 -33.94 20.29 7.61
N PRO C 300 -34.80 19.83 6.71
CA PRO C 300 -35.67 20.81 6.00
C PRO C 300 -36.71 21.48 6.88
N THR C 301 -37.25 20.82 7.89
CA THR C 301 -38.29 21.46 8.71
C THR C 301 -37.69 22.59 9.51
N LYS C 302 -36.51 22.34 10.14
CA LYS C 302 -35.89 23.43 10.88
C LYS C 302 -35.29 24.50 10.01
N ILE C 303 -34.73 24.13 8.84
CA ILE C 303 -34.13 25.12 7.94
C ILE C 303 -35.24 26.10 7.46
N ALA C 304 -36.38 25.50 7.09
CA ALA C 304 -37.45 26.42 6.60
C ALA C 304 -37.89 27.35 7.73
N GLU C 305 -38.10 26.79 8.92
CA GLU C 305 -38.45 27.63 10.06
C GLU C 305 -37.45 28.72 10.31
N SER C 306 -36.12 28.40 10.29
CA SER C 306 -35.08 29.36 10.53
C SER C 306 -35.04 30.41 9.40
N LEU C 307 -35.08 29.97 8.14
CA LEU C 307 -35.01 30.97 7.05
C LEU C 307 -36.14 31.99 7.17
N ARG C 308 -37.31 31.48 7.52
CA ARG C 308 -38.48 32.37 7.62
C ARG C 308 -38.41 33.33 8.80
N LYS C 309 -37.85 32.86 9.93
CA LYS C 309 -37.73 33.73 11.08
C LYS C 309 -36.62 34.74 10.94
N ILE C 310 -35.53 34.30 10.27
CA ILE C 310 -34.43 35.23 10.05
C ILE C 310 -34.93 36.35 9.10
N ALA C 311 -35.64 35.94 8.05
CA ALA C 311 -36.10 36.91 7.07
C ALA C 311 -37.16 37.85 7.64
N ASP C 312 -37.86 37.41 8.68
CA ASP C 312 -38.88 38.21 9.36
C ASP C 312 -38.25 39.30 10.23
N GLN C 313 -36.93 39.37 10.39
CA GLN C 313 -36.27 40.42 11.14
C GLN C 313 -35.90 41.59 10.22
N PHE C 314 -36.15 41.39 8.93
CA PHE C 314 -35.75 42.40 7.95
C PHE C 314 -36.97 43.10 7.35
N ASP C 315 -37.20 42.85 6.08
CA ASP C 315 -38.28 43.52 5.35
C ASP C 315 -38.95 42.57 4.40
N ASP C 316 -39.93 43.07 3.64
CA ASP C 316 -40.66 42.19 2.73
C ASP C 316 -39.82 41.57 1.63
N THR C 317 -38.77 42.23 1.20
CA THR C 317 -37.87 41.68 0.20
C THR C 317 -37.18 40.41 0.71
N ILE C 318 -36.63 40.44 1.92
CA ILE C 318 -35.98 39.21 2.45
C ILE C 318 -37.04 38.18 2.78
N ARG C 319 -38.24 38.57 3.26
CA ARG C 319 -39.29 37.59 3.45
C ARG C 319 -39.59 36.86 2.17
N ALA C 320 -39.75 37.55 1.03
CA ALA C 320 -40.04 36.89 -0.23
C ALA C 320 -38.84 36.01 -0.62
N ASN C 321 -37.63 36.46 -0.35
CA ASN C 321 -36.44 35.70 -0.72
C ASN C 321 -36.41 34.39 0.06
N ALA C 322 -36.86 34.45 1.32
CA ALA C 322 -36.89 33.22 2.13
C ALA C 322 -37.79 32.21 1.45
N GLU C 323 -39.01 32.59 1.02
CA GLU C 323 -39.91 31.69 0.32
C GLU C 323 -39.25 31.18 -0.97
N ALA C 324 -38.60 32.04 -1.74
CA ALA C 324 -37.97 31.63 -2.99
C ALA C 324 -36.81 30.62 -2.77
N VAL C 325 -36.06 30.79 -1.69
CA VAL C 325 -34.99 29.83 -1.40
C VAL C 325 -35.61 28.49 -0.99
N ILE C 326 -36.61 28.53 -0.11
CA ILE C 326 -37.26 27.26 0.28
C ILE C 326 -37.84 26.55 -0.92
N ALA C 327 -38.55 27.29 -1.80
CA ALA C 327 -39.08 26.68 -3.00
C ALA C 327 -38.02 26.13 -3.94
N ARG C 328 -36.88 26.78 -4.02
CA ARG C 328 -35.81 26.34 -4.91
C ARG C 328 -35.20 24.99 -4.53
N TYR C 329 -35.21 24.70 -3.23
CA TYR C 329 -34.66 23.44 -2.74
C TYR C 329 -35.70 22.39 -2.43
N GLU C 330 -36.99 22.70 -2.57
CA GLU C 330 -38.07 21.77 -2.31
C GLU C 330 -37.94 20.45 -3.04
N GLY C 331 -37.67 20.47 -4.36
CA GLY C 331 -37.47 19.26 -5.14
C GLY C 331 -36.37 18.37 -4.57
N GLN C 332 -35.21 18.94 -4.31
CA GLN C 332 -34.05 18.27 -3.69
C GLN C 332 -34.51 17.65 -2.38
N MET C 333 -35.16 18.42 -1.50
CA MET C 333 -35.62 17.85 -0.22
C MET C 333 -36.55 16.70 -0.40
N ALA C 334 -37.57 16.86 -1.30
CA ALA C 334 -38.54 15.79 -1.47
C ALA C 334 -37.93 14.52 -2.01
N ALA C 335 -36.91 14.62 -2.85
CA ALA C 335 -36.26 13.45 -3.41
C ALA C 335 -35.40 12.76 -2.32
N ILE C 336 -34.79 13.54 -1.45
CA ILE C 336 -34.02 12.90 -0.35
C ILE C 336 -34.94 12.13 0.57
N ILE C 337 -36.06 12.79 0.96
CA ILE C 337 -37.01 12.14 1.86
C ILE C 337 -37.62 10.92 1.20
N ALA C 338 -38.01 11.02 -0.08
CA ALA C 338 -38.60 9.86 -0.75
C ALA C 338 -37.63 8.71 -0.89
N LYS C 339 -36.32 8.96 -0.99
CA LYS C 339 -35.37 7.87 -1.12
C LYS C 339 -35.03 7.27 0.26
N TYR C 340 -34.82 8.13 1.27
CA TYR C 340 -34.22 7.63 2.53
C TYR C 340 -35.16 7.42 3.67
N ARG C 341 -36.29 8.16 3.69
CA ARG C 341 -37.25 7.96 4.78
C ARG C 341 -37.77 6.55 4.87
N PRO C 342 -38.09 5.91 3.75
CA PRO C 342 -38.58 4.54 3.76
C PRO C 342 -37.56 3.54 4.31
N ARG C 343 -36.27 3.88 4.21
CA ARG C 343 -35.21 3.01 4.71
C ARG C 343 -34.94 3.24 6.19
N LEU C 344 -35.46 4.33 6.75
CA LEU C 344 -35.16 4.72 8.12
C LEU C 344 -36.36 4.89 9.04
N GLU C 345 -37.53 5.10 8.44
CA GLU C 345 -38.75 5.33 9.24
C GLU C 345 -38.96 4.32 10.35
N GLY C 346 -39.33 4.84 11.51
CA GLY C 346 -39.67 3.98 12.63
C GLY C 346 -38.45 3.56 13.46
N ARG C 347 -37.23 3.78 12.98
CA ARG C 347 -36.07 3.39 13.79
C ARG C 347 -35.82 4.37 14.93
N LYS C 348 -35.26 3.84 16.03
CA LYS C 348 -35.08 4.56 17.26
C LYS C 348 -33.61 4.88 17.54
N VAL C 349 -33.41 6.12 17.94
CA VAL C 349 -32.05 6.69 18.07
C VAL C 349 -31.76 7.19 19.45
N LEU C 350 -30.61 6.90 20.02
CA LEU C 350 -30.10 7.45 21.25
C LEU C 350 -29.00 8.45 20.89
N LEU C 351 -29.00 9.63 21.46
CA LEU C 351 -28.02 10.65 21.16
C LEU C 351 -27.30 11.09 22.43
N TYR C 352 -25.98 11.21 22.35
CA TYR C 352 -25.19 11.67 23.46
C TYR C 352 -24.02 12.52 22.95
N MET C 353 -24.08 13.84 23.06
CA MET C 353 -22.99 14.70 22.54
C MET C 353 -22.78 15.82 23.54
N GLY C 354 -22.19 16.96 23.18
CA GLY C 354 -21.71 17.95 24.11
C GLY C 354 -22.77 18.86 24.74
N GLY C 355 -23.09 19.88 23.95
CA GLY C 355 -23.86 21.02 24.46
C GLY C 355 -24.91 21.53 23.52
N LEU C 356 -25.10 20.99 22.34
CA LEU C 356 -26.09 21.49 21.38
C LEU C 356 -26.77 20.42 20.58
N ARG C 357 -25.94 19.59 19.89
CA ARG C 357 -26.49 18.64 18.96
C ARG C 357 -27.49 17.63 19.46
N PRO C 358 -27.43 17.14 20.70
CA PRO C 358 -28.40 16.22 21.21
C PRO C 358 -29.85 16.71 21.06
N ARG C 359 -30.08 18.01 21.17
CA ARG C 359 -31.44 18.47 20.82
C ARG C 359 -31.47 19.00 19.38
N HIS C 360 -30.38 19.62 18.92
CA HIS C 360 -30.47 20.28 17.61
C HIS C 360 -30.73 19.38 16.43
N VAL C 361 -30.26 18.12 16.38
CA VAL C 361 -30.47 17.26 15.26
C VAL C 361 -31.78 16.49 15.23
N ILE C 362 -32.60 16.62 16.33
CA ILE C 362 -33.82 15.83 16.41
C ILE C 362 -34.71 16.11 15.20
N GLY C 363 -34.93 17.36 14.81
CA GLY C 363 -35.78 17.63 13.63
C GLY C 363 -35.34 16.88 12.38
N ALA C 364 -33.98 16.89 12.11
CA ALA C 364 -33.55 16.12 10.94
C ALA C 364 -33.85 14.64 10.98
N TYR C 365 -33.72 14.05 12.17
CA TYR C 365 -34.06 12.64 12.32
C TYR C 365 -35.57 12.46 12.09
N GLU C 366 -36.38 13.38 12.58
CA GLU C 366 -37.83 13.26 12.41
C GLU C 366 -38.24 13.43 10.95
N ASP C 367 -37.48 14.20 10.18
CA ASP C 367 -37.69 14.42 8.75
C ASP C 367 -37.43 13.13 7.97
N LEU C 368 -36.65 12.19 8.53
CA LEU C 368 -36.51 10.88 7.97
C LEU C 368 -37.28 9.83 8.77
N GLY C 369 -38.30 10.25 9.49
CA GLY C 369 -39.19 9.37 10.24
C GLY C 369 -38.59 8.63 11.42
N MET C 370 -37.38 9.01 11.83
CA MET C 370 -36.73 8.39 12.97
C MET C 370 -37.20 9.03 14.25
N GLU C 371 -37.11 8.22 15.31
CA GLU C 371 -37.60 8.63 16.63
C GLU C 371 -36.47 8.63 17.65
N ILE C 372 -36.34 9.69 18.44
CA ILE C 372 -35.32 9.79 19.47
C ILE C 372 -35.89 9.20 20.76
N ILE C 373 -35.21 8.18 21.30
CA ILE C 373 -35.70 7.54 22.53
C ILE C 373 -34.92 7.92 23.78
N ALA C 374 -33.77 8.58 23.64
CA ALA C 374 -32.96 9.03 24.73
C ALA C 374 -32.00 10.09 24.20
N ALA C 375 -31.82 11.14 25.01
CA ALA C 375 -30.94 12.23 24.63
C ALA C 375 -30.22 12.75 25.85
N GLY C 376 -28.90 12.91 25.70
CA GLY C 376 -28.15 13.45 26.84
C GLY C 376 -26.99 14.30 26.32
N TYR C 377 -26.47 15.10 27.23
CA TYR C 377 -25.34 15.97 26.96
C TYR C 377 -24.22 15.76 27.96
N GLU C 378 -22.98 15.99 27.50
CA GLU C 378 -21.83 15.94 28.37
C GLU C 378 -21.85 17.09 29.38
N PHE C 379 -22.14 18.30 28.90
CA PHE C 379 -21.76 19.49 29.67
C PHE C 379 -22.77 20.66 29.51
N ALA C 380 -23.92 20.32 29.00
CA ALA C 380 -24.99 21.33 28.83
C ALA C 380 -25.41 21.89 30.18
N HIS C 381 -26.09 23.03 30.13
CA HIS C 381 -26.62 23.66 31.37
C HIS C 381 -28.14 23.54 31.39
N ASN C 382 -28.79 23.93 32.50
CA ASN C 382 -30.24 23.75 32.54
C ASN C 382 -31.02 24.47 31.47
N ASP C 383 -30.54 25.59 30.96
CA ASP C 383 -31.20 26.32 29.87
C ASP C 383 -31.15 25.54 28.56
N ASP C 384 -30.13 24.67 28.43
CA ASP C 384 -30.09 23.77 27.29
C ASP C 384 -31.14 22.67 27.40
N TYR C 385 -31.31 22.11 28.63
CA TYR C 385 -32.33 21.10 28.85
C TYR C 385 -33.73 21.70 28.66
N ASP C 386 -33.90 22.96 29.09
CA ASP C 386 -35.16 23.66 28.84
C ASP C 386 -35.50 23.66 27.34
N ARG C 387 -34.44 24.00 26.57
CA ARG C 387 -34.53 24.09 25.10
C ARG C 387 -34.70 22.76 24.42
N THR C 388 -34.46 21.61 25.11
CA THR C 388 -34.65 20.30 24.58
C THR C 388 -36.08 19.80 24.67
N LEU C 389 -36.80 20.24 25.74
CA LEU C 389 -38.15 19.78 26.02
C LEU C 389 -39.20 19.85 24.94
N PRO C 390 -39.27 20.92 24.14
CA PRO C 390 -40.22 21.03 23.04
C PRO C 390 -40.09 19.95 21.98
N ASP C 391 -38.90 19.39 21.78
CA ASP C 391 -38.64 18.41 20.77
C ASP C 391 -38.52 16.96 21.21
N LEU C 392 -38.97 16.64 22.43
CA LEU C 392 -38.99 15.23 22.84
C LEU C 392 -40.40 14.67 22.93
N LYS C 393 -40.59 13.40 22.60
CA LYS C 393 -41.86 12.74 22.83
C LYS C 393 -41.98 12.42 24.31
N GLU C 394 -43.22 12.44 24.83
CA GLU C 394 -43.42 12.21 26.26
C GLU C 394 -42.76 10.92 26.74
N GLY C 395 -42.05 11.03 27.86
CA GLY C 395 -41.47 9.84 28.48
C GLY C 395 -40.04 9.59 28.03
N THR C 396 -39.51 10.41 27.12
CA THR C 396 -38.12 10.22 26.70
C THR C 396 -37.14 10.46 27.83
N LEU C 397 -36.11 9.58 27.86
CA LEU C 397 -35.03 9.72 28.84
C LEU C 397 -34.10 10.86 28.51
N LEU C 398 -33.92 11.82 29.38
CA LEU C 398 -33.10 13.02 29.20
C LEU C 398 -32.09 13.05 30.31
N PHE C 399 -30.75 13.07 30.03
CA PHE C 399 -29.77 12.86 31.05
C PHE C 399 -28.53 13.69 30.78
N ASP C 400 -27.72 13.85 31.79
CA ASP C 400 -26.60 14.74 31.87
C ASP C 400 -25.34 14.09 32.43
N ASP C 401 -24.21 14.42 31.78
CA ASP C 401 -22.89 13.92 32.20
C ASP C 401 -22.92 12.44 32.56
N ALA C 402 -23.33 11.55 31.66
CA ALA C 402 -23.33 10.11 31.88
C ALA C 402 -21.93 9.50 31.85
N SER C 403 -21.73 8.59 32.80
CA SER C 403 -20.51 7.77 32.78
C SER C 403 -20.63 6.77 31.66
N SER C 404 -19.47 6.13 31.33
CA SER C 404 -19.47 5.04 30.38
C SER C 404 -20.43 3.95 30.82
N TYR C 405 -20.31 3.62 32.13
CA TYR C 405 -21.21 2.63 32.73
C TYR C 405 -22.69 2.99 32.45
N GLU C 406 -23.12 4.20 32.77
CA GLU C 406 -24.53 4.55 32.52
C GLU C 406 -24.94 4.47 31.06
N LEU C 407 -24.11 5.02 30.16
CA LEU C 407 -24.41 4.96 28.74
C LEU C 407 -24.49 3.53 28.25
N GLU C 408 -23.57 2.66 28.70
CA GLU C 408 -23.66 1.26 28.26
C GLU C 408 -24.96 0.63 28.79
N ALA C 409 -25.27 0.89 30.05
CA ALA C 409 -26.48 0.29 30.62
C ALA C 409 -27.74 0.81 29.90
N PHE C 410 -27.74 2.10 29.60
CA PHE C 410 -28.93 2.65 28.90
C PHE C 410 -29.12 1.97 27.56
N VAL C 411 -28.01 1.89 26.77
CA VAL C 411 -28.05 1.24 25.47
C VAL C 411 -28.46 -0.22 25.55
N LYS C 412 -27.95 -1.00 26.53
CA LYS C 412 -28.34 -2.40 26.64
C LYS C 412 -29.86 -2.51 26.92
N ALA C 413 -30.40 -1.61 27.72
CA ALA C 413 -31.84 -1.72 28.05
C ALA C 413 -32.73 -1.14 26.99
N LEU C 414 -32.40 0.03 26.42
CA LEU C 414 -33.25 0.67 25.43
C LEU C 414 -33.18 0.03 24.05
N LYS C 415 -32.04 -0.58 23.71
CA LYS C 415 -31.84 -1.20 22.41
C LYS C 415 -32.19 -0.26 21.27
N PRO C 416 -31.52 0.90 21.26
CA PRO C 416 -31.67 1.81 20.13
C PRO C 416 -31.28 1.11 18.84
N ASP C 417 -31.84 1.48 17.70
CA ASP C 417 -31.46 0.96 16.42
C ASP C 417 -30.16 1.66 15.96
N LEU C 418 -29.99 2.88 16.41
CA LEU C 418 -28.87 3.71 15.99
C LEU C 418 -28.44 4.60 17.13
N ILE C 419 -27.13 4.76 17.31
CA ILE C 419 -26.59 5.66 18.30
C ILE C 419 -25.80 6.77 17.60
N GLY C 420 -25.99 8.00 18.06
CA GLY C 420 -25.13 9.10 17.59
C GLY C 420 -24.34 9.59 18.80
N SER C 421 -22.99 9.54 18.78
CA SER C 421 -22.21 10.00 19.93
C SER C 421 -20.79 10.31 19.48
N GLY C 422 -19.77 10.13 20.31
CA GLY C 422 -18.44 10.54 19.94
C GLY C 422 -17.46 9.39 19.71
N ILE C 423 -16.19 9.79 19.60
CA ILE C 423 -15.16 8.79 19.22
C ILE C 423 -14.85 7.83 20.35
N LYS C 424 -14.99 8.28 21.59
CA LYS C 424 -14.69 7.36 22.71
C LYS C 424 -15.86 6.39 22.90
N GLU C 425 -17.02 6.66 22.32
CA GLU C 425 -18.18 5.80 22.44
C GLU C 425 -18.32 4.85 21.26
N LYS C 426 -17.78 5.25 20.08
CA LYS C 426 -18.03 4.54 18.85
C LYS C 426 -17.71 3.05 18.87
N TYR C 427 -16.50 2.71 19.32
CA TYR C 427 -16.04 1.32 19.10
C TYR C 427 -16.58 0.40 20.19
N ILE C 428 -17.06 0.98 21.29
CA ILE C 428 -17.77 0.17 22.29
C ILE C 428 -19.11 -0.28 21.74
N PHE C 429 -19.90 0.71 21.23
CA PHE C 429 -21.25 0.34 20.80
C PHE C 429 -21.28 -0.47 19.53
N GLN C 430 -20.29 -0.28 18.61
CA GLN C 430 -20.26 -1.15 17.44
C GLN C 430 -20.04 -2.61 17.84
N LYS C 431 -19.20 -2.91 18.84
CA LYS C 431 -18.99 -4.29 19.26
C LYS C 431 -20.24 -4.85 19.93
N MET C 432 -21.05 -3.95 20.46
CA MET C 432 -22.35 -4.39 21.02
C MET C 432 -23.39 -4.62 19.96
N GLY C 433 -23.08 -4.39 18.67
CA GLY C 433 -23.96 -4.64 17.56
C GLY C 433 -24.93 -3.49 17.29
N VAL C 434 -24.59 -2.30 17.74
CA VAL C 434 -25.48 -1.18 17.48
C VAL C 434 -24.86 -0.24 16.45
N PRO C 435 -25.52 -0.04 15.33
CA PRO C 435 -25.08 0.94 14.35
C PRO C 435 -24.77 2.28 14.99
N PHE C 436 -23.59 2.86 14.68
CA PHE C 436 -23.14 4.06 15.38
C PHE C 436 -22.66 5.11 14.38
N ARG C 437 -23.11 6.35 14.57
CA ARG C 437 -22.59 7.45 13.78
C ARG C 437 -21.96 8.49 14.67
N GLN C 438 -20.70 8.85 14.39
CA GLN C 438 -20.07 9.94 15.13
C GLN C 438 -20.83 11.23 14.83
N MET C 439 -21.37 11.89 15.84
CA MET C 439 -22.14 13.12 15.67
C MET C 439 -21.41 14.31 16.25
N HIS C 440 -20.09 14.21 16.36
CA HIS C 440 -19.25 15.39 16.52
C HIS C 440 -18.47 15.58 15.20
N SER C 441 -17.63 14.57 14.87
CA SER C 441 -16.85 14.66 13.63
C SER C 441 -17.59 14.24 12.38
N TRP C 442 -18.85 13.84 12.49
CA TRP C 442 -19.65 13.35 11.38
C TRP C 442 -19.06 12.10 10.74
N ASP C 443 -18.25 11.37 11.58
CA ASP C 443 -17.63 10.16 11.03
C ASP C 443 -16.99 10.42 9.66
N TYR C 444 -16.24 11.51 9.65
CA TYR C 444 -15.34 11.96 8.56
C TYR C 444 -16.10 12.32 7.31
N SER C 445 -17.40 12.59 7.41
CA SER C 445 -18.30 12.95 6.31
C SER C 445 -18.74 14.41 6.52
N GLY C 446 -20.03 14.69 6.35
CA GLY C 446 -20.56 16.05 6.42
C GLY C 446 -20.28 16.82 5.12
N PRO C 447 -20.78 18.04 5.05
CA PRO C 447 -21.46 18.73 6.12
C PRO C 447 -22.84 18.15 6.41
N TYR C 448 -23.39 18.48 7.58
CA TYR C 448 -24.77 18.09 7.88
C TYR C 448 -25.68 19.32 8.01
N HIS C 449 -25.13 20.51 8.17
CA HIS C 449 -26.02 21.68 8.14
C HIS C 449 -26.51 21.98 6.73
N GLY C 450 -27.66 22.69 6.70
CA GLY C 450 -28.18 23.23 5.43
C GLY C 450 -28.78 22.17 4.51
N TYR C 451 -29.21 22.64 3.34
CA TYR C 451 -29.88 21.75 2.39
C TYR C 451 -28.92 20.74 1.79
N ASP C 452 -27.68 21.19 1.51
CA ASP C 452 -26.71 20.25 0.97
C ASP C 452 -26.29 19.25 2.06
N GLY C 453 -26.29 19.70 3.29
CA GLY C 453 -25.96 18.79 4.38
C GLY C 453 -27.03 17.77 4.70
N PHE C 454 -28.32 18.09 4.46
CA PHE C 454 -29.36 17.10 4.76
C PHE C 454 -29.22 15.87 3.89
N ALA C 455 -28.79 16.07 2.63
CA ALA C 455 -28.63 14.92 1.73
C ALA C 455 -27.51 14.00 2.27
N ILE C 456 -26.44 14.60 2.77
CA ILE C 456 -25.32 13.79 3.26
C ILE C 456 -25.71 13.08 4.55
N PHE C 457 -26.44 13.79 5.42
CA PHE C 457 -26.95 13.20 6.67
C PHE C 457 -27.77 11.97 6.35
N ALA C 458 -28.77 12.11 5.43
CA ALA C 458 -29.63 10.97 5.09
C ALA C 458 -28.90 9.77 4.52
N ARG C 459 -28.02 10.05 3.54
CA ARG C 459 -27.14 9.02 2.99
C ARG C 459 -26.41 8.33 4.14
N ASP C 460 -25.83 9.13 5.03
CA ASP C 460 -25.01 8.52 6.09
C ASP C 460 -25.80 7.70 7.10
N MET C 461 -26.95 8.19 7.56
CA MET C 461 -27.74 7.37 8.49
C MET C 461 -28.16 6.06 7.83
N ASP C 462 -28.60 6.07 6.58
CA ASP C 462 -28.95 4.87 5.85
C ASP C 462 -27.77 3.92 5.69
N MET C 463 -26.62 4.49 5.32
CA MET C 463 -25.41 3.72 5.06
C MET C 463 -25.09 2.87 6.29
N THR C 464 -25.16 3.49 7.46
CA THR C 464 -24.71 2.78 8.66
C THR C 464 -25.80 1.95 9.29
N LEU C 465 -27.02 2.51 9.37
CA LEU C 465 -28.08 1.68 9.98
C LEU C 465 -28.34 0.44 9.15
N ASN C 466 -28.35 0.52 7.83
CA ASN C 466 -28.71 -0.63 6.99
C ASN C 466 -27.55 -1.39 6.45
N ASN C 467 -26.31 -1.16 6.94
CA ASN C 467 -25.17 -1.86 6.37
C ASN C 467 -25.31 -3.36 6.58
N PRO C 468 -24.87 -4.18 5.65
CA PRO C 468 -25.02 -5.63 5.74
C PRO C 468 -24.17 -6.25 6.80
N ALA C 469 -23.14 -5.58 7.32
CA ALA C 469 -22.32 -6.21 8.36
C ALA C 469 -23.00 -6.36 9.71
N TRP C 470 -24.07 -5.58 9.94
CA TRP C 470 -24.75 -5.68 11.24
C TRP C 470 -25.49 -7.00 11.41
N ASN C 471 -25.72 -7.76 10.34
CA ASN C 471 -26.34 -9.07 10.47
C ASN C 471 -25.29 -10.14 10.67
N GLU C 472 -24.01 -9.76 10.91
CA GLU C 472 -22.98 -10.78 11.04
C GLU C 472 -22.28 -10.83 12.37
N LEU C 473 -22.79 -10.14 13.39
CA LEU C 473 -22.09 -10.17 14.68
C LEU C 473 -22.12 -11.57 15.28
N THR C 474 -23.19 -12.32 15.06
CA THR C 474 -23.27 -13.68 15.61
C THR C 474 -22.92 -14.68 14.52
N ALA C 475 -21.95 -15.54 14.85
CA ALA C 475 -21.54 -16.56 13.87
C ALA C 475 -22.75 -17.39 13.47
N PRO C 476 -22.83 -17.85 12.25
CA PRO C 476 -23.98 -18.54 11.71
C PRO C 476 -24.23 -19.88 12.37
N TRP C 477 -23.26 -20.45 13.04
CA TRP C 477 -23.46 -21.70 13.74
C TRP C 477 -23.98 -21.47 15.14
N LEU C 478 -24.16 -20.23 15.57
CA LEU C 478 -24.69 -19.92 16.90
C LEU C 478 -26.13 -19.39 16.87
N SER D 1 -25.47 23.01 -4.03
CA SER D 1 -26.51 22.08 -4.50
C SER D 1 -26.06 20.62 -4.48
N GLN D 2 -27.02 19.69 -4.48
CA GLN D 2 -26.78 18.27 -4.49
C GLN D 2 -27.79 17.60 -5.45
N THR D 3 -27.39 16.52 -6.10
CA THR D 3 -28.39 15.81 -6.92
C THR D 3 -28.66 14.46 -6.26
N ILE D 4 -29.89 13.96 -6.29
CA ILE D 4 -30.23 12.75 -5.54
C ILE D 4 -29.39 11.54 -5.94
N ASP D 5 -29.02 11.39 -7.19
CA ASP D 5 -28.26 10.27 -7.69
C ASP D 5 -26.77 10.27 -7.38
N LYS D 6 -26.20 11.38 -6.93
CA LYS D 6 -24.79 11.31 -6.52
C LYS D 6 -24.54 12.44 -5.53
N ILE D 7 -24.79 12.09 -4.28
CA ILE D 7 -24.62 13.04 -3.18
C ILE D 7 -23.12 13.17 -2.96
N ASN D 8 -22.61 14.39 -2.81
CA ASN D 8 -21.17 14.54 -2.59
C ASN D 8 -20.93 14.98 -1.14
N SER D 9 -19.95 14.36 -0.49
CA SER D 9 -19.51 14.84 0.82
C SER D 9 -18.75 16.13 0.69
N CYS D 10 -18.41 16.80 1.77
CA CYS D 10 -17.62 18.00 1.86
C CYS D 10 -16.63 18.13 0.70
N TYR D 11 -15.67 17.19 0.59
CA TYR D 11 -14.91 17.07 -0.64
C TYR D 11 -15.52 15.90 -1.42
N PRO D 12 -16.01 16.06 -2.62
CA PRO D 12 -15.80 17.25 -3.45
C PRO D 12 -16.90 18.27 -3.54
N LEU D 13 -17.91 18.22 -2.66
CA LEU D 13 -18.98 19.23 -2.67
C LEU D 13 -18.45 20.62 -2.85
N PHE D 14 -17.42 21.04 -2.09
CA PHE D 14 -16.99 22.41 -2.09
C PHE D 14 -16.18 22.78 -3.33
N GLU D 15 -15.90 21.83 -4.20
CA GLU D 15 -15.34 22.12 -5.52
C GLU D 15 -16.39 22.68 -6.48
N GLN D 16 -17.66 22.58 -6.15
CA GLN D 16 -18.72 23.02 -7.07
C GLN D 16 -18.67 24.52 -7.24
N ASP D 17 -19.15 24.95 -8.44
CA ASP D 17 -19.04 26.36 -8.77
C ASP D 17 -19.65 27.28 -7.71
N GLU D 18 -20.82 26.91 -7.18
CA GLU D 18 -21.45 27.81 -6.21
C GLU D 18 -20.61 27.97 -4.95
N TYR D 19 -19.87 26.92 -4.55
CA TYR D 19 -19.00 27.09 -3.39
C TYR D 19 -17.72 27.82 -3.74
N GLN D 20 -17.18 27.61 -4.95
CA GLN D 20 -16.02 28.45 -5.33
C GLN D 20 -16.35 29.94 -5.33
N GLU D 21 -17.56 30.32 -5.76
CA GLU D 21 -18.04 31.69 -5.71
C GLU D 21 -18.24 32.18 -4.27
N LEU D 22 -18.76 31.29 -3.43
CA LEU D 22 -18.94 31.62 -2.02
C LEU D 22 -17.62 31.99 -1.40
N PHE D 23 -16.57 31.19 -1.65
CA PHE D 23 -15.24 31.41 -1.12
C PHE D 23 -14.58 32.69 -1.62
N ARG D 24 -14.78 32.95 -2.93
CA ARG D 24 -14.22 34.21 -3.45
C ARG D 24 -14.94 35.38 -2.76
N ASN D 25 -16.25 35.30 -2.52
CA ASN D 25 -16.94 36.38 -1.83
C ASN D 25 -16.52 36.46 -0.37
N LYS D 26 -16.42 35.33 0.32
CA LYS D 26 -16.03 35.38 1.73
C LYS D 26 -14.63 35.94 1.89
N ARG D 27 -13.72 35.61 0.98
CA ARG D 27 -12.36 36.09 1.04
C ARG D 27 -12.29 37.61 1.12
N GLN D 28 -13.27 38.30 0.51
CA GLN D 28 -13.25 39.75 0.52
C GLN D 28 -13.55 40.36 1.87
N LEU D 29 -14.02 39.58 2.84
CA LEU D 29 -14.33 40.07 4.17
C LEU D 29 -13.25 39.72 5.18
N GLU D 30 -12.18 39.06 4.74
CA GLU D 30 -11.13 38.62 5.63
C GLU D 30 -9.88 39.48 5.68
N GLU D 31 -9.78 40.51 4.81
CA GLU D 31 -8.55 41.25 4.62
C GLU D 31 -7.36 40.30 4.44
N ALA D 32 -7.57 39.44 3.44
CA ALA D 32 -6.56 38.42 3.13
C ALA D 32 -5.30 39.11 2.64
N HIS D 33 -4.16 38.48 2.95
CA HIS D 33 -2.90 38.85 2.32
C HIS D 33 -3.02 38.52 0.85
N ASP D 34 -2.44 39.33 -0.05
CA ASP D 34 -2.63 38.94 -1.46
C ASP D 34 -1.90 37.64 -1.77
N ALA D 35 -2.42 36.96 -2.79
CA ALA D 35 -1.87 35.69 -3.21
C ALA D 35 -0.39 35.80 -3.54
N GLN D 36 0.09 36.91 -4.10
CA GLN D 36 1.48 37.03 -4.42
C GLN D 36 2.33 37.02 -3.16
N ARG D 37 1.87 37.69 -2.10
CA ARG D 37 2.63 37.74 -0.85
C ARG D 37 2.65 36.35 -0.19
N VAL D 38 1.48 35.72 -0.26
CA VAL D 38 1.40 34.37 0.40
C VAL D 38 2.32 33.41 -0.34
N GLN D 39 2.36 33.52 -1.69
CA GLN D 39 3.28 32.69 -2.45
C GLN D 39 4.72 32.97 -2.08
N GLU D 40 5.06 34.28 -1.96
CA GLU D 40 6.44 34.65 -1.64
C GLU D 40 6.85 34.08 -0.27
N VAL D 41 5.94 34.14 0.70
CA VAL D 41 6.27 33.61 2.03
C VAL D 41 6.37 32.09 1.98
N PHE D 42 5.46 31.43 1.25
CA PHE D 42 5.58 29.96 1.17
C PHE D 42 6.93 29.57 0.59
N ALA D 43 7.29 30.23 -0.52
CA ALA D 43 8.57 29.89 -1.14
C ALA D 43 9.70 30.09 -0.14
N TRP D 44 9.70 31.21 0.57
CA TRP D 44 10.75 31.50 1.55
C TRP D 44 10.80 30.45 2.67
N THR D 45 9.65 29.85 3.04
CA THR D 45 9.66 28.78 4.04
C THR D 45 10.29 27.49 3.53
N THR D 46 10.58 27.40 2.23
CA THR D 46 11.26 26.21 1.71
C THR D 46 12.76 26.41 1.62
N THR D 47 13.27 27.59 2.04
CA THR D 47 14.66 27.84 1.72
C THR D 47 15.65 27.50 2.82
N ALA D 48 16.93 27.51 2.46
CA ALA D 48 18.02 27.35 3.40
C ALA D 48 18.08 28.53 4.37
N GLU D 49 17.76 29.75 3.94
CA GLU D 49 17.76 30.89 4.86
C GLU D 49 16.70 30.71 5.95
N TYR D 50 15.51 30.29 5.53
CA TYR D 50 14.45 30.05 6.53
C TYR D 50 14.85 28.92 7.44
N GLU D 51 15.41 27.84 6.88
CA GLU D 51 15.90 26.75 7.72
C GLU D 51 16.85 27.24 8.79
N ALA D 52 17.83 28.09 8.44
CA ALA D 52 18.77 28.55 9.48
C ALA D 52 18.03 29.27 10.60
N LEU D 53 17.07 30.12 10.28
CA LEU D 53 16.31 30.82 11.34
C LEU D 53 15.45 29.82 12.13
N ASN D 54 14.88 28.83 11.44
CA ASN D 54 14.07 27.77 12.06
C ASN D 54 14.87 27.00 13.10
N PHE D 55 16.12 26.69 12.79
CA PHE D 55 17.05 26.04 13.71
C PHE D 55 17.70 26.98 14.73
N ARG D 56 17.32 28.23 14.76
CA ARG D 56 17.71 29.12 15.87
C ARG D 56 16.71 29.08 17.00
N ARG D 57 15.56 28.41 16.80
CA ARG D 57 14.55 28.41 17.86
C ARG D 57 15.08 27.84 19.17
N GLU D 58 14.69 28.55 20.23
CA GLU D 58 15.06 28.05 21.57
C GLU D 58 13.82 27.95 22.44
N ALA D 59 12.69 28.52 22.09
CA ALA D 59 11.51 28.57 22.93
C ALA D 59 10.23 28.04 22.31
N LEU D 60 10.04 28.30 21.00
CA LEU D 60 8.88 27.85 20.26
C LEU D 60 9.12 26.41 19.74
N THR D 61 8.12 25.57 20.01
CA THR D 61 8.04 24.23 19.39
C THR D 61 6.85 24.24 18.44
N VAL D 62 7.05 23.61 17.23
CA VAL D 62 5.98 23.62 16.23
C VAL D 62 5.93 22.18 15.65
N ASP D 63 4.75 21.58 15.81
CA ASP D 63 4.49 20.23 15.28
C ASP D 63 5.41 19.25 16.00
N PRO D 64 5.22 19.10 17.31
CA PRO D 64 6.05 18.14 18.04
C PRO D 64 5.89 16.70 17.55
N ALA D 65 6.92 15.88 17.84
CA ALA D 65 6.85 14.45 17.49
C ALA D 65 7.05 13.66 18.81
N LYS D 66 6.19 13.99 19.77
CA LYS D 66 6.20 13.25 21.05
C LYS D 66 4.89 13.58 21.76
N ALA D 67 4.52 12.75 22.73
CA ALA D 67 3.37 13.06 23.60
C ALA D 67 3.84 13.07 25.07
N CYS D 68 2.91 13.13 26.02
CA CYS D 68 3.31 13.27 27.41
C CYS D 68 3.21 12.00 28.24
N GLN D 69 3.95 12.01 29.36
CA GLN D 69 4.08 10.80 30.17
C GLN D 69 2.85 9.96 30.39
N PRO D 70 1.77 10.46 30.94
CA PRO D 70 0.63 9.62 31.31
C PRO D 70 0.06 8.84 30.15
N LEU D 71 0.13 9.31 28.89
CA LEU D 71 -0.28 8.47 27.78
C LEU D 71 0.44 7.13 27.81
N GLY D 72 1.75 7.14 28.04
CA GLY D 72 2.49 5.87 28.06
C GLY D 72 2.18 5.06 29.36
N ALA D 73 1.91 5.76 30.47
CA ALA D 73 1.48 4.95 31.64
C ALA D 73 0.15 4.26 31.36
N VAL D 74 -0.82 4.89 30.69
CA VAL D 74 -2.08 4.28 30.36
C VAL D 74 -1.84 3.05 29.49
N LEU D 75 -0.98 3.21 28.44
CA LEU D 75 -0.78 2.05 27.56
C LEU D 75 -0.11 0.90 28.30
N CYS D 76 0.89 1.16 29.16
CA CYS D 76 1.45 0.09 29.95
C CYS D 76 0.40 -0.58 30.85
N SER D 77 -0.42 0.25 31.48
CA SER D 77 -1.45 -0.33 32.36
C SER D 77 -2.45 -1.21 31.65
N LEU D 78 -2.83 -0.84 30.41
CA LEU D 78 -3.76 -1.64 29.61
C LEU D 78 -3.24 -3.05 29.35
N GLY D 79 -1.91 -3.23 29.42
CA GLY D 79 -1.30 -4.53 29.22
C GLY D 79 -1.35 -5.52 30.37
N PHE D 80 -2.07 -5.20 31.46
CA PHE D 80 -2.15 -6.17 32.56
C PHE D 80 -3.59 -6.61 32.72
N ALA D 81 -3.79 -7.87 33.07
CA ALA D 81 -5.13 -8.44 33.15
C ALA D 81 -6.02 -7.70 34.14
N ASN D 82 -7.26 -7.52 33.69
CA ASN D 82 -8.32 -6.93 34.51
C ASN D 82 -7.88 -5.65 35.20
N THR D 83 -7.19 -4.80 34.43
CA THR D 83 -6.63 -3.58 34.94
C THR D 83 -7.36 -2.37 34.34
N LEU D 84 -7.71 -1.49 35.28
CA LEU D 84 -8.29 -0.22 34.84
C LEU D 84 -7.28 0.87 35.00
N PRO D 85 -6.88 1.53 33.90
CA PRO D 85 -6.00 2.68 34.00
C PRO D 85 -6.78 3.81 34.68
N TYR D 86 -6.05 4.51 35.53
CA TYR D 86 -6.62 5.64 36.32
C TYR D 86 -5.59 6.72 36.37
N VAL D 87 -5.98 7.94 35.99
CA VAL D 87 -5.01 9.04 36.00
C VAL D 87 -5.52 10.10 36.99
N HIS D 88 -4.76 10.17 38.08
CA HIS D 88 -5.06 11.16 39.12
C HIS D 88 -4.69 12.56 38.64
N GLY D 89 -5.70 13.43 38.69
CA GLY D 89 -5.52 14.80 38.18
C GLY D 89 -6.78 15.30 37.48
N SER D 90 -6.56 16.14 36.44
CA SER D 90 -7.59 16.80 35.66
CA SER D 90 -7.67 16.76 35.72
C SER D 90 -8.17 15.96 34.53
N GLN D 91 -9.49 15.97 34.33
CA GLN D 91 -10.16 15.03 33.43
C GLN D 91 -9.93 15.28 31.95
N GLY D 92 -9.60 16.49 31.53
CA GLY D 92 -9.38 16.75 30.10
C GLY D 92 -8.26 15.82 29.59
N CYS D 93 -7.26 15.57 30.45
CA CYS D 93 -6.20 14.66 30.03
C CYS D 93 -6.73 13.32 29.60
N VAL D 94 -7.59 12.67 30.39
CA VAL D 94 -8.13 11.35 30.11
C VAL D 94 -9.02 11.30 28.90
N ALA D 95 -9.83 12.33 28.64
CA ALA D 95 -10.57 12.40 27.40
C ALA D 95 -9.57 12.36 26.21
N TYR D 96 -8.48 13.10 26.32
CA TYR D 96 -7.49 13.11 25.23
C TYR D 96 -6.71 11.81 25.14
N PHE D 97 -6.30 11.18 26.26
CA PHE D 97 -5.60 9.89 26.09
C PHE D 97 -6.48 8.85 25.42
N ARG D 98 -7.71 8.73 25.89
CA ARG D 98 -8.64 7.78 25.30
C ARG D 98 -8.81 8.02 23.79
N THR D 99 -9.12 9.26 23.43
CA THR D 99 -9.32 9.64 22.03
C THR D 99 -8.10 9.33 21.16
N TYR D 100 -6.93 9.64 21.66
CA TYR D 100 -5.67 9.46 20.89
C TYR D 100 -5.48 8.01 20.53
N PHE D 101 -5.70 7.12 21.53
CA PHE D 101 -5.59 5.69 21.22
C PHE D 101 -6.81 5.17 20.46
N ASN D 102 -8.02 5.72 20.69
CA ASN D 102 -9.19 5.28 19.93
C ASN D 102 -8.95 5.44 18.40
N ARG D 103 -8.34 6.56 18.03
CA ARG D 103 -8.13 6.91 16.61
C ARG D 103 -6.99 6.12 15.96
N HIS D 104 -6.05 5.62 16.77
CA HIS D 104 -5.01 4.76 16.18
C HIS D 104 -5.45 3.32 16.10
N PHE D 105 -6.04 2.77 17.18
CA PHE D 105 -6.39 1.37 17.19
C PHE D 105 -7.77 1.07 16.65
N LYS D 106 -8.59 2.12 16.45
CA LYS D 106 -9.98 1.91 16.06
C LYS D 106 -10.59 1.03 17.13
N GLU D 107 -10.35 1.22 18.40
CA GLU D 107 -10.89 0.40 19.48
C GLU D 107 -11.28 1.31 20.64
N PRO D 108 -12.14 0.80 21.56
CA PRO D 108 -12.44 1.46 22.79
C PRO D 108 -11.22 1.38 23.71
N ILE D 109 -11.06 2.37 24.56
CA ILE D 109 -9.94 2.51 25.47
C ILE D 109 -10.50 2.90 26.85
N ALA D 110 -10.44 1.97 27.80
CA ALA D 110 -10.90 2.29 29.15
C ALA D 110 -9.82 3.03 29.94
N CYS D 111 -10.26 4.15 30.55
CA CYS D 111 -9.40 4.91 31.42
C CYS D 111 -10.25 5.91 32.21
N VAL D 112 -9.98 6.03 33.50
CA VAL D 112 -10.74 7.02 34.27
C VAL D 112 -9.83 8.13 34.76
N SER D 113 -10.49 9.22 35.19
CA SER D 113 -9.92 10.33 35.89
C SER D 113 -10.57 10.46 37.28
N ASP D 114 -9.95 11.26 38.16
CA ASP D 114 -10.70 11.54 39.39
C ASP D 114 -11.14 13.02 39.37
N SER D 115 -11.04 13.70 38.24
CA SER D 115 -11.67 15.00 38.04
C SER D 115 -11.33 16.03 39.10
N MET D 116 -10.04 16.28 39.23
CA MET D 116 -9.60 17.36 40.15
C MET D 116 -9.92 18.67 39.45
N THR D 117 -10.53 19.57 40.20
CA THR D 117 -10.85 20.91 39.71
C THR D 117 -10.25 21.95 40.64
N GLU D 118 -10.77 23.18 40.53
CA GLU D 118 -10.27 24.26 41.40
C GLU D 118 -10.27 23.91 42.88
N ASP D 119 -11.28 23.25 43.41
CA ASP D 119 -11.28 22.86 44.81
C ASP D 119 -10.06 21.99 45.12
N ALA D 120 -9.77 21.00 44.26
CA ALA D 120 -8.59 20.14 44.55
C ALA D 120 -7.30 20.88 44.39
N ALA D 121 -7.23 21.88 43.50
CA ALA D 121 -6.04 22.71 43.36
C ALA D 121 -5.67 23.36 44.69
N VAL D 122 -6.67 23.80 45.48
CA VAL D 122 -6.36 24.39 46.79
C VAL D 122 -6.21 23.32 47.87
N PHE D 123 -7.04 22.28 47.93
CA PHE D 123 -6.92 21.33 49.04
C PHE D 123 -6.02 20.12 48.79
N GLY D 124 -5.57 19.99 47.55
CA GLY D 124 -4.83 18.77 47.18
C GLY D 124 -5.94 17.79 46.78
N GLY D 125 -5.56 16.72 46.03
CA GLY D 125 -6.63 15.87 45.52
C GLY D 125 -6.89 14.59 46.30
N ASN D 126 -6.67 14.60 47.64
CA ASN D 126 -6.89 13.34 48.37
C ASN D 126 -8.36 12.97 48.37
N ASN D 127 -9.31 13.90 48.41
CA ASN D 127 -10.71 13.51 48.37
C ASN D 127 -11.05 12.91 47.01
N ASN D 128 -10.50 13.48 45.93
CA ASN D 128 -10.75 12.92 44.61
C ASN D 128 -10.21 11.48 44.50
N MET D 129 -9.05 11.23 45.05
CA MET D 129 -8.47 9.89 45.01
C MET D 129 -9.34 8.91 45.80
N ASN D 130 -9.80 9.33 46.99
CA ASN D 130 -10.67 8.41 47.74
C ASN D 130 -11.93 8.06 47.01
N LEU D 131 -12.70 9.06 46.56
CA LEU D 131 -13.95 8.84 45.89
C LEU D 131 -13.70 8.19 44.52
N GLY D 132 -12.63 8.62 43.87
CA GLY D 132 -12.34 8.05 42.53
C GLY D 132 -12.10 6.54 42.61
N LEU D 133 -11.25 6.11 43.55
CA LEU D 133 -11.04 4.66 43.67
C LEU D 133 -12.32 3.92 44.02
N GLN D 134 -13.11 4.52 44.95
CA GLN D 134 -14.37 3.92 45.34
C GLN D 134 -15.36 3.79 44.23
N ASN D 135 -15.54 4.86 43.42
CA ASN D 135 -16.49 4.80 42.33
C ASN D 135 -15.96 3.93 41.16
N ALA D 136 -14.66 4.03 40.92
CA ALA D 136 -14.18 3.15 39.79
C ALA D 136 -14.32 1.68 40.15
N SER D 137 -14.00 1.33 41.40
CA SER D 137 -14.15 -0.06 41.83
C SER D 137 -15.58 -0.57 41.65
N ALA D 138 -16.55 0.27 42.11
CA ALA D 138 -17.94 -0.14 42.03
C ALA D 138 -18.47 -0.31 40.61
N LEU D 139 -18.11 0.67 39.75
CA LEU D 139 -18.64 0.65 38.41
C LEU D 139 -18.00 -0.41 37.51
N TYR D 140 -16.66 -0.50 37.61
CA TYR D 140 -15.90 -1.24 36.62
C TYR D 140 -15.29 -2.51 37.14
N LYS D 141 -15.33 -2.75 38.45
CA LYS D 141 -14.84 -3.98 39.06
C LYS D 141 -13.50 -4.48 38.53
N PRO D 142 -12.47 -3.66 38.54
CA PRO D 142 -11.15 -4.08 38.15
C PRO D 142 -10.51 -4.90 39.27
N GLU D 143 -9.57 -5.76 38.90
CA GLU D 143 -8.73 -6.44 39.88
C GLU D 143 -7.54 -5.55 40.27
N ILE D 144 -7.14 -4.67 39.33
CA ILE D 144 -6.03 -3.75 39.49
C ILE D 144 -6.43 -2.35 39.04
N ILE D 145 -6.19 -1.35 39.87
CA ILE D 145 -6.41 0.06 39.43
C ILE D 145 -5.03 0.66 39.32
N ALA D 146 -4.54 1.02 38.13
CA ALA D 146 -3.17 1.45 37.89
C ALA D 146 -3.11 2.96 37.70
N VAL D 147 -2.57 3.57 38.73
CA VAL D 147 -2.67 5.04 38.87
C VAL D 147 -1.44 5.76 38.38
N SER D 148 -1.67 6.74 37.49
CA SER D 148 -0.64 7.67 37.06
C SER D 148 -1.12 9.09 37.33
N THR D 149 -0.39 10.11 36.91
CA THR D 149 -0.78 11.49 37.26
C THR D 149 -0.78 12.43 36.05
N THR D 150 -1.55 13.50 36.21
CA THR D 150 -1.57 14.62 35.26
C THR D 150 -0.73 15.76 35.86
N CYS D 151 -0.42 16.77 35.01
CA CYS D 151 0.55 17.76 35.45
C CYS D 151 0.01 18.61 36.59
N MET D 152 -1.29 18.84 36.65
CA MET D 152 -1.87 19.59 37.76
C MET D 152 -1.50 18.90 39.07
N ALA D 153 -1.71 17.58 39.12
CA ALA D 153 -1.40 16.82 40.34
C ALA D 153 0.07 16.90 40.68
N GLU D 154 0.95 16.88 39.68
CA GLU D 154 2.38 16.99 39.90
C GLU D 154 2.77 18.38 40.41
N VAL D 155 2.26 19.45 39.80
CA VAL D 155 2.67 20.81 40.16
C VAL D 155 2.23 21.10 41.61
N ILE D 156 1.03 20.68 41.97
CA ILE D 156 0.49 20.97 43.32
C ILE D 156 1.13 20.05 44.36
N GLY D 157 1.81 18.98 43.97
CA GLY D 157 2.60 18.19 44.92
C GLY D 157 1.83 17.12 45.65
N ASP D 158 0.79 16.62 45.00
CA ASP D 158 -0.01 15.54 45.58
C ASP D 158 0.90 14.33 45.83
N ASP D 159 0.85 13.88 47.10
CA ASP D 159 1.64 12.73 47.55
C ASP D 159 0.86 11.47 47.20
N LEU D 160 1.02 10.96 45.99
CA LEU D 160 0.29 9.79 45.49
C LEU D 160 0.28 8.60 46.44
N GLN D 161 1.49 8.19 46.84
CA GLN D 161 1.65 7.05 47.74
C GLN D 161 0.82 7.23 49.01
N ALA D 162 0.91 8.41 49.62
CA ALA D 162 0.15 8.66 50.84
C ALA D 162 -1.36 8.61 50.60
N PHE D 163 -1.80 9.23 49.48
CA PHE D 163 -3.21 9.22 49.15
C PHE D 163 -3.80 7.83 49.03
N ILE D 164 -3.06 6.95 48.32
CA ILE D 164 -3.51 5.58 48.13
C ILE D 164 -3.47 4.83 49.48
N ALA D 165 -2.45 5.11 50.27
CA ALA D 165 -2.38 4.45 51.59
C ALA D 165 -3.58 4.89 52.43
N ASN D 166 -3.96 6.18 52.36
CA ASN D 166 -5.17 6.64 53.05
C ASN D 166 -6.45 6.05 52.51
N ALA D 167 -6.60 5.90 51.18
CA ALA D 167 -7.80 5.31 50.63
C ALA D 167 -7.96 3.87 51.14
N LYS D 168 -6.84 3.15 51.22
CA LYS D 168 -6.85 1.78 51.71
C LYS D 168 -7.24 1.77 53.20
N LYS D 169 -6.55 2.58 53.99
CA LYS D 169 -6.80 2.67 55.43
C LYS D 169 -8.27 2.96 55.72
N ASP D 170 -8.85 3.92 55.00
CA ASP D 170 -10.21 4.37 55.25
C ASP D 170 -11.30 3.59 54.55
N GLY D 171 -11.00 2.50 53.85
CA GLY D 171 -11.98 1.64 53.22
C GLY D 171 -12.57 2.18 51.91
N PHE D 172 -11.89 3.12 51.27
CA PHE D 172 -12.38 3.56 49.96
C PHE D 172 -12.01 2.53 48.87
N VAL D 173 -10.94 1.78 49.09
CA VAL D 173 -10.57 0.73 48.11
C VAL D 173 -10.37 -0.56 48.90
N ASP D 174 -10.98 -1.63 48.42
CA ASP D 174 -10.92 -2.93 49.09
C ASP D 174 -9.55 -3.55 49.01
N SER D 175 -9.25 -4.41 49.98
CA SER D 175 -7.98 -5.12 50.02
C SER D 175 -7.82 -6.13 48.89
N SER D 176 -8.86 -6.52 48.17
CA SER D 176 -8.74 -7.45 47.07
C SER D 176 -8.20 -6.74 45.80
N ILE D 177 -8.16 -5.42 45.83
CA ILE D 177 -7.70 -4.69 44.61
C ILE D 177 -6.29 -4.20 44.73
N ALA D 178 -5.43 -4.45 43.72
CA ALA D 178 -4.08 -3.92 43.72
C ALA D 178 -4.05 -2.51 43.12
N VAL D 179 -3.28 -1.61 43.71
CA VAL D 179 -3.27 -0.23 43.22
C VAL D 179 -1.85 0.22 43.01
N PRO D 180 -1.14 -0.26 42.00
CA PRO D 180 0.18 0.20 41.65
C PRO D 180 0.10 1.64 41.20
N HIS D 181 1.12 2.44 41.42
CA HIS D 181 1.09 3.84 41.06
C HIS D 181 2.46 4.26 40.52
N ALA D 182 2.44 5.38 39.79
CA ALA D 182 3.65 6.06 39.40
C ALA D 182 3.38 7.54 39.20
N HIS D 183 4.36 8.34 39.53
CA HIS D 183 4.33 9.77 39.20
C HIS D 183 4.76 9.91 37.74
N THR D 184 3.93 10.59 36.95
CA THR D 184 4.15 10.74 35.51
C THR D 184 3.99 12.20 35.05
N PRO D 185 4.95 13.05 35.37
CA PRO D 185 4.89 14.46 35.03
C PRO D 185 5.16 14.70 33.54
N SER D 186 4.15 15.34 32.92
CA SER D 186 4.27 15.56 31.47
C SER D 186 5.35 16.53 31.08
N PHE D 187 5.87 17.35 32.00
CA PHE D 187 6.96 18.26 31.73
C PHE D 187 8.33 17.64 31.93
N ILE D 188 8.40 16.28 32.07
CA ILE D 188 9.64 15.55 32.02
C ILE D 188 9.58 14.45 30.94
N GLY D 189 10.61 14.39 30.10
CA GLY D 189 10.61 13.28 29.12
C GLY D 189 9.40 13.32 28.20
N SER D 190 8.82 12.13 27.95
CA SER D 190 7.70 12.04 27.00
C SER D 190 6.84 10.86 27.38
N HIS D 191 5.93 10.43 26.52
CA HIS D 191 5.12 9.24 26.76
C HIS D 191 5.97 8.00 27.00
N VAL D 192 7.18 7.85 26.46
CA VAL D 192 7.96 6.63 26.71
C VAL D 192 8.43 6.58 28.17
N THR D 193 8.66 7.75 28.74
CA THR D 193 9.09 7.82 30.17
C THR D 193 7.95 7.41 31.07
N GLY D 194 6.73 7.80 30.69
CA GLY D 194 5.57 7.41 31.51
C GLY D 194 5.36 5.91 31.52
N TRP D 195 5.60 5.24 30.37
CA TRP D 195 5.46 3.78 30.29
C TRP D 195 6.45 3.14 31.27
N ASP D 196 7.71 3.51 31.19
CA ASP D 196 8.77 2.96 32.04
C ASP D 196 8.49 3.26 33.52
N ASN D 197 8.02 4.47 33.81
CA ASN D 197 7.68 4.80 35.18
C ASN D 197 6.53 3.91 35.65
N MET D 198 5.50 3.74 34.83
CA MET D 198 4.39 2.88 35.23
C MET D 198 4.81 1.45 35.46
N PHE D 199 5.74 0.95 34.61
CA PHE D 199 6.19 -0.43 34.75
C PHE D 199 6.88 -0.60 36.11
N GLU D 200 7.73 0.36 36.46
CA GLU D 200 8.38 0.30 37.79
C GLU D 200 7.35 0.25 38.91
N GLY D 201 6.22 0.96 38.80
CA GLY D 201 5.14 0.91 39.79
C GLY D 201 4.55 -0.49 39.88
N PHE D 202 4.28 -1.14 38.74
CA PHE D 202 3.80 -2.51 38.74
C PHE D 202 4.84 -3.46 39.38
N ALA D 203 6.11 -3.26 39.04
CA ALA D 203 7.15 -4.11 39.64
C ALA D 203 7.20 -3.97 41.16
N LYS D 204 7.08 -2.74 41.65
CA LYS D 204 7.13 -2.61 43.12
C LYS D 204 5.94 -3.34 43.74
N THR D 205 4.74 -3.02 43.26
CA THR D 205 3.51 -3.57 43.86
C THR D 205 3.51 -5.07 43.83
N PHE D 206 3.94 -5.70 42.74
CA PHE D 206 3.79 -7.14 42.60
C PHE D 206 5.00 -7.96 43.00
N THR D 207 6.15 -7.35 43.17
CA THR D 207 7.33 -8.15 43.45
C THR D 207 8.21 -7.65 44.58
N ALA D 208 7.97 -6.48 45.16
CA ALA D 208 9.04 -5.93 46.05
C ALA D 208 9.28 -6.86 47.25
N ASP D 209 8.25 -7.46 47.82
CA ASP D 209 8.48 -8.30 48.99
C ASP D 209 8.81 -9.74 48.65
N TYR D 210 9.02 -10.10 47.40
CA TYR D 210 9.23 -11.47 46.98
C TYR D 210 10.69 -11.87 46.96
N GLN D 211 10.93 -13.09 47.49
CA GLN D 211 12.32 -13.57 47.47
C GLN D 211 12.53 -14.47 46.26
N GLY D 212 12.99 -13.86 45.16
CA GLY D 212 13.08 -14.61 43.91
C GLY D 212 14.40 -15.33 43.73
N GLN D 213 14.45 -16.19 42.74
CA GLN D 213 15.62 -16.98 42.42
C GLN D 213 15.69 -17.16 40.89
N PRO D 214 16.53 -16.37 40.27
CA PRO D 214 16.61 -16.44 38.78
C PRO D 214 16.86 -17.83 38.30
N GLY D 215 16.07 -18.32 37.37
CA GLY D 215 16.14 -19.64 36.75
C GLY D 215 15.37 -20.71 37.52
N LYS D 216 14.70 -20.34 38.62
CA LYS D 216 13.78 -21.29 39.27
C LYS D 216 12.70 -21.70 38.27
N LEU D 217 12.23 -20.71 37.47
CA LEU D 217 11.38 -21.02 36.33
C LEU D 217 12.23 -20.91 35.08
N PRO D 218 12.21 -21.90 34.21
CA PRO D 218 13.05 -21.96 33.02
C PRO D 218 12.48 -21.11 31.89
N LYS D 219 12.14 -19.87 32.22
CA LYS D 219 11.46 -18.97 31.29
C LYS D 219 12.15 -17.64 31.15
N LEU D 220 11.79 -16.92 30.08
CA LEU D 220 12.26 -15.55 29.91
C LEU D 220 11.07 -14.59 29.95
N ASN D 221 11.22 -13.48 30.67
CA ASN D 221 10.24 -12.40 30.56
C ASN D 221 10.71 -11.50 29.41
N LEU D 222 9.71 -10.92 28.73
CA LEU D 222 10.01 -9.90 27.72
C LEU D 222 9.26 -8.59 28.02
N VAL D 223 9.96 -7.46 27.93
CA VAL D 223 9.30 -6.17 28.18
C VAL D 223 9.41 -5.34 26.89
N THR D 224 8.23 -4.98 26.36
CA THR D 224 8.30 -4.26 25.06
C THR D 224 8.52 -2.78 25.17
N GLY D 225 8.09 -2.17 26.27
CA GLY D 225 7.98 -0.70 26.30
C GLY D 225 6.81 -0.28 25.41
N PHE D 226 6.76 1.02 25.13
CA PHE D 226 5.64 1.66 24.44
C PHE D 226 5.60 1.18 22.99
N GLU D 227 4.60 0.38 22.62
CA GLU D 227 4.56 -0.21 21.28
C GLU D 227 3.11 -0.36 20.85
N THR D 228 2.86 0.11 19.63
CA THR D 228 1.45 0.24 19.19
C THR D 228 1.10 -0.58 17.97
N TYR D 229 1.94 -1.55 17.66
CA TYR D 229 1.68 -2.55 16.64
C TYR D 229 1.29 -3.87 17.31
N LEU D 230 0.05 -4.35 17.08
CA LEU D 230 -0.41 -5.56 17.79
C LEU D 230 0.48 -6.74 17.38
N GLY D 231 0.91 -6.74 16.11
CA GLY D 231 1.73 -7.84 15.62
C GLY D 231 3.05 -8.00 16.36
N ASN D 232 3.59 -6.96 16.99
CA ASN D 232 4.87 -7.07 17.68
C ASN D 232 4.73 -7.85 19.00
N PHE D 233 3.59 -7.70 19.69
CA PHE D 233 3.39 -8.53 20.89
C PHE D 233 3.21 -9.98 20.44
N ARG D 234 2.49 -10.17 19.35
CA ARG D 234 2.12 -11.51 18.90
C ARG D 234 3.32 -12.26 18.35
N VAL D 235 4.15 -11.58 17.55
CA VAL D 235 5.28 -12.26 16.91
C VAL D 235 6.28 -12.76 17.95
N LEU D 236 6.45 -11.96 19.02
CA LEU D 236 7.38 -12.36 20.08
C LEU D 236 6.86 -13.67 20.71
N LYS D 237 5.59 -13.73 21.06
CA LYS D 237 5.07 -14.97 21.65
C LYS D 237 5.16 -16.14 20.68
N ARG D 238 4.87 -15.89 19.40
CA ARG D 238 4.96 -16.98 18.41
C ARG D 238 6.38 -17.45 18.28
N MET D 239 7.40 -16.57 18.28
CA MET D 239 8.78 -17.03 18.09
C MET D 239 9.21 -17.82 19.33
N MET D 240 8.81 -17.32 20.50
CA MET D 240 9.21 -18.05 21.73
C MET D 240 8.60 -19.43 21.74
N GLU D 241 7.37 -19.60 21.28
CA GLU D 241 6.74 -20.92 21.24
C GLU D 241 7.52 -21.81 20.30
N GLN D 242 7.93 -21.27 19.14
CA GLN D 242 8.77 -22.05 18.23
C GLN D 242 10.12 -22.42 18.83
N MET D 243 10.73 -21.60 19.66
CA MET D 243 11.96 -21.86 20.37
C MET D 243 11.68 -22.91 21.46
N ALA D 244 10.47 -23.14 21.90
CA ALA D 244 10.12 -24.02 23.00
C ALA D 244 10.66 -23.46 24.31
N VAL D 245 10.71 -22.13 24.42
CA VAL D 245 11.18 -21.46 25.62
C VAL D 245 10.02 -20.74 26.28
N PRO D 246 9.54 -21.23 27.43
CA PRO D 246 8.48 -20.53 28.14
C PRO D 246 8.76 -19.04 28.24
N CYS D 247 7.65 -18.28 28.12
CA CYS D 247 7.85 -16.82 28.16
C CYS D 247 6.60 -16.12 28.65
N SER D 248 6.83 -14.99 29.28
CA SER D 248 5.71 -14.08 29.58
C SER D 248 6.09 -12.70 29.04
N LEU D 249 5.12 -12.06 28.39
CA LEU D 249 5.32 -10.63 28.17
C LEU D 249 4.83 -9.90 29.42
N LEU D 250 5.59 -8.89 29.89
CA LEU D 250 5.13 -8.16 31.08
C LEU D 250 4.64 -6.79 30.60
N SER D 251 3.33 -6.72 30.45
CA SER D 251 2.56 -5.67 29.79
C SER D 251 2.30 -6.09 28.34
N ASP D 252 1.10 -6.62 28.09
CA ASP D 252 0.73 -7.07 26.73
C ASP D 252 -0.72 -6.72 26.51
N PRO D 253 -0.94 -5.56 25.90
CA PRO D 253 -2.31 -5.10 25.64
C PRO D 253 -2.89 -5.59 24.35
N SER D 254 -2.27 -6.61 23.71
CA SER D 254 -2.76 -7.00 22.38
C SER D 254 -4.11 -7.69 22.35
N GLU D 255 -4.58 -8.28 23.45
CA GLU D 255 -5.93 -8.83 23.44
C GLU D 255 -6.93 -7.74 23.76
N VAL D 256 -6.66 -6.84 24.70
CA VAL D 256 -7.68 -5.84 25.02
C VAL D 256 -7.76 -4.75 23.94
N LEU D 257 -6.75 -4.68 23.06
CA LEU D 257 -6.85 -3.77 21.92
C LEU D 257 -7.30 -4.48 20.66
N ASP D 258 -7.92 -5.67 20.77
CA ASP D 258 -8.37 -6.36 19.56
C ASP D 258 -9.48 -7.36 19.91
N THR D 259 -10.46 -6.87 20.68
CA THR D 259 -11.58 -7.74 21.09
C THR D 259 -12.56 -7.88 19.94
N PRO D 260 -13.22 -9.02 19.73
CA PRO D 260 -14.10 -9.26 18.62
C PRO D 260 -15.40 -8.45 18.68
N ALA D 261 -15.93 -8.10 17.51
CA ALA D 261 -17.26 -7.46 17.51
C ALA D 261 -18.28 -8.57 17.37
N ASP D 262 -18.73 -9.07 18.55
CA ASP D 262 -19.60 -10.26 18.51
C ASP D 262 -20.91 -10.00 19.24
N GLY D 263 -21.14 -8.75 19.62
CA GLY D 263 -22.38 -8.38 20.33
C GLY D 263 -22.08 -8.07 21.79
N HIS D 264 -20.85 -8.26 22.25
CA HIS D 264 -20.46 -7.97 23.61
C HIS D 264 -19.31 -6.97 23.68
N TYR D 265 -19.36 -6.04 24.62
CA TYR D 265 -18.22 -5.20 24.90
C TYR D 265 -17.47 -5.87 26.04
N ARG D 266 -16.16 -6.01 25.90
CA ARG D 266 -15.32 -6.60 26.96
C ARG D 266 -14.31 -5.57 27.35
N MET D 267 -14.51 -4.91 28.51
CA MET D 267 -13.58 -3.88 29.01
C MET D 267 -12.21 -4.51 29.24
N TYR D 268 -12.15 -5.74 29.71
CA TYR D 268 -10.86 -6.39 30.00
C TYR D 268 -10.80 -7.63 29.11
N SER D 269 -9.58 -7.91 28.65
CA SER D 269 -9.32 -9.15 27.92
C SER D 269 -7.83 -9.44 27.89
N GLY D 270 -7.49 -10.68 28.25
CA GLY D 270 -6.08 -11.09 28.23
C GLY D 270 -5.18 -10.25 29.11
N GLY D 271 -3.96 -9.97 28.66
CA GLY D 271 -3.03 -9.19 29.47
C GLY D 271 -2.17 -10.10 30.37
N THR D 272 -1.08 -9.49 30.78
CA THR D 272 -0.17 -10.15 31.75
C THR D 272 -0.94 -10.43 33.04
N THR D 273 -0.88 -11.67 33.50
CA THR D 273 -1.65 -11.94 34.74
C THR D 273 -0.82 -11.58 35.95
N GLN D 274 -1.52 -11.50 37.10
CA GLN D 274 -0.82 -11.25 38.37
C GLN D 274 0.17 -12.38 38.64
N GLN D 275 -0.20 -13.62 38.31
CA GLN D 275 0.73 -14.73 38.46
C GLN D 275 2.01 -14.52 37.65
N GLU D 276 1.87 -14.04 36.41
CA GLU D 276 3.06 -13.78 35.58
C GLU D 276 3.96 -12.71 36.17
N MET D 277 3.36 -11.61 36.60
CA MET D 277 4.16 -10.53 37.18
C MET D 277 4.79 -10.95 38.50
N LYS D 278 3.99 -11.62 39.35
CA LYS D 278 4.53 -12.03 40.67
C LYS D 278 5.63 -13.06 40.58
N GLU D 279 5.62 -13.92 39.55
CA GLU D 279 6.66 -14.93 39.43
C GLU D 279 7.77 -14.49 38.48
N ALA D 280 7.75 -13.22 38.04
CA ALA D 280 8.76 -12.69 37.16
C ALA D 280 10.21 -12.73 37.69
N PRO D 281 10.43 -12.53 38.99
CA PRO D 281 11.76 -12.61 39.57
C PRO D 281 12.35 -13.99 39.46
N ASP D 282 11.54 -15.03 39.25
CA ASP D 282 12.07 -16.40 39.17
C ASP D 282 12.46 -16.78 37.74
N ALA D 283 12.22 -15.88 36.76
CA ALA D 283 12.65 -16.25 35.43
C ALA D 283 14.18 -16.28 35.35
N ILE D 284 14.66 -16.88 34.26
CA ILE D 284 16.14 -16.81 33.99
C ILE D 284 16.61 -15.37 33.86
N ASP D 285 15.78 -14.59 33.12
CA ASP D 285 16.14 -13.20 32.85
C ASP D 285 14.92 -12.48 32.22
N THR D 286 15.06 -11.17 32.22
CA THR D 286 14.03 -10.31 31.58
C THR D 286 14.74 -9.53 30.47
N LEU D 287 14.19 -9.61 29.25
CA LEU D 287 14.82 -8.90 28.13
C LEU D 287 14.04 -7.61 27.78
N LEU D 288 14.75 -6.51 27.88
CA LEU D 288 14.18 -5.18 27.73
C LEU D 288 14.35 -4.82 26.26
N LEU D 289 13.20 -4.94 25.52
CA LEU D 289 13.38 -4.85 24.04
C LEU D 289 13.47 -3.48 23.46
N GLN D 290 13.11 -2.44 24.20
CA GLN D 290 13.39 -1.05 23.78
C GLN D 290 14.25 -0.47 24.90
N PRO D 291 15.57 -0.62 24.76
CA PRO D 291 16.48 -0.36 25.87
C PRO D 291 16.67 1.09 26.26
N TRP D 292 16.56 2.00 25.27
CA TRP D 292 16.70 3.41 25.61
C TRP D 292 15.58 3.92 26.50
N GLN D 293 14.34 3.45 26.37
CA GLN D 293 13.32 3.99 27.26
C GLN D 293 13.15 3.16 28.53
N LEU D 294 13.57 1.91 28.50
CA LEU D 294 13.33 1.01 29.66
C LEU D 294 14.44 1.17 30.71
N LEU D 295 14.58 2.38 31.24
CA LEU D 295 15.66 2.75 32.16
C LEU D 295 15.38 2.28 33.58
N LYS D 296 14.23 2.68 34.11
CA LYS D 296 13.86 2.16 35.43
C LYS D 296 13.49 0.72 35.41
N SER D 297 13.05 0.13 34.29
CA SER D 297 12.76 -1.28 34.14
C SER D 297 14.06 -2.06 34.21
N LYS D 298 15.17 -1.59 33.65
CA LYS D 298 16.46 -2.24 33.82
C LYS D 298 16.94 -2.28 35.27
N LYS D 299 16.69 -1.18 36.00
CA LYS D 299 17.04 -1.19 37.43
C LYS D 299 16.19 -2.19 38.17
N VAL D 300 14.90 -2.32 37.82
CA VAL D 300 14.07 -3.34 38.41
C VAL D 300 14.71 -4.71 38.23
N VAL D 301 15.01 -5.10 36.98
CA VAL D 301 15.46 -6.42 36.63
C VAL D 301 16.80 -6.69 37.36
N GLN D 302 17.69 -5.70 37.36
CA GLN D 302 18.99 -6.00 37.99
C GLN D 302 18.97 -5.82 39.50
N GLU D 303 18.48 -4.70 39.99
CA GLU D 303 18.53 -4.41 41.43
C GLU D 303 17.46 -5.10 42.26
N MET D 304 16.26 -5.24 41.74
CA MET D 304 15.20 -5.90 42.51
C MET D 304 15.21 -7.41 42.28
N TRP D 305 15.38 -7.83 41.02
CA TRP D 305 15.23 -9.25 40.68
C TRP D 305 16.55 -9.98 40.53
N ASN D 306 17.65 -9.25 40.61
CA ASN D 306 19.01 -9.80 40.56
C ASN D 306 19.23 -10.68 39.35
N GLN D 307 18.60 -10.26 38.22
CA GLN D 307 18.70 -10.96 36.95
C GLN D 307 19.76 -10.26 36.09
N PRO D 308 20.26 -10.92 35.06
CA PRO D 308 21.31 -10.34 34.23
C PRO D 308 20.92 -9.05 33.51
N ALA D 309 19.67 -8.94 33.07
CA ALA D 309 19.22 -7.89 32.17
C ALA D 309 20.15 -7.91 30.94
N THR D 310 20.20 -9.10 30.34
CA THR D 310 21.08 -9.25 29.17
C THR D 310 20.76 -8.17 28.13
N GLU D 311 21.82 -7.53 27.66
CA GLU D 311 21.51 -6.39 26.76
C GLU D 311 21.04 -6.89 25.41
N VAL D 312 19.93 -6.29 24.92
CA VAL D 312 19.45 -6.69 23.60
C VAL D 312 19.07 -5.40 22.83
N ALA D 313 19.26 -5.52 21.51
CA ALA D 313 18.87 -4.36 20.67
C ALA D 313 17.40 -4.53 20.31
N ILE D 314 16.72 -3.42 19.95
CA ILE D 314 15.32 -3.59 19.50
C ILE D 314 15.31 -4.58 18.35
N PRO D 315 14.44 -5.58 18.39
CA PRO D 315 14.48 -6.68 17.41
C PRO D 315 13.80 -6.29 16.11
N LEU D 316 14.41 -5.31 15.43
CA LEU D 316 13.89 -4.77 14.19
C LEU D 316 14.93 -5.02 13.11
N GLY D 317 14.56 -5.79 12.11
CA GLY D 317 15.50 -6.07 11.02
C GLY D 317 16.04 -7.48 11.13
N LEU D 318 16.90 -7.81 10.16
CA LEU D 318 17.45 -9.17 10.10
C LEU D 318 18.48 -9.42 11.17
N ALA D 319 19.51 -8.61 11.28
CA ALA D 319 20.57 -8.84 12.26
C ALA D 319 20.13 -8.69 13.71
N ALA D 320 19.21 -7.77 13.99
CA ALA D 320 18.75 -7.60 15.37
C ALA D 320 17.81 -8.74 15.76
N THR D 321 17.12 -9.34 14.78
CA THR D 321 16.29 -10.52 15.11
C THR D 321 17.22 -11.72 15.35
N ASP D 322 18.22 -11.90 14.48
CA ASP D 322 19.21 -12.97 14.72
C ASP D 322 19.82 -12.82 16.10
N GLU D 323 20.15 -11.59 16.54
CA GLU D 323 20.74 -11.36 17.84
C GLU D 323 19.78 -11.65 18.99
N LEU D 324 18.49 -11.30 18.84
CA LEU D 324 17.53 -11.71 19.85
C LEU D 324 17.44 -13.22 19.96
N LEU D 325 17.31 -13.96 18.86
CA LEU D 325 17.20 -15.42 18.95
C LEU D 325 18.47 -16.06 19.49
N MET D 326 19.65 -15.53 19.17
CA MET D 326 20.87 -16.12 19.73
C MET D 326 20.90 -15.88 21.23
N THR D 327 20.42 -14.70 21.66
CA THR D 327 20.34 -14.43 23.11
C THR D 327 19.36 -15.37 23.77
N VAL D 328 18.18 -15.57 23.21
CA VAL D 328 17.21 -16.49 23.80
C VAL D 328 17.79 -17.91 23.87
N SER D 329 18.46 -18.33 22.81
CA SER D 329 19.09 -19.66 22.76
C SER D 329 20.19 -19.85 23.81
N GLN D 330 21.02 -18.83 23.96
CA GLN D 330 22.13 -18.90 24.91
C GLN D 330 21.60 -18.94 26.33
N LEU D 331 20.60 -18.12 26.66
CA LEU D 331 20.09 -18.07 28.03
C LEU D 331 19.29 -19.28 28.43
N SER D 332 18.59 -19.90 27.46
CA SER D 332 17.74 -21.06 27.69
C SER D 332 18.45 -22.39 27.45
N GLY D 333 19.54 -22.34 26.70
CA GLY D 333 20.22 -23.58 26.31
C GLY D 333 19.51 -24.31 25.20
N LYS D 334 18.50 -23.72 24.55
CA LYS D 334 17.72 -24.40 23.54
C LYS D 334 18.09 -23.89 22.15
N PRO D 335 18.18 -24.77 21.19
CA PRO D 335 18.60 -24.40 19.84
C PRO D 335 17.53 -23.58 19.12
N ILE D 336 18.01 -22.75 18.19
CA ILE D 336 17.09 -21.98 17.34
C ILE D 336 16.31 -22.92 16.44
N ALA D 337 15.01 -22.76 16.43
CA ALA D 337 14.11 -23.67 15.75
C ALA D 337 14.35 -23.67 14.24
N ASP D 338 14.31 -24.83 13.59
CA ASP D 338 14.44 -24.87 12.14
C ASP D 338 13.39 -24.01 11.41
N ALA D 339 12.20 -23.84 11.99
CA ALA D 339 11.21 -22.99 11.30
C ALA D 339 11.68 -21.55 11.35
N LEU D 340 12.35 -21.12 12.38
CA LEU D 340 12.87 -19.74 12.41
C LEU D 340 14.03 -19.57 11.45
N THR D 341 14.93 -20.59 11.31
CA THR D 341 15.97 -20.41 10.31
C THR D 341 15.40 -20.37 8.91
N LEU D 342 14.32 -21.06 8.66
CA LEU D 342 13.64 -21.06 7.36
C LEU D 342 13.07 -19.67 7.10
N GLU D 343 12.40 -19.16 8.13
CA GLU D 343 11.80 -17.79 7.96
C GLU D 343 12.91 -16.78 7.69
N ARG D 344 14.02 -16.83 8.40
CA ARG D 344 15.13 -15.93 8.22
C ARG D 344 15.60 -15.99 6.75
N GLY D 345 15.76 -17.21 6.22
CA GLY D 345 16.20 -17.34 4.83
C GLY D 345 15.23 -16.83 3.81
N ARG D 346 13.95 -16.88 4.11
CA ARG D 346 12.94 -16.27 3.20
C ARG D 346 13.02 -14.75 3.28
N LEU D 347 13.31 -14.19 4.44
CA LEU D 347 13.51 -12.72 4.52
C LEU D 347 14.74 -12.38 3.71
N VAL D 348 15.84 -13.14 3.85
CA VAL D 348 17.04 -12.82 3.05
C VAL D 348 16.72 -12.95 1.58
N ASP D 349 15.95 -13.95 1.16
CA ASP D 349 15.58 -14.04 -0.27
C ASP D 349 14.88 -12.76 -0.71
N MET D 350 13.93 -12.29 0.12
CA MET D 350 13.22 -11.05 -0.21
C MET D 350 14.16 -9.85 -0.36
N MET D 351 15.11 -9.72 0.56
CA MET D 351 16.08 -8.64 0.51
C MET D 351 16.86 -8.70 -0.79
N LEU D 352 17.33 -9.89 -1.18
CA LEU D 352 18.08 -10.03 -2.43
C LEU D 352 17.21 -9.78 -3.65
N ASP D 353 15.96 -10.28 -3.60
CA ASP D 353 15.06 -10.02 -4.71
C ASP D 353 14.75 -8.53 -4.93
N SER D 354 14.70 -7.74 -3.86
CA SER D 354 14.24 -6.37 -3.99
C SER D 354 15.37 -5.35 -3.90
N HIS D 355 16.63 -5.80 -3.74
CA HIS D 355 17.70 -4.89 -3.39
C HIS D 355 17.98 -3.82 -4.45
N THR D 356 17.76 -4.13 -5.72
CA THR D 356 18.12 -3.10 -6.72
C THR D 356 17.21 -1.88 -6.68
N TRP D 357 16.02 -1.94 -6.11
CA TRP D 357 15.17 -0.78 -5.96
C TRP D 357 15.46 -0.04 -4.66
N LEU D 358 16.09 -0.69 -3.67
CA LEU D 358 16.30 -0.03 -2.38
C LEU D 358 17.72 0.53 -2.26
N HIS D 359 18.68 -0.09 -2.94
CA HIS D 359 20.08 0.32 -2.72
C HIS D 359 20.27 1.76 -3.10
N GLY D 360 20.88 2.52 -2.17
CA GLY D 360 21.19 3.92 -2.42
C GLY D 360 20.04 4.87 -2.18
N LYS D 361 18.81 4.34 -1.96
CA LYS D 361 17.70 5.24 -1.65
C LYS D 361 17.93 6.00 -0.35
N LYS D 362 17.50 7.25 -0.39
CA LYS D 362 17.71 8.16 0.74
C LYS D 362 16.41 8.37 1.50
N PHE D 363 16.49 8.17 2.82
CA PHE D 363 15.31 8.33 3.66
C PHE D 363 15.54 9.37 4.75
N GLY D 364 14.43 10.08 5.05
CA GLY D 364 14.32 10.86 6.31
C GLY D 364 13.42 9.93 7.17
N LEU D 365 13.59 10.00 8.48
CA LEU D 365 12.72 9.20 9.38
C LEU D 365 12.68 9.88 10.75
N TYR D 366 11.51 9.72 11.42
CA TYR D 366 11.40 10.23 12.77
C TYR D 366 10.51 9.29 13.60
N GLY D 367 10.56 9.49 14.89
CA GLY D 367 9.77 8.63 15.81
C GLY D 367 10.43 8.61 17.18
N ASP D 368 10.01 7.59 17.93
CA ASP D 368 10.62 7.46 19.30
C ASP D 368 12.04 6.93 19.16
N PRO D 369 12.85 7.16 20.20
CA PRO D 369 14.26 6.85 20.12
C PRO D 369 14.61 5.42 19.81
N ASP D 370 13.97 4.46 20.47
CA ASP D 370 14.29 3.07 20.22
C ASP D 370 13.90 2.67 18.82
N PHE D 371 12.71 3.04 18.36
CA PHE D 371 12.24 2.75 17.00
C PHE D 371 13.19 3.38 15.96
N VAL D 372 13.56 4.64 16.16
CA VAL D 372 14.40 5.31 15.14
C VAL D 372 15.77 4.65 15.10
N MET D 373 16.32 4.27 16.26
CA MET D 373 17.62 3.59 16.21
C MET D 373 17.49 2.28 15.46
N GLY D 374 16.42 1.50 15.77
CA GLY D 374 16.27 0.20 15.10
C GLY D 374 16.01 0.36 13.61
N LEU D 375 15.15 1.27 13.22
CA LEU D 375 14.88 1.43 11.78
C LEU D 375 16.11 2.00 11.09
N THR D 376 16.86 2.90 11.70
CA THR D 376 18.08 3.38 11.02
C THR D 376 19.04 2.22 10.84
N ARG D 377 19.23 1.39 11.85
CA ARG D 377 20.13 0.25 11.71
C ARG D 377 19.73 -0.67 10.56
N PHE D 378 18.43 -0.98 10.40
CA PHE D 378 17.99 -1.88 9.37
C PHE D 378 18.12 -1.20 8.00
N LEU D 379 17.89 0.11 7.91
CA LEU D 379 18.07 0.77 6.60
C LEU D 379 19.55 0.68 6.20
N LEU D 380 20.47 0.81 7.15
CA LEU D 380 21.90 0.69 6.79
C LEU D 380 22.17 -0.71 6.27
N GLU D 381 21.60 -1.73 6.91
CA GLU D 381 21.73 -3.14 6.56
C GLU D 381 21.12 -3.46 5.22
N LEU D 382 20.19 -2.66 4.68
CA LEU D 382 19.61 -2.85 3.38
C LEU D 382 20.45 -2.13 2.30
N GLY D 383 21.39 -1.31 2.72
CA GLY D 383 22.16 -0.50 1.73
C GLY D 383 21.37 0.74 1.34
N CYS D 384 20.51 1.21 2.25
CA CYS D 384 19.83 2.48 2.10
C CYS D 384 20.60 3.52 2.90
N GLU D 385 20.35 4.81 2.61
CA GLU D 385 21.00 5.90 3.28
C GLU D 385 19.99 6.69 4.12
N PRO D 386 19.97 6.50 5.44
CA PRO D 386 19.10 7.28 6.31
C PRO D 386 19.68 8.66 6.56
N THR D 387 19.42 9.57 5.61
CA THR D 387 20.14 10.83 5.56
C THR D 387 19.67 11.84 6.60
N VAL D 388 18.38 11.75 6.98
CA VAL D 388 17.84 12.70 7.96
C VAL D 388 17.13 11.90 9.06
N ILE D 389 17.67 11.95 10.27
CA ILE D 389 17.20 11.04 11.33
C ILE D 389 16.82 11.91 12.51
N LEU D 390 15.52 11.94 12.86
CA LEU D 390 15.07 12.84 13.90
C LEU D 390 14.30 12.11 15.00
N SER D 391 14.63 12.49 16.27
CA SER D 391 13.86 11.94 17.39
C SER D 391 13.70 13.08 18.38
N HIS D 392 12.48 13.60 18.41
CA HIS D 392 12.22 14.78 19.27
C HIS D 392 12.50 14.50 20.75
N ASN D 393 12.15 13.27 21.17
CA ASN D 393 12.32 12.90 22.57
C ASN D 393 13.57 12.13 22.91
N ALA D 394 14.53 11.97 22.02
CA ALA D 394 15.80 11.32 22.31
C ALA D 394 16.78 12.24 23.02
N ASN D 395 17.76 11.65 23.71
CA ASN D 395 18.72 12.45 24.49
C ASN D 395 20.10 12.43 23.85
N LYS D 396 21.05 13.10 24.49
CA LYS D 396 22.41 13.25 23.94
C LYS D 396 23.16 11.93 23.96
N ARG D 397 22.88 11.07 24.94
CA ARG D 397 23.56 9.77 24.98
C ARG D 397 23.11 8.88 23.84
N TRP D 398 21.80 8.91 23.53
CA TRP D 398 21.29 8.20 22.35
C TRP D 398 21.95 8.73 21.08
N GLN D 399 22.04 10.04 20.93
CA GLN D 399 22.60 10.67 19.75
C GLN D 399 24.06 10.24 19.54
N LYS D 400 24.80 10.19 20.65
CA LYS D 400 26.19 9.70 20.54
C LYS D 400 26.22 8.27 20.05
N ALA D 401 25.34 7.39 20.55
CA ALA D 401 25.28 6.04 20.04
C ALA D 401 24.87 5.96 18.58
N MET D 402 23.92 6.80 18.18
CA MET D 402 23.49 6.80 16.76
C MET D 402 24.66 7.20 15.87
N ASN D 403 25.32 8.30 16.24
CA ASN D 403 26.48 8.72 15.45
C ASN D 403 27.63 7.72 15.40
N LYS D 404 27.86 6.97 16.47
CA LYS D 404 28.82 5.89 16.43
C LYS D 404 28.41 4.82 15.43
N MET D 405 27.14 4.40 15.45
CA MET D 405 26.66 3.42 14.48
C MET D 405 26.81 3.91 13.04
N LEU D 406 26.39 5.14 12.76
CA LEU D 406 26.42 5.70 11.43
C LEU D 406 27.88 5.88 10.98
N ASP D 407 28.74 6.32 11.89
CA ASP D 407 30.15 6.52 11.46
C ASP D 407 30.79 5.22 11.01
N ALA D 408 30.38 4.11 11.57
CA ALA D 408 30.90 2.79 11.24
C ALA D 408 30.25 2.16 10.03
N SER D 409 29.30 2.80 9.35
CA SER D 409 28.65 2.22 8.19
C SER D 409 29.00 3.03 6.95
N PRO D 410 29.29 2.36 5.83
CA PRO D 410 29.46 3.02 4.56
C PRO D 410 28.22 3.74 4.10
N TYR D 411 27.04 3.35 4.62
CA TYR D 411 25.78 3.97 4.24
C TYR D 411 25.36 5.10 5.17
N GLY D 412 26.16 5.40 6.15
CA GLY D 412 25.87 6.49 7.09
C GLY D 412 26.70 7.73 6.87
N ARG D 413 27.43 7.81 5.75
CA ARG D 413 28.36 8.93 5.58
C ARG D 413 27.67 10.28 5.50
N ASP D 414 26.50 10.35 4.88
CA ASP D 414 25.79 11.61 4.74
C ASP D 414 24.64 11.76 5.73
N SER D 415 24.65 11.00 6.80
CA SER D 415 23.51 11.02 7.73
C SER D 415 23.71 12.10 8.77
N GLU D 416 22.60 12.74 9.13
CA GLU D 416 22.60 13.78 10.15
C GLU D 416 21.51 13.39 11.17
N VAL D 417 21.84 13.43 12.44
CA VAL D 417 20.92 13.05 13.51
C VAL D 417 20.49 14.27 14.32
N PHE D 418 19.19 14.41 14.50
CA PHE D 418 18.64 15.56 15.22
C PHE D 418 17.83 15.09 16.42
N ILE D 419 18.17 15.68 17.59
CA ILE D 419 17.36 15.40 18.78
C ILE D 419 16.77 16.72 19.27
N ASN D 420 15.67 16.69 20.05
CA ASN D 420 15.07 17.90 20.58
C ASN D 420 14.64 18.89 19.49
N CYS D 421 14.28 18.31 18.33
CA CYS D 421 13.83 19.05 17.17
C CYS D 421 12.47 18.42 16.84
N ASP D 422 11.66 19.21 16.13
CA ASP D 422 10.28 18.83 15.88
C ASP D 422 9.97 18.68 14.40
N LEU D 423 8.69 18.50 14.03
CA LEU D 423 8.36 18.31 12.63
C LEU D 423 8.40 19.58 11.80
N TRP D 424 8.42 20.77 12.37
CA TRP D 424 8.63 21.99 11.57
C TRP D 424 10.11 22.04 11.18
N HIS D 425 10.99 21.55 12.05
CA HIS D 425 12.40 21.37 11.73
C HIS D 425 12.55 20.28 10.66
N PHE D 426 11.79 19.17 10.83
CA PHE D 426 11.84 18.13 9.81
C PHE D 426 11.36 18.65 8.46
N ARG D 427 10.32 19.46 8.45
CA ARG D 427 9.81 20.02 7.19
C ARG D 427 10.91 20.77 6.45
N SER D 428 11.65 21.64 7.14
CA SER D 428 12.75 22.33 6.43
C SER D 428 13.77 21.32 5.90
N LEU D 429 14.15 20.30 6.66
CA LEU D 429 15.12 19.30 6.22
C LEU D 429 14.61 18.51 5.00
N MET D 430 13.29 18.33 4.85
CA MET D 430 12.82 17.65 3.65
C MET D 430 13.00 18.58 2.43
N PHE D 431 12.87 19.88 2.68
CA PHE D 431 13.08 20.78 1.54
C PHE D 431 14.54 20.96 1.19
N THR D 432 15.43 21.03 2.17
CA THR D 432 16.84 21.29 1.90
C THR D 432 17.66 20.04 1.64
N ARG D 433 17.38 18.92 2.29
CA ARG D 433 18.14 17.69 2.08
C ARG D 433 17.46 16.77 1.09
N GLN D 434 16.18 17.00 0.76
CA GLN D 434 15.39 16.17 -0.11
C GLN D 434 15.77 14.71 -0.27
N PRO D 435 15.49 13.89 0.74
CA PRO D 435 15.59 12.44 0.59
C PRO D 435 14.51 11.96 -0.36
N ASP D 436 14.65 10.69 -0.79
CA ASP D 436 13.65 10.14 -1.70
C ASP D 436 12.30 9.99 -1.06
N PHE D 437 12.32 9.52 0.20
CA PHE D 437 11.11 9.21 0.94
C PHE D 437 11.30 9.60 2.40
N MET D 438 10.17 9.73 3.11
CA MET D 438 10.30 9.97 4.54
C MET D 438 9.41 8.95 5.29
N ILE D 439 9.96 8.40 6.36
CA ILE D 439 9.21 7.38 7.11
C ILE D 439 8.76 8.10 8.38
N GLY D 440 7.45 8.02 8.60
CA GLY D 440 6.92 8.80 9.77
C GLY D 440 5.49 8.33 10.08
N ASN D 441 4.79 9.18 10.84
CA ASN D 441 3.45 8.87 11.27
C ASN D 441 2.47 9.75 10.52
N SER D 442 1.19 9.82 10.91
CA SER D 442 0.25 10.57 10.10
C SER D 442 0.52 12.06 10.04
N TYR D 443 1.22 12.61 11.00
CA TYR D 443 1.58 14.04 11.00
C TYR D 443 2.53 14.32 9.82
N GLY D 444 3.19 13.31 9.28
CA GLY D 444 4.05 13.54 8.13
C GLY D 444 3.23 13.78 6.87
N LYS D 445 1.90 13.59 6.84
CA LYS D 445 1.16 13.89 5.61
C LYS D 445 1.23 15.35 5.25
N PHE D 446 1.31 16.20 6.28
CA PHE D 446 1.35 17.64 5.99
C PHE D 446 2.68 18.06 5.41
N ILE D 447 3.76 17.34 5.76
CA ILE D 447 5.07 17.63 5.18
C ILE D 447 5.08 17.12 3.74
N GLN D 448 4.45 15.99 3.46
CA GLN D 448 4.41 15.53 2.05
C GLN D 448 3.65 16.60 1.25
N ARG D 449 2.48 17.02 1.74
CA ARG D 449 1.70 18.06 1.07
C ARG D 449 2.49 19.34 0.84
N ASP D 450 3.24 19.78 1.83
CA ASP D 450 4.06 21.00 1.68
C ASP D 450 5.13 20.81 0.61
N THR D 451 5.83 19.67 0.61
CA THR D 451 6.90 19.48 -0.41
C THR D 451 6.29 19.40 -1.80
N LEU D 452 5.11 18.78 -1.96
CA LEU D 452 4.48 18.74 -3.29
C LEU D 452 4.08 20.11 -3.76
N ALA D 453 3.72 21.02 -2.84
CA ALA D 453 3.33 22.38 -3.28
C ALA D 453 4.52 23.16 -3.85
N LYS D 454 5.75 22.83 -3.53
CA LYS D 454 6.89 23.50 -4.17
C LYS D 454 6.94 23.02 -5.62
N GLY D 455 6.65 21.75 -5.85
CA GLY D 455 6.59 21.16 -7.20
C GLY D 455 6.59 19.64 -7.13
N LYS D 456 6.14 18.99 -8.18
CA LYS D 456 6.19 17.54 -8.24
C LYS D 456 7.59 16.99 -8.09
N ALA D 457 8.61 17.71 -8.60
CA ALA D 457 9.97 17.24 -8.44
C ALA D 457 10.49 17.27 -7.01
N PHE D 458 9.83 18.01 -6.13
CA PHE D 458 10.30 18.19 -4.76
C PHE D 458 9.52 17.37 -3.76
N GLU D 459 8.50 16.68 -4.21
CA GLU D 459 7.64 15.91 -3.29
C GLU D 459 8.47 14.84 -2.59
N VAL D 460 8.27 14.68 -1.27
CA VAL D 460 8.89 13.58 -0.54
C VAL D 460 7.70 12.73 -0.04
N PRO D 461 7.46 11.57 -0.60
CA PRO D 461 6.29 10.79 -0.14
C PRO D 461 6.53 10.23 1.24
N LEU D 462 5.44 10.14 2.01
CA LEU D 462 5.45 9.53 3.33
C LEU D 462 5.18 8.04 3.25
N ILE D 463 6.00 7.31 4.04
CA ILE D 463 5.76 5.88 4.25
C ILE D 463 5.36 5.80 5.74
N ARG D 464 4.18 5.22 5.99
CA ARG D 464 3.67 5.23 7.40
C ARG D 464 4.16 4.05 8.23
N LEU D 465 5.07 4.34 9.13
CA LEU D 465 5.61 3.35 10.07
C LEU D 465 5.84 4.11 11.37
N GLY D 466 5.06 3.83 12.42
CA GLY D 466 5.24 4.57 13.69
C GLY D 466 3.85 4.73 14.35
N PHE D 467 3.71 5.83 15.08
CA PHE D 467 2.53 6.13 15.85
C PHE D 467 2.44 7.65 16.04
N PRO D 468 1.25 8.22 15.88
CA PRO D 468 0.01 7.55 15.59
C PRO D 468 -0.27 7.45 14.10
N LEU D 469 -1.04 6.41 13.76
CA LEU D 469 -1.47 6.19 12.37
C LEU D 469 -2.98 6.37 12.39
N PHE D 470 -3.39 7.57 11.95
CA PHE D 470 -4.80 7.96 12.07
C PHE D 470 -5.58 8.05 10.77
N ASP D 471 -4.84 8.08 9.65
CA ASP D 471 -5.46 8.34 8.36
C ASP D 471 -5.39 7.17 7.37
N ARG D 472 -5.07 6.00 7.92
CA ARG D 472 -5.22 4.73 7.21
C ARG D 472 -5.81 3.78 8.27
N HIS D 473 -6.46 2.72 7.78
CA HIS D 473 -7.06 1.80 8.75
C HIS D 473 -6.26 0.53 8.89
N HIS D 474 -6.26 -0.01 10.13
CA HIS D 474 -5.78 -1.33 10.47
C HIS D 474 -4.28 -1.55 10.23
N LEU D 475 -3.50 -0.46 10.14
CA LEU D 475 -2.05 -0.65 10.12
C LEU D 475 -1.54 -1.01 11.51
N HIS D 476 -2.33 -0.68 12.58
CA HIS D 476 -1.95 -1.15 13.90
C HIS D 476 -1.99 -2.66 14.06
N ARG D 477 -2.53 -3.44 13.13
CA ARG D 477 -2.49 -4.89 13.22
C ARG D 477 -1.11 -5.44 12.81
N GLN D 478 -0.35 -4.62 12.10
CA GLN D 478 0.88 -5.11 11.46
C GLN D 478 1.98 -5.47 12.45
N THR D 479 3.07 -6.00 11.88
CA THR D 479 4.23 -6.41 12.68
C THR D 479 5.45 -5.67 12.10
N THR D 480 6.33 -5.18 12.97
CA THR D 480 7.56 -4.52 12.51
C THR D 480 8.79 -5.14 13.17
N TRP D 481 8.61 -6.05 14.14
CA TRP D 481 9.75 -6.73 14.74
C TRP D 481 9.88 -8.17 14.23
N GLY D 482 11.06 -8.78 14.52
CA GLY D 482 11.20 -10.19 14.07
C GLY D 482 11.43 -10.27 12.56
N TYR D 483 11.57 -11.50 12.08
CA TYR D 483 11.68 -11.69 10.63
C TYR D 483 10.36 -11.28 9.95
N GLU D 484 9.24 -11.62 10.61
CA GLU D 484 7.93 -11.28 10.05
C GLU D 484 7.80 -9.77 9.85
N GLY D 485 8.18 -9.02 10.89
CA GLY D 485 8.14 -7.55 10.78
C GLY D 485 9.11 -7.04 9.72
N ALA D 486 10.28 -7.65 9.62
CA ALA D 486 11.25 -7.16 8.61
C ALA D 486 10.70 -7.45 7.24
N MET D 487 10.00 -8.56 6.99
CA MET D 487 9.36 -8.77 5.70
C MET D 487 8.32 -7.69 5.38
N ASN D 488 7.57 -7.24 6.38
CA ASN D 488 6.63 -6.13 6.19
C ASN D 488 7.39 -4.86 5.82
N ILE D 489 8.51 -4.61 6.53
CA ILE D 489 9.24 -3.38 6.25
C ILE D 489 9.80 -3.38 4.83
N VAL D 490 10.49 -4.48 4.51
CA VAL D 490 11.09 -4.59 3.14
C VAL D 490 9.99 -4.41 2.09
N THR D 491 8.89 -5.14 2.23
CA THR D 491 7.82 -5.06 1.23
C THR D 491 7.27 -3.63 1.12
N THR D 492 7.07 -3.01 2.29
CA THR D 492 6.57 -1.64 2.35
C THR D 492 7.55 -0.70 1.64
N LEU D 493 8.84 -0.78 1.93
CA LEU D 493 9.80 0.12 1.32
C LEU D 493 9.89 -0.09 -0.18
N VAL D 494 10.06 -1.34 -0.64
CA VAL D 494 10.23 -1.49 -2.10
C VAL D 494 8.95 -1.10 -2.85
N ASN D 495 7.76 -1.44 -2.27
CA ASN D 495 6.56 -1.06 -3.04
C ASN D 495 6.27 0.43 -2.95
N ALA D 496 6.79 1.15 -1.92
CA ALA D 496 6.69 2.62 -2.01
C ALA D 496 7.56 3.12 -3.16
N VAL D 497 8.77 2.56 -3.30
CA VAL D 497 9.60 2.99 -4.44
C VAL D 497 8.88 2.74 -5.76
N LEU D 498 8.29 1.55 -5.91
CA LEU D 498 7.67 1.21 -7.16
C LEU D 498 6.36 1.95 -7.44
N GLU D 499 5.60 2.25 -6.37
CA GLU D 499 4.39 3.05 -6.59
C GLU D 499 4.79 4.45 -7.07
N LYS D 500 5.84 5.02 -6.51
CA LYS D 500 6.27 6.37 -6.86
C LYS D 500 6.81 6.37 -8.31
N LEU D 501 7.55 5.33 -8.65
CA LEU D 501 8.13 5.26 -10.00
C LEU D 501 7.00 5.09 -11.02
N ASP D 502 6.01 4.24 -10.76
CA ASP D 502 4.87 4.16 -11.66
C ASP D 502 4.19 5.49 -11.81
N SER D 503 3.96 6.20 -10.70
CA SER D 503 3.28 7.48 -10.78
C SER D 503 4.08 8.45 -11.66
N ASP D 504 5.40 8.47 -11.46
CA ASP D 504 6.26 9.34 -12.26
C ASP D 504 6.28 9.00 -13.75
N THR D 505 6.10 7.74 -14.10
CA THR D 505 6.16 7.28 -15.46
C THR D 505 4.78 7.01 -16.06
N SER D 506 3.72 7.57 -15.45
CA SER D 506 2.36 7.26 -15.91
C SER D 506 1.74 8.33 -16.81
N GLN D 507 2.55 9.24 -17.34
CA GLN D 507 2.01 10.27 -18.24
C GLN D 507 2.05 9.77 -19.68
N LEU D 508 0.87 9.41 -20.22
CA LEU D 508 0.76 8.88 -21.57
C LEU D 508 1.41 9.76 -22.63
N GLY D 509 2.37 9.19 -23.34
CA GLY D 509 3.04 9.87 -24.42
C GLY D 509 4.22 10.71 -23.99
N LYS D 510 4.49 10.78 -22.68
CA LYS D 510 5.55 11.61 -22.16
C LYS D 510 6.54 10.78 -21.33
N THR D 511 6.19 10.32 -20.14
CA THR D 511 7.14 9.58 -19.33
C THR D 511 6.86 8.08 -19.31
N ASP D 512 5.90 7.60 -20.09
CA ASP D 512 5.54 6.19 -20.03
C ASP D 512 6.37 5.31 -20.93
N TYR D 513 7.47 5.84 -21.51
CA TYR D 513 8.49 4.92 -22.07
C TYR D 513 9.04 4.06 -20.96
N SER D 514 8.99 4.50 -19.67
CA SER D 514 9.52 3.67 -18.59
C SER D 514 8.42 3.20 -17.63
N PHE D 515 7.19 3.09 -18.14
CA PHE D 515 6.10 2.56 -17.28
C PHE D 515 6.11 1.05 -17.50
N ASP D 516 7.13 0.39 -16.97
CA ASP D 516 7.36 -1.03 -17.30
C ASP D 516 6.34 -1.94 -16.62
N LEU D 517 5.89 -2.94 -17.37
CA LEU D 517 4.99 -3.94 -16.77
C LEU D 517 5.70 -4.69 -15.63
N VAL D 518 6.97 -5.04 -15.87
CA VAL D 518 7.70 -5.93 -14.92
C VAL D 518 8.73 -5.08 -14.20
N ARG D 519 8.73 -5.22 -12.87
CA ARG D 519 9.70 -4.51 -12.04
C ARG D 519 10.21 -5.40 -10.90
MG MG E . 5.61 9.77 -31.42
C1 HCA F . 13.61 -14.07 -25.50
C2 HCA F . 13.55 -12.54 -24.91
C3 HCA F . 14.42 -12.37 -23.74
C4 HCA F . 14.23 -13.10 -22.43
C5 HCA F . 15.06 -12.47 -21.30
C6 HCA F . 15.46 -13.26 -20.08
C7 HCA F . 14.64 -10.85 -23.40
O1 HCA F . 12.60 -14.43 -25.91
O2 HCA F . 14.84 -14.51 -25.41
O3 HCA F . 15.50 -14.56 -20.19
O4 HCA F . 15.71 -12.66 -19.02
O5 HCA F . 15.81 -10.32 -23.41
O6 HCA F . 13.69 -10.20 -23.10
O7 HCA F . 15.76 -12.91 -24.15
FE1 CFM G . 20.98 -9.48 -30.32
FE2 CFM G . 19.13 -11.14 -29.34
FE3 CFM G . 19.40 -8.63 -28.41
FE4 CFM G . 21.25 -10.48 -27.89
FE5 CFM G . 19.93 -11.19 -25.73
FE6 CFM G . 17.84 -11.78 -27.22
FE7 CFM G . 18.10 -9.38 -26.26
MO1 CFM G . 17.49 -11.37 -24.62
S1A CFM G . 21.26 -11.71 -29.76
S4A CFM G . 21.60 -8.30 -28.46
S3A CFM G . 22.16 -11.31 -26.03
S2A CFM G . 18.78 -9.24 -30.48
S1B CFM G . 18.72 -13.06 -25.60
S2B CFM G . 17.53 -12.62 -29.21
S3B CFM G . 16.19 -10.52 -26.40
S4B CFM G . 19.09 -9.67 -24.30
S5 CFM G . 18.13 -7.30 -27.08
FE1 CLF H . 5.08 -22.42 -30.21
FE2 CLF H . 5.47 -22.15 -27.75
FE3 CLF H . 6.92 -20.53 -29.37
FE4 CLF H . 4.29 -20.31 -29.01
S1 CLF H . 3.17 -22.39 -28.72
S2A CLF H . 7.15 -22.81 -29.19
S4A CLF H . 5.86 -19.94 -27.42
S3A CLF H . 5.30 -20.31 -31.03
FE5 CLF H . 2.07 -20.92 -27.21
FE5 CLF H . 1.44 -19.90 -26.79
FE6 CLF H . 1.10 -23.00 -27.74
FE6 CLF H . -0.15 -23.21 -27.44
FE7 CLF H . 0.73 -21.99 -25.12
FE8 CLF H . 2.95 -22.82 -26.40
S2B CLF H . -0.33 -21.09 -26.96
S3B CLF H . 1.18 -24.12 -25.75
S4B CLF H . 2.80 -20.95 -25.18
C1 EDO I . 11.02 10.26 -31.37
O1 EDO I . 9.77 10.89 -31.03
C2 EDO I . 11.57 9.59 -30.12
O2 EDO I . 10.80 8.43 -29.87
C1 EDO J . 7.31 -2.35 -23.40
O1 EDO J . 7.99 -3.57 -23.01
C2 EDO J . 8.30 -1.44 -24.11
O2 EDO J . 9.28 -1.18 -23.14
C1 EDO K . 3.55 2.34 -47.53
O1 EDO K . 4.58 1.35 -47.44
C2 EDO K . 4.00 3.72 -47.13
O2 EDO K . 5.04 3.68 -46.16
C1 EDO L . 30.47 4.91 -46.05
O1 EDO L . 31.82 4.64 -46.50
C2 EDO L . 30.26 6.38 -45.86
O2 EDO L . 30.08 6.97 -47.14
C1 EDO M . 19.79 -20.06 -40.57
O1 EDO M . 20.39 -18.98 -39.84
C2 EDO M . 19.91 -21.40 -39.91
O2 EDO M . 21.21 -21.66 -39.45
CL CL N . -16.42 -20.79 -15.79
MG MG O . -11.88 -1.97 16.12
MG MG P . -14.02 8.47 -10.22
MG MG Q . -29.78 -7.08 -11.96
C1 EDO R . 1.38 -30.38 1.81
O1 EDO R . 0.77 -29.22 2.40
C2 EDO R . 0.26 -31.30 1.33
O2 EDO R . -0.57 -31.55 2.46
C1 EDO S . -13.61 13.99 3.56
O1 EDO S . -12.16 14.07 3.49
C2 EDO S . -14.44 12.93 2.96
O2 EDO S . -15.78 12.86 3.54
C1 EDO T . -20.76 -2.10 -23.85
O1 EDO T . -21.62 -1.09 -23.34
C2 EDO T . -21.22 -3.49 -23.59
O2 EDO T . -22.22 -3.80 -24.53
C1 EDO U . -16.80 -8.79 -28.32
O1 EDO U . -16.65 -7.40 -28.54
C2 EDO U . -17.78 -9.14 -27.36
O2 EDO U . -18.94 -8.35 -27.45
C1 EDO V . 4.76 -9.33 1.29
O1 EDO V . 3.37 -9.46 1.15
C2 EDO V . 5.66 -9.35 2.39
O2 EDO V . 5.54 -9.97 3.61
C1 EDO W . -16.60 9.21 5.26
O1 EDO W . -17.19 8.48 6.30
C2 EDO W . -17.29 9.01 3.96
O2 EDO W . -18.47 8.30 4.05
MG MG X . -7.38 32.41 2.15
C1 HCA Y . -13.81 18.24 22.68
C2 HCA Y . -13.81 18.26 21.02
C3 HCA Y . -14.64 17.16 20.48
C4 HCA Y . -14.36 15.66 20.65
C5 HCA Y . -15.30 14.77 19.80
C6 HCA Y . -15.49 13.29 20.12
C7 HCA Y . -14.92 17.32 18.96
O1 HCA Y . -12.76 18.46 23.11
O2 HCA Y . -15.03 17.96 23.06
O3 HCA Y . -15.46 13.02 21.38
O4 HCA Y . -15.67 12.49 19.19
O5 HCA Y . -16.14 17.40 18.54
O6 HCA Y . -14.03 17.31 18.20
O7 HCA Y . -15.99 17.21 21.16
FE1 CFM Z . -21.58 23.90 20.35
FE2 CFM Z . -19.61 22.56 21.49
FE3 CFM Z . -19.99 22.49 18.80
FE4 CFM Z . -21.72 21.26 20.41
FE5 CFM Z . -20.29 19.09 20.29
FE6 CFM Z . -18.19 20.41 21.28
FE7 CFM Z . -18.58 20.30 18.69
MO1 CFM Z . -17.80 18.10 19.96
S1A CFM Z . -21.75 22.61 22.22
S4A CFM Z . -22.17 22.60 18.63
S3A CFM Z . -22.52 19.19 20.62
S2A CFM Z . -19.44 24.20 20.07
S1B CFM Z . -18.98 18.35 21.98
S2B CFM Z . -17.94 21.96 22.74
S3B CFM Z . -16.61 20.11 19.73
S4B CFM Z . -19.45 18.32 18.36
S5 CFM Z . -18.74 21.78 17.11
FE1 CLF AA . -4.94 20.21 31.75
FE2 CLF AA . -5.25 18.01 30.70
FE3 CLF AA . -6.86 19.99 29.74
FE4 CLF AA . -4.24 19.88 29.33
S1 CLF AA . -2.98 18.96 31.12
S2A CLF AA . -6.92 19.05 31.83
S4A CLF AA . -5.79 18.42 28.53
S3A CLF AA . -5.26 21.74 30.06
FE5 CLF AA . -1.30 18.02 28.09
FE5 CLF AA . -1.94 18.18 29.18
FE6 CLF AA . -0.72 17.97 31.29
FE6 CLF AA . 0.43 17.62 31.32
FE7 CLF AA . -0.42 15.84 29.42
FE8 CLF AA . -2.66 16.62 30.74
S2B CLF AA . 0.47 17.96 29.19
S3B CLF AA . -0.81 15.66 31.71
S4B CLF AA . -2.54 16.15 28.55
C1 EDO BA . -5.68 44.39 14.57
O1 EDO BA . -6.67 44.62 15.58
C2 EDO BA . -6.09 44.82 13.19
O2 EDO BA . -7.07 43.91 12.72
CL CL CA . 16.82 8.36 24.45
MG MG DA . 12.56 -15.02 -4.30
MG MG EA . 12.97 13.39 -4.87
C1 EDO FA . 16.96 0.32 -10.55
O1 EDO FA . 18.14 0.27 -9.79
C2 EDO FA . 16.22 -0.96 -10.76
O2 EDO FA . 17.05 -2.06 -10.82
C1 EDO GA . 1.54 -12.09 28.67
O1 EDO GA . 2.43 -13.24 28.55
C2 EDO GA . 0.29 -12.23 27.83
O2 EDO GA . 0.60 -12.54 26.51
C1 EDO HA . 13.67 2.70 -14.03
O1 EDO HA . 15.02 2.12 -14.00
C2 EDO HA . 12.71 1.88 -14.86
O2 EDO HA . 11.39 2.44 -14.87
C1 EDO IA . 17.37 23.19 17.01
O1 EDO IA . 18.57 23.88 16.59
C2 EDO IA . 16.47 24.05 17.82
O2 EDO IA . 15.85 25.02 17.03
C1 EDO JA . -9.17 39.77 0.77
O1 EDO JA . -9.76 40.45 1.90
C2 EDO JA . -8.85 40.77 -0.29
O2 EDO JA . -9.17 42.07 0.18
#